data_1RZY
# 
_entry.id   1RZY 
# 
_audit_conform.dict_name       mmcif_pdbx.dic 
_audit_conform.dict_version    5.386 
_audit_conform.dict_location   http://mmcif.pdb.org/dictionaries/ascii/mmcif_pdbx.dic 
# 
loop_
_database_2.database_id 
_database_2.database_code 
_database_2.pdbx_database_accession 
_database_2.pdbx_DOI 
PDB   1RZY         pdb_00001rzy 10.2210/pdb1rzy/pdb 
RCSB  RCSB021194   ?            ?                   
WWPDB D_1000021194 ?            ?                   
# 
loop_
_pdbx_audit_revision_history.ordinal 
_pdbx_audit_revision_history.data_content_type 
_pdbx_audit_revision_history.major_revision 
_pdbx_audit_revision_history.minor_revision 
_pdbx_audit_revision_history.revision_date 
1 'Structure model' 1 0 2004-03-09 
2 'Structure model' 1 1 2008-04-29 
3 'Structure model' 1 2 2011-07-13 
4 'Structure model' 1 3 2024-02-14 
# 
_pdbx_audit_revision_details.ordinal             1 
_pdbx_audit_revision_details.revision_ordinal    1 
_pdbx_audit_revision_details.data_content_type   'Structure model' 
_pdbx_audit_revision_details.provider            repository 
_pdbx_audit_revision_details.type                'Initial release' 
_pdbx_audit_revision_details.description         ? 
_pdbx_audit_revision_details.details             ? 
# 
loop_
_pdbx_audit_revision_group.ordinal 
_pdbx_audit_revision_group.revision_ordinal 
_pdbx_audit_revision_group.data_content_type 
_pdbx_audit_revision_group.group 
1 2 'Structure model' 'Version format compliance' 
2 3 'Structure model' 'Derived calculations'      
3 3 'Structure model' 'Version format compliance' 
4 4 'Structure model' 'Data collection'           
5 4 'Structure model' 'Database references'       
6 4 'Structure model' 'Derived calculations'      
# 
loop_
_pdbx_audit_revision_category.ordinal 
_pdbx_audit_revision_category.revision_ordinal 
_pdbx_audit_revision_category.data_content_type 
_pdbx_audit_revision_category.category 
1 4 'Structure model' chem_comp_atom     
2 4 'Structure model' chem_comp_bond     
3 4 'Structure model' database_2         
4 4 'Structure model' struct_ref_seq_dif 
5 4 'Structure model' struct_site        
# 
loop_
_pdbx_audit_revision_item.ordinal 
_pdbx_audit_revision_item.revision_ordinal 
_pdbx_audit_revision_item.data_content_type 
_pdbx_audit_revision_item.item 
1 4 'Structure model' '_database_2.pdbx_DOI'                
2 4 'Structure model' '_database_2.pdbx_database_accession' 
3 4 'Structure model' '_struct_ref_seq_dif.details'         
4 4 'Structure model' '_struct_site.pdbx_auth_asym_id'      
5 4 'Structure model' '_struct_site.pdbx_auth_comp_id'      
6 4 'Structure model' '_struct_site.pdbx_auth_seq_id'       
# 
_pdbx_database_status.status_code                     REL 
_pdbx_database_status.entry_id                        1RZY 
_pdbx_database_status.recvd_initial_deposition_date   2003-12-29 
_pdbx_database_status.deposit_site                    RCSB 
_pdbx_database_status.process_site                    RCSB 
_pdbx_database_status.status_code_sf                  REL 
_pdbx_database_status.SG_entry                        . 
_pdbx_database_status.pdb_format_compatible           Y 
_pdbx_database_status.status_code_mr                  ? 
_pdbx_database_status.status_code_cs                  ? 
_pdbx_database_status.status_code_nmr_data            ? 
_pdbx_database_status.methods_development_category    ? 
# 
loop_
_pdbx_database_related.db_name 
_pdbx_database_related.db_id 
_pdbx_database_related.details 
_pdbx_database_related.content_type 
PDB 6RHN 'Rabbit Hint'                         unspecified 
PDB 5RHN 'Rabbit Hint complexed with 8-Br-AMP' unspecified 
# 
loop_
_audit_author.name 
_audit_author.pdbx_ordinal 
'Krakowiak, A.K.' 1 
'Pace, H.C.'      2 
'Blackburn, G.M.' 3 
'Adams, M.'       4 
'Mekhalfia, A.'   5 
'Kaczmarek, R.'   6 
'Baraniak, J.'    7 
'Stec, W.J.'      8 
'Brenner, C.'     9 
# 
loop_
_citation.id 
_citation.title 
_citation.journal_abbrev 
_citation.journal_volume 
_citation.page_first 
_citation.page_last 
_citation.year 
_citation.journal_id_ASTM 
_citation.country 
_citation.journal_id_ISSN 
_citation.journal_id_CSD 
_citation.book_publisher 
_citation.pdbx_database_id_PubMed 
_citation.pdbx_database_id_DOI 
primary 
;Biochemical, crystallographic, and mutagenic characterization of hint, the AMP-lysine hydrolase, with novel substrates and inhibitors
;
J.Biol.Chem.     279 18711 18716 2004 JBCHA3 US 0021-9258 0071 ? 14982931 10.1074/jbc.M314271200 
1       
;Crystal structures of HINT demonstrate that histidine triad proteins are 
GalT-related nucleotide-binding proteins
;
Nat.Struct.Biol. 4   231   238   1997 NSBIEW US 1072-8368 2024 ? ?        ?                      
# 
loop_
_citation_author.citation_id 
_citation_author.name 
_citation_author.ordinal 
_citation_author.identifier_ORCID 
primary 'Krakowiak, A.K.'  1  ? 
primary 'Pace, H.C.'       2  ? 
primary 'Blackburn, G.M.'  3  ? 
primary 'Adams, M.'        4  ? 
primary 'Mekhalfia, A.'    5  ? 
primary 'Kaczmarek, R.'    6  ? 
primary 'Baraniak, J.'     7  ? 
primary 'Stec, W.J.'       8  ? 
primary 'Brenner, C.'      9  ? 
1       'Brenner, C.'      10 ? 
1       'Garrison, P.'     11 ? 
1       'Gilmour, J.'      12 ? 
1       'Peisach, D.'      13 ? 
1       'Ringe, D.'        14 ? 
1       'Petsko, G.A.'     15 ? 
1       'Lowenstein, J.M.' 16 ? 
# 
loop_
_entity.id 
_entity.type 
_entity.src_method 
_entity.pdbx_description 
_entity.formula_weight 
_entity.pdbx_number_of_molecules 
_entity.pdbx_ec 
_entity.pdbx_mutation 
_entity.pdbx_fragment 
_entity.details 
1 polymer     man 'Histidine triad nucleotide-binding protein 1' 13713.835 1  ? ? ? ? 
2 non-polymer syn "5'-O-(N-ETHYL-SULFAMOYL)ADENOSINE"            374.373   1  ? ? ? ? 
3 water       nat water                                          18.015    70 ? ? ? ? 
# 
_entity_name_com.entity_id   1 
_entity_name_com.name        
;Hint; Adenosine 5'-monophosphoramidase; P13.7
;
# 
_entity_poly.entity_id                      1 
_entity_poly.type                           'polypeptide(L)' 
_entity_poly.nstd_linkage                   no 
_entity_poly.nstd_monomer                   no 
_entity_poly.pdbx_seq_one_letter_code       
;MADEIAKAQVARPGGDTIFGKIIRKEIPAKIIFEDDQCLAFHDISPQAPTHFLVIPKKHISQISAAEDADESLLGHLMIV
GKKCAADLGLKKGYRMVVNEGSDGGQSVYHVHLHVLGGRQMNWPPG
;
_entity_poly.pdbx_seq_one_letter_code_can   
;MADEIAKAQVARPGGDTIFGKIIRKEIPAKIIFEDDQCLAFHDISPQAPTHFLVIPKKHISQISAAEDADESLLGHLMIV
GKKCAADLGLKKGYRMVVNEGSDGGQSVYHVHLHVLGGRQMNWPPG
;
_entity_poly.pdbx_strand_id                 A 
_entity_poly.pdbx_target_identifier         ? 
# 
loop_
_pdbx_entity_nonpoly.entity_id 
_pdbx_entity_nonpoly.name 
_pdbx_entity_nonpoly.comp_id 
2 "5'-O-(N-ETHYL-SULFAMOYL)ADENOSINE" 5AS 
3 water                               HOH 
# 
loop_
_entity_poly_seq.entity_id 
_entity_poly_seq.num 
_entity_poly_seq.mon_id 
_entity_poly_seq.hetero 
1 1   MET n 
1 2   ALA n 
1 3   ASP n 
1 4   GLU n 
1 5   ILE n 
1 6   ALA n 
1 7   LYS n 
1 8   ALA n 
1 9   GLN n 
1 10  VAL n 
1 11  ALA n 
1 12  ARG n 
1 13  PRO n 
1 14  GLY n 
1 15  GLY n 
1 16  ASP n 
1 17  THR n 
1 18  ILE n 
1 19  PHE n 
1 20  GLY n 
1 21  LYS n 
1 22  ILE n 
1 23  ILE n 
1 24  ARG n 
1 25  LYS n 
1 26  GLU n 
1 27  ILE n 
1 28  PRO n 
1 29  ALA n 
1 30  LYS n 
1 31  ILE n 
1 32  ILE n 
1 33  PHE n 
1 34  GLU n 
1 35  ASP n 
1 36  ASP n 
1 37  GLN n 
1 38  CYS n 
1 39  LEU n 
1 40  ALA n 
1 41  PHE n 
1 42  HIS n 
1 43  ASP n 
1 44  ILE n 
1 45  SER n 
1 46  PRO n 
1 47  GLN n 
1 48  ALA n 
1 49  PRO n 
1 50  THR n 
1 51  HIS n 
1 52  PHE n 
1 53  LEU n 
1 54  VAL n 
1 55  ILE n 
1 56  PRO n 
1 57  LYS n 
1 58  LYS n 
1 59  HIS n 
1 60  ILE n 
1 61  SER n 
1 62  GLN n 
1 63  ILE n 
1 64  SER n 
1 65  ALA n 
1 66  ALA n 
1 67  GLU n 
1 68  ASP n 
1 69  ALA n 
1 70  ASP n 
1 71  GLU n 
1 72  SER n 
1 73  LEU n 
1 74  LEU n 
1 75  GLY n 
1 76  HIS n 
1 77  LEU n 
1 78  MET n 
1 79  ILE n 
1 80  VAL n 
1 81  GLY n 
1 82  LYS n 
1 83  LYS n 
1 84  CYS n 
1 85  ALA n 
1 86  ALA n 
1 87  ASP n 
1 88  LEU n 
1 89  GLY n 
1 90  LEU n 
1 91  LYS n 
1 92  LYS n 
1 93  GLY n 
1 94  TYR n 
1 95  ARG n 
1 96  MET n 
1 97  VAL n 
1 98  VAL n 
1 99  ASN n 
1 100 GLU n 
1 101 GLY n 
1 102 SER n 
1 103 ASP n 
1 104 GLY n 
1 105 GLY n 
1 106 GLN n 
1 107 SER n 
1 108 VAL n 
1 109 TYR n 
1 110 HIS n 
1 111 VAL n 
1 112 HIS n 
1 113 LEU n 
1 114 HIS n 
1 115 VAL n 
1 116 LEU n 
1 117 GLY n 
1 118 GLY n 
1 119 ARG n 
1 120 GLN n 
1 121 MET n 
1 122 ASN n 
1 123 TRP n 
1 124 PRO n 
1 125 PRO n 
1 126 GLY n 
# 
_entity_src_gen.entity_id                          1 
_entity_src_gen.pdbx_src_id                        1 
_entity_src_gen.pdbx_alt_source_flag               sample 
_entity_src_gen.pdbx_seq_type                      ? 
_entity_src_gen.pdbx_beg_seq_num                   ? 
_entity_src_gen.pdbx_end_seq_num                   ? 
_entity_src_gen.gene_src_common_name               rabbit 
_entity_src_gen.gene_src_genus                     Oryctolagus 
_entity_src_gen.pdbx_gene_src_gene                 'HINT1, HINT' 
_entity_src_gen.gene_src_species                   ? 
_entity_src_gen.gene_src_strain                    ? 
_entity_src_gen.gene_src_tissue                    ? 
_entity_src_gen.gene_src_tissue_fraction           ? 
_entity_src_gen.gene_src_details                   ? 
_entity_src_gen.pdbx_gene_src_fragment             ? 
_entity_src_gen.pdbx_gene_src_scientific_name      'Oryctolagus cuniculus' 
_entity_src_gen.pdbx_gene_src_ncbi_taxonomy_id     9986 
_entity_src_gen.pdbx_gene_src_variant              ? 
_entity_src_gen.pdbx_gene_src_cell_line            ? 
_entity_src_gen.pdbx_gene_src_atcc                 ? 
_entity_src_gen.pdbx_gene_src_organ                heart 
_entity_src_gen.pdbx_gene_src_organelle            ? 
_entity_src_gen.pdbx_gene_src_cell                 ? 
_entity_src_gen.pdbx_gene_src_cellular_location    ? 
_entity_src_gen.host_org_common_name               ? 
_entity_src_gen.pdbx_host_org_scientific_name      'Escherichia coli' 
_entity_src_gen.pdbx_host_org_ncbi_taxonomy_id     562 
_entity_src_gen.host_org_genus                     Escherichia 
_entity_src_gen.pdbx_host_org_gene                 ? 
_entity_src_gen.pdbx_host_org_organ                ? 
_entity_src_gen.host_org_species                   ? 
_entity_src_gen.pdbx_host_org_tissue               ? 
_entity_src_gen.pdbx_host_org_tissue_fraction      ? 
_entity_src_gen.pdbx_host_org_strain               ? 
_entity_src_gen.pdbx_host_org_variant              ? 
_entity_src_gen.pdbx_host_org_cell_line            ? 
_entity_src_gen.pdbx_host_org_atcc                 ? 
_entity_src_gen.pdbx_host_org_culture_collection   ? 
_entity_src_gen.pdbx_host_org_cell                 ? 
_entity_src_gen.pdbx_host_org_organelle            ? 
_entity_src_gen.pdbx_host_org_cellular_location    ? 
_entity_src_gen.pdbx_host_org_vector_type          plasmid 
_entity_src_gen.pdbx_host_org_vector               ? 
_entity_src_gen.host_org_details                   ? 
_entity_src_gen.expression_system_id               ? 
_entity_src_gen.plasmid_name                       ? 
_entity_src_gen.plasmid_details                    ? 
_entity_src_gen.pdbx_description                   ? 
# 
loop_
_chem_comp.id 
_chem_comp.type 
_chem_comp.mon_nstd_flag 
_chem_comp.name 
_chem_comp.pdbx_synonyms 
_chem_comp.formula 
_chem_comp.formula_weight 
5AS non-polymer         . "5'-O-(N-ETHYL-SULFAMOYL)ADENOSINE" ? 'C12 H18 N6 O6 S' 374.373 
ALA 'L-peptide linking' y ALANINE                             ? 'C3 H7 N O2'      89.093  
ARG 'L-peptide linking' y ARGININE                            ? 'C6 H15 N4 O2 1'  175.209 
ASN 'L-peptide linking' y ASPARAGINE                          ? 'C4 H8 N2 O3'     132.118 
ASP 'L-peptide linking' y 'ASPARTIC ACID'                     ? 'C4 H7 N O4'      133.103 
CYS 'L-peptide linking' y CYSTEINE                            ? 'C3 H7 N O2 S'    121.158 
GLN 'L-peptide linking' y GLUTAMINE                           ? 'C5 H10 N2 O3'    146.144 
GLU 'L-peptide linking' y 'GLUTAMIC ACID'                     ? 'C5 H9 N O4'      147.129 
GLY 'peptide linking'   y GLYCINE                             ? 'C2 H5 N O2'      75.067  
HIS 'L-peptide linking' y HISTIDINE                           ? 'C6 H10 N3 O2 1'  156.162 
HOH non-polymer         . WATER                               ? 'H2 O'            18.015  
ILE 'L-peptide linking' y ISOLEUCINE                          ? 'C6 H13 N O2'     131.173 
LEU 'L-peptide linking' y LEUCINE                             ? 'C6 H13 N O2'     131.173 
LYS 'L-peptide linking' y LYSINE                              ? 'C6 H15 N2 O2 1'  147.195 
MET 'L-peptide linking' y METHIONINE                          ? 'C5 H11 N O2 S'   149.211 
PHE 'L-peptide linking' y PHENYLALANINE                       ? 'C9 H11 N O2'     165.189 
PRO 'L-peptide linking' y PROLINE                             ? 'C5 H9 N O2'      115.130 
SER 'L-peptide linking' y SERINE                              ? 'C3 H7 N O3'      105.093 
THR 'L-peptide linking' y THREONINE                           ? 'C4 H9 N O3'      119.119 
TRP 'L-peptide linking' y TRYPTOPHAN                          ? 'C11 H12 N2 O2'   204.225 
TYR 'L-peptide linking' y TYROSINE                            ? 'C9 H11 N O3'     181.189 
VAL 'L-peptide linking' y VALINE                              ? 'C5 H11 N O2'     117.146 
# 
loop_
_pdbx_poly_seq_scheme.asym_id 
_pdbx_poly_seq_scheme.entity_id 
_pdbx_poly_seq_scheme.seq_id 
_pdbx_poly_seq_scheme.mon_id 
_pdbx_poly_seq_scheme.ndb_seq_num 
_pdbx_poly_seq_scheme.pdb_seq_num 
_pdbx_poly_seq_scheme.auth_seq_num 
_pdbx_poly_seq_scheme.pdb_mon_id 
_pdbx_poly_seq_scheme.auth_mon_id 
_pdbx_poly_seq_scheme.pdb_strand_id 
_pdbx_poly_seq_scheme.pdb_ins_code 
_pdbx_poly_seq_scheme.hetero 
A 1 1   MET 1   1   ?   ?   ?   A . n 
A 1 2   ALA 2   2   ?   ?   ?   A . n 
A 1 3   ASP 3   3   ?   ?   ?   A . n 
A 1 4   GLU 4   4   ?   ?   ?   A . n 
A 1 5   ILE 5   5   ?   ?   ?   A . n 
A 1 6   ALA 6   6   ?   ?   ?   A . n 
A 1 7   LYS 7   7   ?   ?   ?   A . n 
A 1 8   ALA 8   8   ?   ?   ?   A . n 
A 1 9   GLN 9   9   ?   ?   ?   A . n 
A 1 10  VAL 10  10  ?   ?   ?   A . n 
A 1 11  ALA 11  11  ?   ?   ?   A . n 
A 1 12  ARG 12  12  ?   ?   ?   A . n 
A 1 13  PRO 13  13  13  PRO PRO A . n 
A 1 14  GLY 14  14  14  GLY GLY A . n 
A 1 15  GLY 15  15  15  GLY GLY A . n 
A 1 16  ASP 16  16  16  ASP ASP A . n 
A 1 17  THR 17  17  17  THR THR A . n 
A 1 18  ILE 18  18  18  ILE ILE A . n 
A 1 19  PHE 19  19  19  PHE PHE A . n 
A 1 20  GLY 20  20  20  GLY GLY A . n 
A 1 21  LYS 21  21  21  LYS LYS A . n 
A 1 22  ILE 22  22  22  ILE ILE A . n 
A 1 23  ILE 23  23  23  ILE ILE A . n 
A 1 24  ARG 24  24  24  ARG ARG A . n 
A 1 25  LYS 25  25  25  LYS LYS A . n 
A 1 26  GLU 26  26  26  GLU GLU A . n 
A 1 27  ILE 27  27  27  ILE ILE A . n 
A 1 28  PRO 28  28  28  PRO PRO A . n 
A 1 29  ALA 29  29  29  ALA ALA A . n 
A 1 30  LYS 30  30  30  LYS LYS A . n 
A 1 31  ILE 31  31  31  ILE ILE A . n 
A 1 32  ILE 32  32  32  ILE ILE A . n 
A 1 33  PHE 33  33  33  PHE PHE A . n 
A 1 34  GLU 34  34  34  GLU GLU A . n 
A 1 35  ASP 35  35  35  ASP ASP A . n 
A 1 36  ASP 36  36  36  ASP ASP A . n 
A 1 37  GLN 37  37  37  GLN GLN A . n 
A 1 38  CYS 38  38  38  CYS CYS A . n 
A 1 39  LEU 39  39  39  LEU LEU A . n 
A 1 40  ALA 40  40  40  ALA ALA A . n 
A 1 41  PHE 41  41  41  PHE PHE A . n 
A 1 42  HIS 42  42  42  HIS HIS A . n 
A 1 43  ASP 43  43  43  ASP ASP A . n 
A 1 44  ILE 44  44  44  ILE ILE A . n 
A 1 45  SER 45  45  45  SER SER A . n 
A 1 46  PRO 46  46  46  PRO PRO A . n 
A 1 47  GLN 47  47  47  GLN GLN A . n 
A 1 48  ALA 48  48  48  ALA ALA A . n 
A 1 49  PRO 49  49  49  PRO PRO A . n 
A 1 50  THR 50  50  50  THR THR A . n 
A 1 51  HIS 51  51  51  HIS HIS A . n 
A 1 52  PHE 52  52  52  PHE PHE A . n 
A 1 53  LEU 53  53  53  LEU LEU A . n 
A 1 54  VAL 54  54  54  VAL VAL A . n 
A 1 55  ILE 55  55  55  ILE ILE A . n 
A 1 56  PRO 56  56  56  PRO PRO A . n 
A 1 57  LYS 57  57  57  LYS LYS A . n 
A 1 58  LYS 58  58  58  LYS LYS A . n 
A 1 59  HIS 59  59  59  HIS HIS A . n 
A 1 60  ILE 60  60  60  ILE ILE A . n 
A 1 61  SER 61  61  61  SER SER A . n 
A 1 62  GLN 62  62  62  GLN GLN A . n 
A 1 63  ILE 63  63  63  ILE ILE A . n 
A 1 64  SER 64  64  64  SER SER A . n 
A 1 65  ALA 65  65  65  ALA ALA A . n 
A 1 66  ALA 66  66  66  ALA ALA A . n 
A 1 67  GLU 67  67  67  GLU GLU A . n 
A 1 68  ASP 68  68  68  ASP ASP A . n 
A 1 69  ALA 69  69  69  ALA ALA A . n 
A 1 70  ASP 70  70  70  ASP ASP A . n 
A 1 71  GLU 71  71  71  GLU GLU A . n 
A 1 72  SER 72  72  72  SER SER A . n 
A 1 73  LEU 73  73  73  LEU LEU A . n 
A 1 74  LEU 74  74  74  LEU LEU A . n 
A 1 75  GLY 75  75  75  GLY GLY A . n 
A 1 76  HIS 76  76  76  HIS HIS A . n 
A 1 77  LEU 77  77  77  LEU LEU A . n 
A 1 78  MET 78  78  78  MET MET A . n 
A 1 79  ILE 79  79  79  ILE ILE A . n 
A 1 80  VAL 80  80  80  VAL VAL A . n 
A 1 81  GLY 81  81  81  GLY GLY A . n 
A 1 82  LYS 82  82  82  LYS LYS A . n 
A 1 83  LYS 83  83  83  LYS LYS A . n 
A 1 84  CYS 84  84  84  CYS CYS A . n 
A 1 85  ALA 85  85  85  ALA ALA A . n 
A 1 86  ALA 86  86  86  ALA ALA A . n 
A 1 87  ASP 87  87  87  ASP ASP A . n 
A 1 88  LEU 88  88  88  LEU LEU A . n 
A 1 89  GLY 89  89  89  GLY GLY A . n 
A 1 90  LEU 90  90  90  LEU LEU A . n 
A 1 91  LYS 91  91  91  LYS LYS A . n 
A 1 92  LYS 92  92  92  LYS LYS A . n 
A 1 93  GLY 93  93  93  GLY GLY A . n 
A 1 94  TYR 94  94  94  TYR TYR A . n 
A 1 95  ARG 95  95  95  ARG ARG A . n 
A 1 96  MET 96  96  96  MET MET A . n 
A 1 97  VAL 97  97  97  VAL VAL A . n 
A 1 98  VAL 98  98  98  VAL VAL A . n 
A 1 99  ASN 99  99  99  ASN ASN A . n 
A 1 100 GLU 100 100 100 GLU GLU A . n 
A 1 101 GLY 101 101 101 GLY GLY A . n 
A 1 102 SER 102 102 102 SER SER A . n 
A 1 103 ASP 103 103 103 ASP ASP A . n 
A 1 104 GLY 104 104 104 GLY GLY A . n 
A 1 105 GLY 105 105 105 GLY GLY A . n 
A 1 106 GLN 106 106 106 GLN GLN A . n 
A 1 107 SER 107 107 107 SER SER A . n 
A 1 108 VAL 108 108 108 VAL VAL A . n 
A 1 109 TYR 109 109 109 TYR TYR A . n 
A 1 110 HIS 110 110 110 HIS HIS A . n 
A 1 111 VAL 111 111 111 VAL VAL A . n 
A 1 112 HIS 112 112 112 HIS HIS A . n 
A 1 113 LEU 113 113 113 LEU LEU A . n 
A 1 114 HIS 114 114 114 HIS HIS A . n 
A 1 115 VAL 115 115 115 VAL VAL A . n 
A 1 116 LEU 116 116 116 LEU LEU A . n 
A 1 117 GLY 117 117 117 GLY GLY A . n 
A 1 118 GLY 118 118 118 GLY GLY A . n 
A 1 119 ARG 119 119 119 ARG ARG A . n 
A 1 120 GLN 120 120 120 GLN GLN A . n 
A 1 121 MET 121 121 121 MET MET A . n 
A 1 122 ASN 122 122 122 ASN ASN A . n 
A 1 123 TRP 123 123 123 TRP TRP A . n 
A 1 124 PRO 124 124 124 PRO PRO A . n 
A 1 125 PRO 125 125 125 PRO PRO A . n 
A 1 126 GLY 126 126 126 GLY GLY A . n 
# 
loop_
_pdbx_nonpoly_scheme.asym_id 
_pdbx_nonpoly_scheme.entity_id 
_pdbx_nonpoly_scheme.mon_id 
_pdbx_nonpoly_scheme.ndb_seq_num 
_pdbx_nonpoly_scheme.pdb_seq_num 
_pdbx_nonpoly_scheme.auth_seq_num 
_pdbx_nonpoly_scheme.pdb_mon_id 
_pdbx_nonpoly_scheme.auth_mon_id 
_pdbx_nonpoly_scheme.pdb_strand_id 
_pdbx_nonpoly_scheme.pdb_ins_code 
B 2 5AS 1  301 301 5AS 5AS A . 
C 3 HOH 1  211 211 HOH HOH A . 
C 3 HOH 2  212 212 HOH HOH A . 
C 3 HOH 3  213 213 HOH HOH A . 
C 3 HOH 4  214 214 HOH HOH A . 
C 3 HOH 5  215 215 HOH HOH A . 
C 3 HOH 6  216 216 HOH HOH A . 
C 3 HOH 7  217 217 HOH HOH A . 
C 3 HOH 8  218 218 HOH HOH A . 
C 3 HOH 9  219 219 HOH HOH A . 
C 3 HOH 10 220 220 HOH HOH A . 
C 3 HOH 11 221 221 HOH HOH A . 
C 3 HOH 12 222 222 HOH HOH A . 
C 3 HOH 13 223 223 HOH HOH A . 
C 3 HOH 14 224 224 HOH HOH A . 
C 3 HOH 15 225 225 HOH HOH A . 
C 3 HOH 16 226 226 HOH HOH A . 
C 3 HOH 17 227 227 HOH HOH A . 
C 3 HOH 18 229 229 HOH HOH A . 
C 3 HOH 19 230 230 HOH HOH A . 
C 3 HOH 20 231 231 HOH HOH A . 
C 3 HOH 21 233 233 HOH HOH A . 
C 3 HOH 22 234 234 HOH HOH A . 
C 3 HOH 23 235 235 HOH HOH A . 
C 3 HOH 24 236 236 HOH HOH A . 
C 3 HOH 25 237 237 HOH HOH A . 
C 3 HOH 26 238 238 HOH HOH A . 
C 3 HOH 27 240 240 HOH HOH A . 
C 3 HOH 28 241 241 HOH HOH A . 
C 3 HOH 29 242 242 HOH HOH A . 
C 3 HOH 30 244 244 HOH HOH A . 
C 3 HOH 31 245 245 HOH HOH A . 
C 3 HOH 32 251 251 HOH HOH A . 
C 3 HOH 33 253 253 HOH HOH A . 
C 3 HOH 34 255 255 HOH HOH A . 
C 3 HOH 35 256 256 HOH HOH A . 
C 3 HOH 36 257 257 HOH HOH A . 
C 3 HOH 37 258 258 HOH HOH A . 
C 3 HOH 38 260 260 HOH HOH A . 
C 3 HOH 39 262 262 HOH HOH A . 
C 3 HOH 40 264 264 HOH HOH A . 
C 3 HOH 41 265 265 HOH HOH A . 
C 3 HOH 42 266 266 HOH HOH A . 
C 3 HOH 43 267 267 HOH HOH A . 
C 3 HOH 44 268 268 HOH HOH A . 
C 3 HOH 45 269 269 HOH HOH A . 
C 3 HOH 46 270 270 HOH HOH A . 
C 3 HOH 47 271 271 HOH HOH A . 
C 3 HOH 48 272 272 HOH HOH A . 
C 3 HOH 49 273 273 HOH HOH A . 
C 3 HOH 50 274 274 HOH HOH A . 
C 3 HOH 51 275 275 HOH HOH A . 
C 3 HOH 52 276 276 HOH HOH A . 
C 3 HOH 53 277 277 HOH HOH A . 
C 3 HOH 54 278 278 HOH HOH A . 
C 3 HOH 55 280 280 HOH HOH A . 
C 3 HOH 56 281 281 HOH HOH A . 
C 3 HOH 57 282 282 HOH HOH A . 
C 3 HOH 58 283 283 HOH HOH A . 
C 3 HOH 59 284 284 HOH HOH A . 
C 3 HOH 60 285 285 HOH HOH A . 
C 3 HOH 61 286 286 HOH HOH A . 
C 3 HOH 62 287 287 HOH HOH A . 
C 3 HOH 63 288 288 HOH HOH A . 
C 3 HOH 64 289 289 HOH HOH A . 
C 3 HOH 65 290 290 HOH HOH A . 
C 3 HOH 66 291 291 HOH HOH A . 
C 3 HOH 67 292 292 HOH HOH A . 
C 3 HOH 68 293 293 HOH HOH A . 
C 3 HOH 69 294 294 HOH HOH A . 
C 3 HOH 70 295 295 HOH HOH A . 
# 
loop_
_pdbx_unobs_or_zero_occ_atoms.id 
_pdbx_unobs_or_zero_occ_atoms.PDB_model_num 
_pdbx_unobs_or_zero_occ_atoms.polymer_flag 
_pdbx_unobs_or_zero_occ_atoms.occupancy_flag 
_pdbx_unobs_or_zero_occ_atoms.auth_asym_id 
_pdbx_unobs_or_zero_occ_atoms.auth_comp_id 
_pdbx_unobs_or_zero_occ_atoms.auth_seq_id 
_pdbx_unobs_or_zero_occ_atoms.PDB_ins_code 
_pdbx_unobs_or_zero_occ_atoms.auth_atom_id 
_pdbx_unobs_or_zero_occ_atoms.label_alt_id 
_pdbx_unobs_or_zero_occ_atoms.label_asym_id 
_pdbx_unobs_or_zero_occ_atoms.label_comp_id 
_pdbx_unobs_or_zero_occ_atoms.label_seq_id 
_pdbx_unobs_or_zero_occ_atoms.label_atom_id 
1 1 Y 1 A ASP 16 ? CG  ? A ASP 16 CG  
2 1 Y 1 A ASP 16 ? OD1 ? A ASP 16 OD1 
3 1 Y 1 A ASP 16 ? OD2 ? A ASP 16 OD2 
4 1 Y 1 A LYS 91 ? CG  ? A LYS 91 CG  
5 1 Y 1 A LYS 91 ? CD  ? A LYS 91 CD  
6 1 Y 1 A LYS 91 ? CE  ? A LYS 91 CE  
7 1 Y 1 A LYS 91 ? NZ  ? A LYS 91 NZ  
# 
loop_
_software.name 
_software.classification 
_software.version 
_software.citation_id 
_software.pdbx_ordinal 
crystal      'data collection' clear          ? 1 
d*TREK       'data reduction'  .              ? 2 
CNS          refinement        .              ? 3 
CrystalClear 'data reduction'  '(MSC/RIGAKU)' ? 4 
d*TREK       'data scaling'    .              ? 5 
CNS          phasing           .              ? 6 
# 
_cell.entry_id           1RZY 
_cell.length_a           39.888 
_cell.length_b           39.888 
_cell.length_c           142.286 
_cell.angle_alpha        90.00 
_cell.angle_beta         90.00 
_cell.angle_gamma        90.00 
_cell.Z_PDB              8 
_cell.pdbx_unique_axis   ? 
# 
_symmetry.entry_id                         1RZY 
_symmetry.space_group_name_H-M             'P 43 21 2' 
_symmetry.cell_setting                     tetragonal 
_symmetry.pdbx_full_space_group_name_H-M   ? 
_symmetry.Int_Tables_number                96 
# 
_exptl.entry_id          1RZY 
_exptl.method            'X-RAY DIFFRACTION' 
_exptl.crystals_number   1 
# 
_exptl_crystal.id                    1 
_exptl_crystal.density_percent_sol   41.1 
_exptl_crystal.density_Matthews      2.10 
_exptl_crystal.density_meas          ? 
_exptl_crystal.description           ? 
# 
_exptl_crystal_grow.crystal_id      1 
_exptl_crystal_grow.method          'VAPOR DIFFUSION' 
_exptl_crystal_grow.temp            298 
_exptl_crystal_grow.pH              7.4 
_exptl_crystal_grow.pdbx_details    'sodium acetate, cacodylate, PEG8000, pH 7.4, VAPOR DIFFUSION, temperature 298K' 
_exptl_crystal_grow.temp_details    ? 
_exptl_crystal_grow.pdbx_pH_range   . 
# 
_diffrn.id                     1 
_diffrn.ambient_temp           100.0 
_diffrn.ambient_temp_details   ? 
_diffrn.crystal_id             1 
# 
_diffrn_detector.diffrn_id              1 
_diffrn_detector.detector               'IMAGE PLATE' 
_diffrn_detector.type                   'RIGAKU RAXIS IV' 
_diffrn_detector.pdbx_collection_date   2002-10-26 
_diffrn_detector.details                'osmic confocal blue' 
# 
_diffrn_radiation.diffrn_id                        1 
_diffrn_radiation.wavelength_id                    1 
_diffrn_radiation.pdbx_monochromatic_or_laue_m_l   M 
_diffrn_radiation.monochromator                    'Osmic Confocal mirrors' 
_diffrn_radiation.pdbx_diffrn_protocol             'SINGLE WAVELENGTH' 
_diffrn_radiation.pdbx_scattering_type             x-ray 
# 
_diffrn_radiation_wavelength.id           1 
_diffrn_radiation_wavelength.wavelength   1.5418 
_diffrn_radiation_wavelength.wt           1.0 
# 
_diffrn_source.diffrn_id                   1 
_diffrn_source.source                      'ROTATING ANODE' 
_diffrn_source.type                        'RIGAKU RU200' 
_diffrn_source.pdbx_synchrotron_site       ? 
_diffrn_source.pdbx_synchrotron_beamline   ? 
_diffrn_source.pdbx_wavelength             ? 
_diffrn_source.pdbx_wavelength_list        1.5418 
# 
_reflns.entry_id                     1RZY 
_reflns.observed_criterion_sigma_F   2.0 
_reflns.observed_criterion_sigma_I   1.0 
_reflns.d_resolution_high            1.80 
_reflns.d_resolution_low             23.0 
_reflns.number_all                   ? 
_reflns.number_obs                   10698 
_reflns.percent_possible_obs         93.9 
_reflns.pdbx_Rmerge_I_obs            ? 
_reflns.pdbx_Rsym_value              0.0065 
_reflns.pdbx_netI_over_sigmaI        9.2 
_reflns.B_iso_Wilson_estimate        16.9 
_reflns.pdbx_redundancy              8.4 
_reflns.R_free_details               ? 
_reflns.limit_h_max                  ? 
_reflns.limit_h_min                  ? 
_reflns.limit_k_max                  ? 
_reflns.limit_k_min                  ? 
_reflns.limit_l_max                  ? 
_reflns.limit_l_min                  ? 
_reflns.observed_criterion_F_max     ? 
_reflns.observed_criterion_F_min     ? 
_reflns.pdbx_ordinal                 1 
_reflns.pdbx_diffrn_id               1 
# 
_reflns_shell.d_res_high             1.80 
_reflns_shell.d_res_low              1.86 
_reflns_shell.percent_possible_all   88.3 
_reflns_shell.Rmerge_I_obs           ? 
_reflns_shell.pdbx_Rsym_value        0.143 
_reflns_shell.meanI_over_sigI_obs    5.1 
_reflns_shell.pdbx_redundancy        3.4 
_reflns_shell.percent_possible_obs   ? 
_reflns_shell.number_unique_all      968 
_reflns_shell.pdbx_ordinal           1 
_reflns_shell.pdbx_diffrn_id         1 
# 
_refine.entry_id                                 1RZY 
_refine.ls_d_res_high                            1.80 
_refine.ls_d_res_low                             23.0 
_refine.pdbx_ls_sigma_F                          0.0 
_refine.pdbx_ls_sigma_I                          ? 
_refine.ls_number_reflns_all                     10698 
_refine.ls_number_reflns_obs                     9925 
_refine.ls_number_reflns_R_free                  773 
_refine.ls_percent_reflns_obs                    ? 
_refine.ls_R_factor_all                          0.217 
_refine.ls_R_factor_obs                          0.217 
_refine.ls_R_factor_R_work                       0.216 
_refine.ls_R_factor_R_free                       0.242 
_refine.ls_redundancy_reflns_obs                 ? 
_refine.pdbx_data_cutoff_high_absF               ? 
_refine.pdbx_data_cutoff_low_absF                ? 
_refine.ls_number_parameters                     ? 
_refine.ls_number_restraints                     ? 
_refine.ls_percent_reflns_R_free                 7.8 
_refine.ls_R_factor_R_free_error                 ? 
_refine.ls_R_factor_R_free_error_details         ? 
_refine.pdbx_method_to_determine_struct          'FOURIER SYNTHESIS' 
_refine.pdbx_starting_model                      ? 
_refine.pdbx_ls_cross_valid_method               THROUGHOUT 
_refine.pdbx_R_Free_selection_details            RANDOM 
_refine.pdbx_stereochem_target_val_spec_case     ? 
_refine.pdbx_stereochemistry_target_values       'Engh & Huber' 
_refine.solvent_model_details                    ? 
_refine.solvent_model_param_bsol                 ? 
_refine.solvent_model_param_ksol                 ? 
_refine.occupancy_max                            ? 
_refine.occupancy_min                            ? 
_refine.pdbx_isotropic_thermal_model             ? 
_refine.B_iso_mean                               ? 
_refine.aniso_B[1][1]                            ? 
_refine.aniso_B[1][2]                            ? 
_refine.aniso_B[1][3]                            ? 
_refine.aniso_B[2][2]                            ? 
_refine.aniso_B[2][3]                            ? 
_refine.aniso_B[3][3]                            ? 
_refine.details                                  ? 
_refine.B_iso_min                                ? 
_refine.B_iso_max                                ? 
_refine.correlation_coeff_Fo_to_Fc               ? 
_refine.correlation_coeff_Fo_to_Fc_free          ? 
_refine.pdbx_solvent_vdw_probe_radii             ? 
_refine.pdbx_solvent_ion_probe_radii             ? 
_refine.pdbx_solvent_shrinkage_radii             ? 
_refine.overall_SU_R_Cruickshank_DPI             ? 
_refine.overall_SU_R_free                        ? 
_refine.overall_SU_B                             ? 
_refine.overall_SU_ML                            ? 
_refine.pdbx_overall_ESU_R                       ? 
_refine.pdbx_overall_ESU_R_Free                  ? 
_refine.pdbx_data_cutoff_high_rms_absF           ? 
_refine.pdbx_refine_id                           'X-RAY DIFFRACTION' 
_refine.pdbx_diffrn_id                           1 
_refine.pdbx_TLS_residual_ADP_flag               ? 
_refine.pdbx_overall_phase_error                 ? 
_refine.pdbx_overall_SU_R_free_Cruickshank_DPI   ? 
_refine.pdbx_overall_SU_R_Blow_DPI               ? 
_refine.pdbx_overall_SU_R_free_Blow_DPI          ? 
# 
_refine_hist.pdbx_refine_id                   'X-RAY DIFFRACTION' 
_refine_hist.cycle_id                         LAST 
_refine_hist.pdbx_number_atoms_protein        866 
_refine_hist.pdbx_number_atoms_nucleic_acid   0 
_refine_hist.pdbx_number_atoms_ligand         25 
_refine_hist.number_atoms_solvent             70 
_refine_hist.number_atoms_total               961 
_refine_hist.d_res_high                       1.80 
_refine_hist.d_res_low                        23.0 
# 
loop_
_refine_ls_restr.type 
_refine_ls_restr.dev_ideal 
_refine_ls_restr.dev_ideal_target 
_refine_ls_restr.number 
_refine_ls_restr.weight 
_refine_ls_restr.pdbx_refine_id 
_refine_ls_restr.pdbx_restraint_function 
c_angle_deg        1.416  ?   ? ? 'X-RAY DIFFRACTION' ? 
c_bond_d           0.013  ?   ? ? 'X-RAY DIFFRACTION' ? 
c_improper_angle_d 0.854  ?   ? ? 'X-RAY DIFFRACTION' ? 
c_dihedral_angle_d 23.523 ?   ? ? 'X-RAY DIFFRACTION' ? 
c_mcbond_it        1.016  1.5 ? ? 'X-RAY DIFFRACTION' ? 
c_scbond_it        1.808  2.0 ? ? 'X-RAY DIFFRACTION' ? 
c_mcangle_it       1.434  2.0 ? ? 'X-RAY DIFFRACTION' ? 
c_scangle_it       2.534  2.5 ? ? 'X-RAY DIFFRACTION' ? 
# 
_struct.entry_id                  1RZY 
_struct.title                     'Crystal structure of rabbit Hint complexed with N-ethylsulfamoyladenosine' 
_struct.pdbx_model_details        ? 
_struct.pdbx_CASP_flag            ? 
_struct.pdbx_model_type_details   ? 
# 
_struct_keywords.entry_id        1RZY 
_struct_keywords.pdbx_keywords   HYDROLASE 
_struct_keywords.text            'HIT protein; protein-inhibitor complex, HYDROLASE' 
# 
loop_
_struct_asym.id 
_struct_asym.pdbx_blank_PDB_chainid_flag 
_struct_asym.pdbx_modified 
_struct_asym.entity_id 
_struct_asym.details 
A N N 1 ? 
B N N 2 ? 
C N N 3 ? 
# 
_struct_ref.id                         1 
_struct_ref.entity_id                  1 
_struct_ref.db_name                    UNP 
_struct_ref.db_code                    HINT1_RABIT 
_struct_ref.pdbx_db_accession          P80912 
_struct_ref.pdbx_align_begin           1 
_struct_ref.pdbx_seq_one_letter_code   
;ADEIAKAQVARPGGDTIFGKIIRKEIPAKIIFEDDQCLAFHDISPQAPTHFLVIPKKHISQISAAEDADESLLGHLMIVG
KKCAADLGLKKGYRMVVNEGSDGGQSVYHVHLHVLGGRQMNWPPG
;
_struct_ref.pdbx_db_isoform            ? 
# 
_struct_ref_seq.align_id                      1 
_struct_ref_seq.ref_id                        1 
_struct_ref_seq.pdbx_PDB_id_code              1RZY 
_struct_ref_seq.pdbx_strand_id                A 
_struct_ref_seq.seq_align_beg                 2 
_struct_ref_seq.pdbx_seq_align_beg_ins_code   ? 
_struct_ref_seq.seq_align_end                 126 
_struct_ref_seq.pdbx_seq_align_end_ins_code   ? 
_struct_ref_seq.pdbx_db_accession             P80912 
_struct_ref_seq.db_align_beg                  1 
_struct_ref_seq.pdbx_db_align_beg_ins_code    ? 
_struct_ref_seq.db_align_end                  125 
_struct_ref_seq.pdbx_db_align_end_ins_code    ? 
_struct_ref_seq.pdbx_auth_seq_align_beg       2 
_struct_ref_seq.pdbx_auth_seq_align_end       126 
# 
_struct_ref_seq_dif.align_id                     1 
_struct_ref_seq_dif.pdbx_pdb_id_code             1RZY 
_struct_ref_seq_dif.mon_id                       MET 
_struct_ref_seq_dif.pdbx_pdb_strand_id           A 
_struct_ref_seq_dif.seq_num                      1 
_struct_ref_seq_dif.pdbx_pdb_ins_code            ? 
_struct_ref_seq_dif.pdbx_seq_db_name             UNP 
_struct_ref_seq_dif.pdbx_seq_db_accession_code   P80912 
_struct_ref_seq_dif.db_mon_id                    ? 
_struct_ref_seq_dif.pdbx_seq_db_seq_num          ? 
_struct_ref_seq_dif.details                      insertion 
_struct_ref_seq_dif.pdbx_auth_seq_num            1 
_struct_ref_seq_dif.pdbx_ordinal                 1 
# 
_pdbx_struct_assembly.id                   1 
_pdbx_struct_assembly.details              author_and_software_defined_assembly 
_pdbx_struct_assembly.method_details       PISA,PQS 
_pdbx_struct_assembly.oligomeric_details   dimeric 
_pdbx_struct_assembly.oligomeric_count     2 
# 
loop_
_pdbx_struct_assembly_prop.biol_id 
_pdbx_struct_assembly_prop.type 
_pdbx_struct_assembly_prop.value 
_pdbx_struct_assembly_prop.details 
1 'ABSA (A^2)' 5180 ? 
1 MORE         -17  ? 
1 'SSA (A^2)'  9230 ? 
# 
_pdbx_struct_assembly_gen.assembly_id       1 
_pdbx_struct_assembly_gen.oper_expression   1,2 
_pdbx_struct_assembly_gen.asym_id_list      A,B,C 
# 
loop_
_pdbx_struct_oper_list.id 
_pdbx_struct_oper_list.type 
_pdbx_struct_oper_list.name 
_pdbx_struct_oper_list.symmetry_operation 
_pdbx_struct_oper_list.matrix[1][1] 
_pdbx_struct_oper_list.matrix[1][2] 
_pdbx_struct_oper_list.matrix[1][3] 
_pdbx_struct_oper_list.vector[1] 
_pdbx_struct_oper_list.matrix[2][1] 
_pdbx_struct_oper_list.matrix[2][2] 
_pdbx_struct_oper_list.matrix[2][3] 
_pdbx_struct_oper_list.vector[2] 
_pdbx_struct_oper_list.matrix[3][1] 
_pdbx_struct_oper_list.matrix[3][2] 
_pdbx_struct_oper_list.matrix[3][3] 
_pdbx_struct_oper_list.vector[3] 
1 'identity operation'         1_555 x,y,z    1.0000000000 0.0000000000 0.0000000000  0.0000000000  0.0000000000 1.0000000000  0.0000000000  0.0000000000   0.0000000000  0.0000000000  1.0000000000  0.0000000000  
2 'crystal symmetry operation' 7_556 y,x,-z+1 0.3778353489 0.3873665203 -0.8409444857 -1.1564409968 0.3873665203 -0.8910952450 -0.2364242864 -15.9873144091 -0.8409444857 -0.2364242864 -0.4867401039 -9.2590364386 
# 
_struct_biol.id                    1 
_struct_biol.pdbx_parent_biol_id   ? 
_struct_biol.details               ? 
# 
loop_
_struct_conf.conf_type_id 
_struct_conf.id 
_struct_conf.pdbx_PDB_helix_id 
_struct_conf.beg_label_comp_id 
_struct_conf.beg_label_asym_id 
_struct_conf.beg_label_seq_id 
_struct_conf.pdbx_beg_PDB_ins_code 
_struct_conf.end_label_comp_id 
_struct_conf.end_label_asym_id 
_struct_conf.end_label_seq_id 
_struct_conf.pdbx_end_PDB_ins_code 
_struct_conf.beg_auth_comp_id 
_struct_conf.beg_auth_asym_id 
_struct_conf.beg_auth_seq_id 
_struct_conf.end_auth_comp_id 
_struct_conf.end_auth_asym_id 
_struct_conf.end_auth_seq_id 
_struct_conf.pdbx_PDB_helix_class 
_struct_conf.details 
_struct_conf.pdbx_PDB_helix_length 
HELX_P HELX_P1 1 THR A 17  ? ARG A 24  ? THR A 17  ARG A 24  1 ? 8  
HELX_P HELX_P2 2 GLN A 62  ? ALA A 66  ? GLN A 62  ALA A 66  5 ? 5  
HELX_P HELX_P3 3 GLU A 67  ? ALA A 69  ? GLU A 67  ALA A 69  5 ? 3  
HELX_P HELX_P4 4 ASP A 70  ? LEU A 88  ? ASP A 70  LEU A 88  1 ? 19 
HELX_P HELX_P5 5 GLU A 100 ? GLY A 105 ? GLU A 100 GLY A 105 1 ? 6  
# 
_struct_conf_type.id          HELX_P 
_struct_conf_type.criteria    ? 
_struct_conf_type.reference   ? 
# 
_struct_mon_prot_cis.pdbx_id                1 
_struct_mon_prot_cis.label_comp_id          TRP 
_struct_mon_prot_cis.label_seq_id           123 
_struct_mon_prot_cis.label_asym_id          A 
_struct_mon_prot_cis.label_alt_id           . 
_struct_mon_prot_cis.pdbx_PDB_ins_code      ? 
_struct_mon_prot_cis.auth_comp_id           TRP 
_struct_mon_prot_cis.auth_seq_id            123 
_struct_mon_prot_cis.auth_asym_id           A 
_struct_mon_prot_cis.pdbx_label_comp_id_2   PRO 
_struct_mon_prot_cis.pdbx_label_seq_id_2    124 
_struct_mon_prot_cis.pdbx_label_asym_id_2   A 
_struct_mon_prot_cis.pdbx_PDB_ins_code_2    ? 
_struct_mon_prot_cis.pdbx_auth_comp_id_2    PRO 
_struct_mon_prot_cis.pdbx_auth_seq_id_2     124 
_struct_mon_prot_cis.pdbx_auth_asym_id_2    A 
_struct_mon_prot_cis.pdbx_PDB_model_num     1 
_struct_mon_prot_cis.pdbx_omega_angle       -0.02 
# 
_struct_sheet.id               A 
_struct_sheet.type             ? 
_struct_sheet.number_strands   5 
_struct_sheet.details          ? 
# 
loop_
_struct_sheet_order.sheet_id 
_struct_sheet_order.range_id_1 
_struct_sheet_order.range_id_2 
_struct_sheet_order.offset 
_struct_sheet_order.sense 
A 1 2 ? anti-parallel 
A 2 3 ? anti-parallel 
A 3 4 ? anti-parallel 
A 4 5 ? anti-parallel 
# 
loop_
_struct_sheet_range.sheet_id 
_struct_sheet_range.id 
_struct_sheet_range.beg_label_comp_id 
_struct_sheet_range.beg_label_asym_id 
_struct_sheet_range.beg_label_seq_id 
_struct_sheet_range.pdbx_beg_PDB_ins_code 
_struct_sheet_range.end_label_comp_id 
_struct_sheet_range.end_label_asym_id 
_struct_sheet_range.end_label_seq_id 
_struct_sheet_range.pdbx_end_PDB_ins_code 
_struct_sheet_range.beg_auth_comp_id 
_struct_sheet_range.beg_auth_asym_id 
_struct_sheet_range.beg_auth_seq_id 
_struct_sheet_range.end_auth_comp_id 
_struct_sheet_range.end_auth_asym_id 
_struct_sheet_range.end_auth_seq_id 
A 1 ILE A 31  ? GLU A 34  ? ILE A 31  GLU A 34  
A 2 CYS A 38  ? HIS A 42  ? CYS A 38  HIS A 42  
A 3 THR A 50  ? PRO A 56  ? THR A 50  PRO A 56  
A 4 LEU A 113 ? GLY A 117 ? LEU A 113 GLY A 117 
A 5 ARG A 95  ? VAL A 97  ? ARG A 95  VAL A 97  
# 
loop_
_pdbx_struct_sheet_hbond.sheet_id 
_pdbx_struct_sheet_hbond.range_id_1 
_pdbx_struct_sheet_hbond.range_id_2 
_pdbx_struct_sheet_hbond.range_1_label_atom_id 
_pdbx_struct_sheet_hbond.range_1_label_comp_id 
_pdbx_struct_sheet_hbond.range_1_label_asym_id 
_pdbx_struct_sheet_hbond.range_1_label_seq_id 
_pdbx_struct_sheet_hbond.range_1_PDB_ins_code 
_pdbx_struct_sheet_hbond.range_1_auth_atom_id 
_pdbx_struct_sheet_hbond.range_1_auth_comp_id 
_pdbx_struct_sheet_hbond.range_1_auth_asym_id 
_pdbx_struct_sheet_hbond.range_1_auth_seq_id 
_pdbx_struct_sheet_hbond.range_2_label_atom_id 
_pdbx_struct_sheet_hbond.range_2_label_comp_id 
_pdbx_struct_sheet_hbond.range_2_label_asym_id 
_pdbx_struct_sheet_hbond.range_2_label_seq_id 
_pdbx_struct_sheet_hbond.range_2_PDB_ins_code 
_pdbx_struct_sheet_hbond.range_2_auth_atom_id 
_pdbx_struct_sheet_hbond.range_2_auth_comp_id 
_pdbx_struct_sheet_hbond.range_2_auth_asym_id 
_pdbx_struct_sheet_hbond.range_2_auth_seq_id 
A 1 2 N PHE A 33  ? N PHE A 33  O ALA A 40  ? O ALA A 40  
A 2 3 N PHE A 41  ? N PHE A 41  O LEU A 53  ? O LEU A 53  
A 3 4 N VAL A 54  ? N VAL A 54  O LEU A 113 ? O LEU A 113 
A 4 5 O HIS A 114 ? O HIS A 114 N VAL A 97  ? N VAL A 97  
# 
_struct_site.id                   AC1 
_struct_site.pdbx_evidence_code   Software 
_struct_site.pdbx_auth_asym_id    A 
_struct_site.pdbx_auth_comp_id    5AS 
_struct_site.pdbx_auth_seq_id     301 
_struct_site.pdbx_auth_ins_code   ? 
_struct_site.pdbx_num_residues    21 
_struct_site.details              'BINDING SITE FOR RESIDUE 5AS A 301' 
# 
loop_
_struct_site_gen.id 
_struct_site_gen.site_id 
_struct_site_gen.pdbx_num_res 
_struct_site_gen.label_comp_id 
_struct_site_gen.label_asym_id 
_struct_site_gen.label_seq_id 
_struct_site_gen.pdbx_auth_ins_code 
_struct_site_gen.auth_comp_id 
_struct_site_gen.auth_asym_id 
_struct_site_gen.auth_seq_id 
_struct_site_gen.label_atom_id 
_struct_site_gen.label_alt_id 
_struct_site_gen.symmetry 
_struct_site_gen.details 
1  AC1 21 ILE A 18  ? ILE A 18  . ? 1_555 ? 
2  AC1 21 PHE A 19  ? PHE A 19  . ? 1_555 ? 
3  AC1 21 ILE A 22  ? ILE A 22  . ? 1_555 ? 
4  AC1 21 LYS A 25  ? LYS A 25  . ? 5_545 ? 
5  AC1 21 GLU A 34  ? GLU A 34  . ? 5_545 ? 
6  AC1 21 PHE A 41  ? PHE A 41  . ? 1_555 ? 
7  AC1 21 HIS A 42  ? HIS A 42  . ? 1_555 ? 
8  AC1 21 ASP A 43  ? ASP A 43  . ? 1_555 ? 
9  AC1 21 ILE A 44  ? ILE A 44  . ? 1_555 ? 
10 AC1 21 SER A 45  ? SER A 45  . ? 1_555 ? 
11 AC1 21 LEU A 53  ? LEU A 53  . ? 1_555 ? 
12 AC1 21 ASN A 99  ? ASN A 99  . ? 1_555 ? 
13 AC1 21 GLY A 105 ? GLY A 105 . ? 1_555 ? 
14 AC1 21 GLN A 106 ? GLN A 106 . ? 1_555 ? 
15 AC1 21 SER A 107 ? SER A 107 . ? 1_555 ? 
16 AC1 21 VAL A 108 ? VAL A 108 . ? 1_555 ? 
17 AC1 21 HIS A 112 ? HIS A 112 . ? 1_555 ? 
18 AC1 21 HIS A 114 ? HIS A 114 . ? 1_555 ? 
19 AC1 21 TRP A 123 ? TRP A 123 . ? 7_556 ? 
20 AC1 21 HOH C .   ? HOH A 251 . ? 7_556 ? 
21 AC1 21 HOH C .   ? HOH A 269 . ? 1_555 ? 
# 
_pdbx_validate_torsion.id              1 
_pdbx_validate_torsion.PDB_model_num   1 
_pdbx_validate_torsion.auth_comp_id    PHE 
_pdbx_validate_torsion.auth_asym_id    A 
_pdbx_validate_torsion.auth_seq_id     33 
_pdbx_validate_torsion.PDB_ins_code    ? 
_pdbx_validate_torsion.label_alt_id    ? 
_pdbx_validate_torsion.phi             -171.59 
_pdbx_validate_torsion.psi             139.77 
# 
_pdbx_validate_chiral.id              1 
_pdbx_validate_chiral.PDB_model_num   1 
_pdbx_validate_chiral.auth_atom_id    "C1'" 
_pdbx_validate_chiral.label_alt_id    ? 
_pdbx_validate_chiral.auth_asym_id    A 
_pdbx_validate_chiral.auth_comp_id    5AS 
_pdbx_validate_chiral.auth_seq_id     301 
_pdbx_validate_chiral.PDB_ins_code    ? 
_pdbx_validate_chiral.details         PLANAR 
_pdbx_validate_chiral.omega           . 
# 
loop_
_pdbx_unobs_or_zero_occ_residues.id 
_pdbx_unobs_or_zero_occ_residues.PDB_model_num 
_pdbx_unobs_or_zero_occ_residues.polymer_flag 
_pdbx_unobs_or_zero_occ_residues.occupancy_flag 
_pdbx_unobs_or_zero_occ_residues.auth_asym_id 
_pdbx_unobs_or_zero_occ_residues.auth_comp_id 
_pdbx_unobs_or_zero_occ_residues.auth_seq_id 
_pdbx_unobs_or_zero_occ_residues.PDB_ins_code 
_pdbx_unobs_or_zero_occ_residues.label_asym_id 
_pdbx_unobs_or_zero_occ_residues.label_comp_id 
_pdbx_unobs_or_zero_occ_residues.label_seq_id 
1  1 Y 1 A MET 1  ? A MET 1  
2  1 Y 1 A ALA 2  ? A ALA 2  
3  1 Y 1 A ASP 3  ? A ASP 3  
4  1 Y 1 A GLU 4  ? A GLU 4  
5  1 Y 1 A ILE 5  ? A ILE 5  
6  1 Y 1 A ALA 6  ? A ALA 6  
7  1 Y 1 A LYS 7  ? A LYS 7  
8  1 Y 1 A ALA 8  ? A ALA 8  
9  1 Y 1 A GLN 9  ? A GLN 9  
10 1 Y 1 A VAL 10 ? A VAL 10 
11 1 Y 1 A ALA 11 ? A ALA 11 
12 1 Y 1 A ARG 12 ? A ARG 12 
# 
loop_
_chem_comp_atom.comp_id 
_chem_comp_atom.atom_id 
_chem_comp_atom.type_symbol 
_chem_comp_atom.pdbx_aromatic_flag 
_chem_comp_atom.pdbx_stereo_config 
_chem_comp_atom.pdbx_ordinal 
5AS S      S N N 1   
5AS N1S    N N N 2   
5AS O2S    O N N 3   
5AS O3S    O N N 4   
5AS "O5'"  O N N 5   
5AS "C5'"  C N N 6   
5AS "C4'"  C N R 7   
5AS "O4'"  O N N 8   
5AS "C3'"  C N S 9   
5AS "O3'"  O N N 10  
5AS "C2'"  C N R 11  
5AS "O2'"  O N N 12  
5AS "C1'"  C N R 13  
5AS N9     N Y N 14  
5AS C8     C Y N 15  
5AS N7     N Y N 16  
5AS C5     C Y N 17  
5AS C6     C Y N 18  
5AS N6     N N N 19  
5AS N1     N Y N 20  
5AS C2     C Y N 21  
5AS N3     N Y N 22  
5AS C4     C Y N 23  
5AS C10    C N N 24  
5AS C11    C N N 25  
5AS H1S    H N N 26  
5AS "H5'1" H N N 27  
5AS "H5'2" H N N 28  
5AS "H4'"  H N N 29  
5AS "H3'"  H N N 30  
5AS "HO'3" H N N 31  
5AS "H2'"  H N N 32  
5AS "HO'2" H N N 33  
5AS "H1'"  H N N 34  
5AS H8     H N N 35  
5AS H61    H N N 36  
5AS H62    H N N 37  
5AS H2     H N N 38  
5AS H101   H N N 39  
5AS H102   H N N 40  
5AS H111   H N N 41  
5AS H112   H N N 42  
5AS H113   H N N 43  
ALA N      N N N 44  
ALA CA     C N S 45  
ALA C      C N N 46  
ALA O      O N N 47  
ALA CB     C N N 48  
ALA OXT    O N N 49  
ALA H      H N N 50  
ALA H2     H N N 51  
ALA HA     H N N 52  
ALA HB1    H N N 53  
ALA HB2    H N N 54  
ALA HB3    H N N 55  
ALA HXT    H N N 56  
ARG N      N N N 57  
ARG CA     C N S 58  
ARG C      C N N 59  
ARG O      O N N 60  
ARG CB     C N N 61  
ARG CG     C N N 62  
ARG CD     C N N 63  
ARG NE     N N N 64  
ARG CZ     C N N 65  
ARG NH1    N N N 66  
ARG NH2    N N N 67  
ARG OXT    O N N 68  
ARG H      H N N 69  
ARG H2     H N N 70  
ARG HA     H N N 71  
ARG HB2    H N N 72  
ARG HB3    H N N 73  
ARG HG2    H N N 74  
ARG HG3    H N N 75  
ARG HD2    H N N 76  
ARG HD3    H N N 77  
ARG HE     H N N 78  
ARG HH11   H N N 79  
ARG HH12   H N N 80  
ARG HH21   H N N 81  
ARG HH22   H N N 82  
ARG HXT    H N N 83  
ASN N      N N N 84  
ASN CA     C N S 85  
ASN C      C N N 86  
ASN O      O N N 87  
ASN CB     C N N 88  
ASN CG     C N N 89  
ASN OD1    O N N 90  
ASN ND2    N N N 91  
ASN OXT    O N N 92  
ASN H      H N N 93  
ASN H2     H N N 94  
ASN HA     H N N 95  
ASN HB2    H N N 96  
ASN HB3    H N N 97  
ASN HD21   H N N 98  
ASN HD22   H N N 99  
ASN HXT    H N N 100 
ASP N      N N N 101 
ASP CA     C N S 102 
ASP C      C N N 103 
ASP O      O N N 104 
ASP CB     C N N 105 
ASP CG     C N N 106 
ASP OD1    O N N 107 
ASP OD2    O N N 108 
ASP OXT    O N N 109 
ASP H      H N N 110 
ASP H2     H N N 111 
ASP HA     H N N 112 
ASP HB2    H N N 113 
ASP HB3    H N N 114 
ASP HD2    H N N 115 
ASP HXT    H N N 116 
CYS N      N N N 117 
CYS CA     C N R 118 
CYS C      C N N 119 
CYS O      O N N 120 
CYS CB     C N N 121 
CYS SG     S N N 122 
CYS OXT    O N N 123 
CYS H      H N N 124 
CYS H2     H N N 125 
CYS HA     H N N 126 
CYS HB2    H N N 127 
CYS HB3    H N N 128 
CYS HG     H N N 129 
CYS HXT    H N N 130 
GLN N      N N N 131 
GLN CA     C N S 132 
GLN C      C N N 133 
GLN O      O N N 134 
GLN CB     C N N 135 
GLN CG     C N N 136 
GLN CD     C N N 137 
GLN OE1    O N N 138 
GLN NE2    N N N 139 
GLN OXT    O N N 140 
GLN H      H N N 141 
GLN H2     H N N 142 
GLN HA     H N N 143 
GLN HB2    H N N 144 
GLN HB3    H N N 145 
GLN HG2    H N N 146 
GLN HG3    H N N 147 
GLN HE21   H N N 148 
GLN HE22   H N N 149 
GLN HXT    H N N 150 
GLU N      N N N 151 
GLU CA     C N S 152 
GLU C      C N N 153 
GLU O      O N N 154 
GLU CB     C N N 155 
GLU CG     C N N 156 
GLU CD     C N N 157 
GLU OE1    O N N 158 
GLU OE2    O N N 159 
GLU OXT    O N N 160 
GLU H      H N N 161 
GLU H2     H N N 162 
GLU HA     H N N 163 
GLU HB2    H N N 164 
GLU HB3    H N N 165 
GLU HG2    H N N 166 
GLU HG3    H N N 167 
GLU HE2    H N N 168 
GLU HXT    H N N 169 
GLY N      N N N 170 
GLY CA     C N N 171 
GLY C      C N N 172 
GLY O      O N N 173 
GLY OXT    O N N 174 
GLY H      H N N 175 
GLY H2     H N N 176 
GLY HA2    H N N 177 
GLY HA3    H N N 178 
GLY HXT    H N N 179 
HIS N      N N N 180 
HIS CA     C N S 181 
HIS C      C N N 182 
HIS O      O N N 183 
HIS CB     C N N 184 
HIS CG     C Y N 185 
HIS ND1    N Y N 186 
HIS CD2    C Y N 187 
HIS CE1    C Y N 188 
HIS NE2    N Y N 189 
HIS OXT    O N N 190 
HIS H      H N N 191 
HIS H2     H N N 192 
HIS HA     H N N 193 
HIS HB2    H N N 194 
HIS HB3    H N N 195 
HIS HD1    H N N 196 
HIS HD2    H N N 197 
HIS HE1    H N N 198 
HIS HE2    H N N 199 
HIS HXT    H N N 200 
HOH O      O N N 201 
HOH H1     H N N 202 
HOH H2     H N N 203 
ILE N      N N N 204 
ILE CA     C N S 205 
ILE C      C N N 206 
ILE O      O N N 207 
ILE CB     C N S 208 
ILE CG1    C N N 209 
ILE CG2    C N N 210 
ILE CD1    C N N 211 
ILE OXT    O N N 212 
ILE H      H N N 213 
ILE H2     H N N 214 
ILE HA     H N N 215 
ILE HB     H N N 216 
ILE HG12   H N N 217 
ILE HG13   H N N 218 
ILE HG21   H N N 219 
ILE HG22   H N N 220 
ILE HG23   H N N 221 
ILE HD11   H N N 222 
ILE HD12   H N N 223 
ILE HD13   H N N 224 
ILE HXT    H N N 225 
LEU N      N N N 226 
LEU CA     C N S 227 
LEU C      C N N 228 
LEU O      O N N 229 
LEU CB     C N N 230 
LEU CG     C N N 231 
LEU CD1    C N N 232 
LEU CD2    C N N 233 
LEU OXT    O N N 234 
LEU H      H N N 235 
LEU H2     H N N 236 
LEU HA     H N N 237 
LEU HB2    H N N 238 
LEU HB3    H N N 239 
LEU HG     H N N 240 
LEU HD11   H N N 241 
LEU HD12   H N N 242 
LEU HD13   H N N 243 
LEU HD21   H N N 244 
LEU HD22   H N N 245 
LEU HD23   H N N 246 
LEU HXT    H N N 247 
LYS N      N N N 248 
LYS CA     C N S 249 
LYS C      C N N 250 
LYS O      O N N 251 
LYS CB     C N N 252 
LYS CG     C N N 253 
LYS CD     C N N 254 
LYS CE     C N N 255 
LYS NZ     N N N 256 
LYS OXT    O N N 257 
LYS H      H N N 258 
LYS H2     H N N 259 
LYS HA     H N N 260 
LYS HB2    H N N 261 
LYS HB3    H N N 262 
LYS HG2    H N N 263 
LYS HG3    H N N 264 
LYS HD2    H N N 265 
LYS HD3    H N N 266 
LYS HE2    H N N 267 
LYS HE3    H N N 268 
LYS HZ1    H N N 269 
LYS HZ2    H N N 270 
LYS HZ3    H N N 271 
LYS HXT    H N N 272 
MET N      N N N 273 
MET CA     C N S 274 
MET C      C N N 275 
MET O      O N N 276 
MET CB     C N N 277 
MET CG     C N N 278 
MET SD     S N N 279 
MET CE     C N N 280 
MET OXT    O N N 281 
MET H      H N N 282 
MET H2     H N N 283 
MET HA     H N N 284 
MET HB2    H N N 285 
MET HB3    H N N 286 
MET HG2    H N N 287 
MET HG3    H N N 288 
MET HE1    H N N 289 
MET HE2    H N N 290 
MET HE3    H N N 291 
MET HXT    H N N 292 
PHE N      N N N 293 
PHE CA     C N S 294 
PHE C      C N N 295 
PHE O      O N N 296 
PHE CB     C N N 297 
PHE CG     C Y N 298 
PHE CD1    C Y N 299 
PHE CD2    C Y N 300 
PHE CE1    C Y N 301 
PHE CE2    C Y N 302 
PHE CZ     C Y N 303 
PHE OXT    O N N 304 
PHE H      H N N 305 
PHE H2     H N N 306 
PHE HA     H N N 307 
PHE HB2    H N N 308 
PHE HB3    H N N 309 
PHE HD1    H N N 310 
PHE HD2    H N N 311 
PHE HE1    H N N 312 
PHE HE2    H N N 313 
PHE HZ     H N N 314 
PHE HXT    H N N 315 
PRO N      N N N 316 
PRO CA     C N S 317 
PRO C      C N N 318 
PRO O      O N N 319 
PRO CB     C N N 320 
PRO CG     C N N 321 
PRO CD     C N N 322 
PRO OXT    O N N 323 
PRO H      H N N 324 
PRO HA     H N N 325 
PRO HB2    H N N 326 
PRO HB3    H N N 327 
PRO HG2    H N N 328 
PRO HG3    H N N 329 
PRO HD2    H N N 330 
PRO HD3    H N N 331 
PRO HXT    H N N 332 
SER N      N N N 333 
SER CA     C N S 334 
SER C      C N N 335 
SER O      O N N 336 
SER CB     C N N 337 
SER OG     O N N 338 
SER OXT    O N N 339 
SER H      H N N 340 
SER H2     H N N 341 
SER HA     H N N 342 
SER HB2    H N N 343 
SER HB3    H N N 344 
SER HG     H N N 345 
SER HXT    H N N 346 
THR N      N N N 347 
THR CA     C N S 348 
THR C      C N N 349 
THR O      O N N 350 
THR CB     C N R 351 
THR OG1    O N N 352 
THR CG2    C N N 353 
THR OXT    O N N 354 
THR H      H N N 355 
THR H2     H N N 356 
THR HA     H N N 357 
THR HB     H N N 358 
THR HG1    H N N 359 
THR HG21   H N N 360 
THR HG22   H N N 361 
THR HG23   H N N 362 
THR HXT    H N N 363 
TRP N      N N N 364 
TRP CA     C N S 365 
TRP C      C N N 366 
TRP O      O N N 367 
TRP CB     C N N 368 
TRP CG     C Y N 369 
TRP CD1    C Y N 370 
TRP CD2    C Y N 371 
TRP NE1    N Y N 372 
TRP CE2    C Y N 373 
TRP CE3    C Y N 374 
TRP CZ2    C Y N 375 
TRP CZ3    C Y N 376 
TRP CH2    C Y N 377 
TRP OXT    O N N 378 
TRP H      H N N 379 
TRP H2     H N N 380 
TRP HA     H N N 381 
TRP HB2    H N N 382 
TRP HB3    H N N 383 
TRP HD1    H N N 384 
TRP HE1    H N N 385 
TRP HE3    H N N 386 
TRP HZ2    H N N 387 
TRP HZ3    H N N 388 
TRP HH2    H N N 389 
TRP HXT    H N N 390 
TYR N      N N N 391 
TYR CA     C N S 392 
TYR C      C N N 393 
TYR O      O N N 394 
TYR CB     C N N 395 
TYR CG     C Y N 396 
TYR CD1    C Y N 397 
TYR CD2    C Y N 398 
TYR CE1    C Y N 399 
TYR CE2    C Y N 400 
TYR CZ     C Y N 401 
TYR OH     O N N 402 
TYR OXT    O N N 403 
TYR H      H N N 404 
TYR H2     H N N 405 
TYR HA     H N N 406 
TYR HB2    H N N 407 
TYR HB3    H N N 408 
TYR HD1    H N N 409 
TYR HD2    H N N 410 
TYR HE1    H N N 411 
TYR HE2    H N N 412 
TYR HH     H N N 413 
TYR HXT    H N N 414 
VAL N      N N N 415 
VAL CA     C N S 416 
VAL C      C N N 417 
VAL O      O N N 418 
VAL CB     C N N 419 
VAL CG1    C N N 420 
VAL CG2    C N N 421 
VAL OXT    O N N 422 
VAL H      H N N 423 
VAL H2     H N N 424 
VAL HA     H N N 425 
VAL HB     H N N 426 
VAL HG11   H N N 427 
VAL HG12   H N N 428 
VAL HG13   H N N 429 
VAL HG21   H N N 430 
VAL HG22   H N N 431 
VAL HG23   H N N 432 
VAL HXT    H N N 433 
# 
loop_
_chem_comp_bond.comp_id 
_chem_comp_bond.atom_id_1 
_chem_comp_bond.atom_id_2 
_chem_comp_bond.value_order 
_chem_comp_bond.pdbx_aromatic_flag 
_chem_comp_bond.pdbx_stereo_config 
_chem_comp_bond.pdbx_ordinal 
5AS S     N1S    sing N N 1   
5AS S     O2S    doub N N 2   
5AS S     O3S    doub N N 3   
5AS S     "O5'"  sing N N 4   
5AS N1S   C10    sing N N 5   
5AS N1S   H1S    sing N N 6   
5AS "O5'" "C5'"  sing N N 7   
5AS "C5'" "C4'"  sing N N 8   
5AS "C5'" "H5'1" sing N N 9   
5AS "C5'" "H5'2" sing N N 10  
5AS "C4'" "O4'"  sing N N 11  
5AS "C4'" "C3'"  sing N N 12  
5AS "C4'" "H4'"  sing N N 13  
5AS "O4'" "C1'"  sing N N 14  
5AS "C3'" "O3'"  sing N N 15  
5AS "C3'" "C2'"  sing N N 16  
5AS "C3'" "H3'"  sing N N 17  
5AS "O3'" "HO'3" sing N N 18  
5AS "C2'" "O2'"  sing N N 19  
5AS "C2'" "C1'"  sing N N 20  
5AS "C2'" "H2'"  sing N N 21  
5AS "O2'" "HO'2" sing N N 22  
5AS "C1'" N9     sing N N 23  
5AS "C1'" "H1'"  sing N N 24  
5AS N9    C8     sing Y N 25  
5AS N9    C4     sing Y N 26  
5AS C8    N7     doub Y N 27  
5AS C8    H8     sing N N 28  
5AS N7    C5     sing Y N 29  
5AS C5    C6     doub Y N 30  
5AS C5    C4     sing Y N 31  
5AS C6    N6     sing N N 32  
5AS C6    N1     sing Y N 33  
5AS N6    H61    sing N N 34  
5AS N6    H62    sing N N 35  
5AS N1    C2     doub Y N 36  
5AS C2    N3     sing Y N 37  
5AS C2    H2     sing N N 38  
5AS N3    C4     doub Y N 39  
5AS C10   C11    sing N N 40  
5AS C10   H101   sing N N 41  
5AS C10   H102   sing N N 42  
5AS C11   H111   sing N N 43  
5AS C11   H112   sing N N 44  
5AS C11   H113   sing N N 45  
ALA N     CA     sing N N 46  
ALA N     H      sing N N 47  
ALA N     H2     sing N N 48  
ALA CA    C      sing N N 49  
ALA CA    CB     sing N N 50  
ALA CA    HA     sing N N 51  
ALA C     O      doub N N 52  
ALA C     OXT    sing N N 53  
ALA CB    HB1    sing N N 54  
ALA CB    HB2    sing N N 55  
ALA CB    HB3    sing N N 56  
ALA OXT   HXT    sing N N 57  
ARG N     CA     sing N N 58  
ARG N     H      sing N N 59  
ARG N     H2     sing N N 60  
ARG CA    C      sing N N 61  
ARG CA    CB     sing N N 62  
ARG CA    HA     sing N N 63  
ARG C     O      doub N N 64  
ARG C     OXT    sing N N 65  
ARG CB    CG     sing N N 66  
ARG CB    HB2    sing N N 67  
ARG CB    HB3    sing N N 68  
ARG CG    CD     sing N N 69  
ARG CG    HG2    sing N N 70  
ARG CG    HG3    sing N N 71  
ARG CD    NE     sing N N 72  
ARG CD    HD2    sing N N 73  
ARG CD    HD3    sing N N 74  
ARG NE    CZ     sing N N 75  
ARG NE    HE     sing N N 76  
ARG CZ    NH1    sing N N 77  
ARG CZ    NH2    doub N N 78  
ARG NH1   HH11   sing N N 79  
ARG NH1   HH12   sing N N 80  
ARG NH2   HH21   sing N N 81  
ARG NH2   HH22   sing N N 82  
ARG OXT   HXT    sing N N 83  
ASN N     CA     sing N N 84  
ASN N     H      sing N N 85  
ASN N     H2     sing N N 86  
ASN CA    C      sing N N 87  
ASN CA    CB     sing N N 88  
ASN CA    HA     sing N N 89  
ASN C     O      doub N N 90  
ASN C     OXT    sing N N 91  
ASN CB    CG     sing N N 92  
ASN CB    HB2    sing N N 93  
ASN CB    HB3    sing N N 94  
ASN CG    OD1    doub N N 95  
ASN CG    ND2    sing N N 96  
ASN ND2   HD21   sing N N 97  
ASN ND2   HD22   sing N N 98  
ASN OXT   HXT    sing N N 99  
ASP N     CA     sing N N 100 
ASP N     H      sing N N 101 
ASP N     H2     sing N N 102 
ASP CA    C      sing N N 103 
ASP CA    CB     sing N N 104 
ASP CA    HA     sing N N 105 
ASP C     O      doub N N 106 
ASP C     OXT    sing N N 107 
ASP CB    CG     sing N N 108 
ASP CB    HB2    sing N N 109 
ASP CB    HB3    sing N N 110 
ASP CG    OD1    doub N N 111 
ASP CG    OD2    sing N N 112 
ASP OD2   HD2    sing N N 113 
ASP OXT   HXT    sing N N 114 
CYS N     CA     sing N N 115 
CYS N     H      sing N N 116 
CYS N     H2     sing N N 117 
CYS CA    C      sing N N 118 
CYS CA    CB     sing N N 119 
CYS CA    HA     sing N N 120 
CYS C     O      doub N N 121 
CYS C     OXT    sing N N 122 
CYS CB    SG     sing N N 123 
CYS CB    HB2    sing N N 124 
CYS CB    HB3    sing N N 125 
CYS SG    HG     sing N N 126 
CYS OXT   HXT    sing N N 127 
GLN N     CA     sing N N 128 
GLN N     H      sing N N 129 
GLN N     H2     sing N N 130 
GLN CA    C      sing N N 131 
GLN CA    CB     sing N N 132 
GLN CA    HA     sing N N 133 
GLN C     O      doub N N 134 
GLN C     OXT    sing N N 135 
GLN CB    CG     sing N N 136 
GLN CB    HB2    sing N N 137 
GLN CB    HB3    sing N N 138 
GLN CG    CD     sing N N 139 
GLN CG    HG2    sing N N 140 
GLN CG    HG3    sing N N 141 
GLN CD    OE1    doub N N 142 
GLN CD    NE2    sing N N 143 
GLN NE2   HE21   sing N N 144 
GLN NE2   HE22   sing N N 145 
GLN OXT   HXT    sing N N 146 
GLU N     CA     sing N N 147 
GLU N     H      sing N N 148 
GLU N     H2     sing N N 149 
GLU CA    C      sing N N 150 
GLU CA    CB     sing N N 151 
GLU CA    HA     sing N N 152 
GLU C     O      doub N N 153 
GLU C     OXT    sing N N 154 
GLU CB    CG     sing N N 155 
GLU CB    HB2    sing N N 156 
GLU CB    HB3    sing N N 157 
GLU CG    CD     sing N N 158 
GLU CG    HG2    sing N N 159 
GLU CG    HG3    sing N N 160 
GLU CD    OE1    doub N N 161 
GLU CD    OE2    sing N N 162 
GLU OE2   HE2    sing N N 163 
GLU OXT   HXT    sing N N 164 
GLY N     CA     sing N N 165 
GLY N     H      sing N N 166 
GLY N     H2     sing N N 167 
GLY CA    C      sing N N 168 
GLY CA    HA2    sing N N 169 
GLY CA    HA3    sing N N 170 
GLY C     O      doub N N 171 
GLY C     OXT    sing N N 172 
GLY OXT   HXT    sing N N 173 
HIS N     CA     sing N N 174 
HIS N     H      sing N N 175 
HIS N     H2     sing N N 176 
HIS CA    C      sing N N 177 
HIS CA    CB     sing N N 178 
HIS CA    HA     sing N N 179 
HIS C     O      doub N N 180 
HIS C     OXT    sing N N 181 
HIS CB    CG     sing N N 182 
HIS CB    HB2    sing N N 183 
HIS CB    HB3    sing N N 184 
HIS CG    ND1    sing Y N 185 
HIS CG    CD2    doub Y N 186 
HIS ND1   CE1    doub Y N 187 
HIS ND1   HD1    sing N N 188 
HIS CD2   NE2    sing Y N 189 
HIS CD2   HD2    sing N N 190 
HIS CE1   NE2    sing Y N 191 
HIS CE1   HE1    sing N N 192 
HIS NE2   HE2    sing N N 193 
HIS OXT   HXT    sing N N 194 
HOH O     H1     sing N N 195 
HOH O     H2     sing N N 196 
ILE N     CA     sing N N 197 
ILE N     H      sing N N 198 
ILE N     H2     sing N N 199 
ILE CA    C      sing N N 200 
ILE CA    CB     sing N N 201 
ILE CA    HA     sing N N 202 
ILE C     O      doub N N 203 
ILE C     OXT    sing N N 204 
ILE CB    CG1    sing N N 205 
ILE CB    CG2    sing N N 206 
ILE CB    HB     sing N N 207 
ILE CG1   CD1    sing N N 208 
ILE CG1   HG12   sing N N 209 
ILE CG1   HG13   sing N N 210 
ILE CG2   HG21   sing N N 211 
ILE CG2   HG22   sing N N 212 
ILE CG2   HG23   sing N N 213 
ILE CD1   HD11   sing N N 214 
ILE CD1   HD12   sing N N 215 
ILE CD1   HD13   sing N N 216 
ILE OXT   HXT    sing N N 217 
LEU N     CA     sing N N 218 
LEU N     H      sing N N 219 
LEU N     H2     sing N N 220 
LEU CA    C      sing N N 221 
LEU CA    CB     sing N N 222 
LEU CA    HA     sing N N 223 
LEU C     O      doub N N 224 
LEU C     OXT    sing N N 225 
LEU CB    CG     sing N N 226 
LEU CB    HB2    sing N N 227 
LEU CB    HB3    sing N N 228 
LEU CG    CD1    sing N N 229 
LEU CG    CD2    sing N N 230 
LEU CG    HG     sing N N 231 
LEU CD1   HD11   sing N N 232 
LEU CD1   HD12   sing N N 233 
LEU CD1   HD13   sing N N 234 
LEU CD2   HD21   sing N N 235 
LEU CD2   HD22   sing N N 236 
LEU CD2   HD23   sing N N 237 
LEU OXT   HXT    sing N N 238 
LYS N     CA     sing N N 239 
LYS N     H      sing N N 240 
LYS N     H2     sing N N 241 
LYS CA    C      sing N N 242 
LYS CA    CB     sing N N 243 
LYS CA    HA     sing N N 244 
LYS C     O      doub N N 245 
LYS C     OXT    sing N N 246 
LYS CB    CG     sing N N 247 
LYS CB    HB2    sing N N 248 
LYS CB    HB3    sing N N 249 
LYS CG    CD     sing N N 250 
LYS CG    HG2    sing N N 251 
LYS CG    HG3    sing N N 252 
LYS CD    CE     sing N N 253 
LYS CD    HD2    sing N N 254 
LYS CD    HD3    sing N N 255 
LYS CE    NZ     sing N N 256 
LYS CE    HE2    sing N N 257 
LYS CE    HE3    sing N N 258 
LYS NZ    HZ1    sing N N 259 
LYS NZ    HZ2    sing N N 260 
LYS NZ    HZ3    sing N N 261 
LYS OXT   HXT    sing N N 262 
MET N     CA     sing N N 263 
MET N     H      sing N N 264 
MET N     H2     sing N N 265 
MET CA    C      sing N N 266 
MET CA    CB     sing N N 267 
MET CA    HA     sing N N 268 
MET C     O      doub N N 269 
MET C     OXT    sing N N 270 
MET CB    CG     sing N N 271 
MET CB    HB2    sing N N 272 
MET CB    HB3    sing N N 273 
MET CG    SD     sing N N 274 
MET CG    HG2    sing N N 275 
MET CG    HG3    sing N N 276 
MET SD    CE     sing N N 277 
MET CE    HE1    sing N N 278 
MET CE    HE2    sing N N 279 
MET CE    HE3    sing N N 280 
MET OXT   HXT    sing N N 281 
PHE N     CA     sing N N 282 
PHE N     H      sing N N 283 
PHE N     H2     sing N N 284 
PHE CA    C      sing N N 285 
PHE CA    CB     sing N N 286 
PHE CA    HA     sing N N 287 
PHE C     O      doub N N 288 
PHE C     OXT    sing N N 289 
PHE CB    CG     sing N N 290 
PHE CB    HB2    sing N N 291 
PHE CB    HB3    sing N N 292 
PHE CG    CD1    doub Y N 293 
PHE CG    CD2    sing Y N 294 
PHE CD1   CE1    sing Y N 295 
PHE CD1   HD1    sing N N 296 
PHE CD2   CE2    doub Y N 297 
PHE CD2   HD2    sing N N 298 
PHE CE1   CZ     doub Y N 299 
PHE CE1   HE1    sing N N 300 
PHE CE2   CZ     sing Y N 301 
PHE CE2   HE2    sing N N 302 
PHE CZ    HZ     sing N N 303 
PHE OXT   HXT    sing N N 304 
PRO N     CA     sing N N 305 
PRO N     CD     sing N N 306 
PRO N     H      sing N N 307 
PRO CA    C      sing N N 308 
PRO CA    CB     sing N N 309 
PRO CA    HA     sing N N 310 
PRO C     O      doub N N 311 
PRO C     OXT    sing N N 312 
PRO CB    CG     sing N N 313 
PRO CB    HB2    sing N N 314 
PRO CB    HB3    sing N N 315 
PRO CG    CD     sing N N 316 
PRO CG    HG2    sing N N 317 
PRO CG    HG3    sing N N 318 
PRO CD    HD2    sing N N 319 
PRO CD    HD3    sing N N 320 
PRO OXT   HXT    sing N N 321 
SER N     CA     sing N N 322 
SER N     H      sing N N 323 
SER N     H2     sing N N 324 
SER CA    C      sing N N 325 
SER CA    CB     sing N N 326 
SER CA    HA     sing N N 327 
SER C     O      doub N N 328 
SER C     OXT    sing N N 329 
SER CB    OG     sing N N 330 
SER CB    HB2    sing N N 331 
SER CB    HB3    sing N N 332 
SER OG    HG     sing N N 333 
SER OXT   HXT    sing N N 334 
THR N     CA     sing N N 335 
THR N     H      sing N N 336 
THR N     H2     sing N N 337 
THR CA    C      sing N N 338 
THR CA    CB     sing N N 339 
THR CA    HA     sing N N 340 
THR C     O      doub N N 341 
THR C     OXT    sing N N 342 
THR CB    OG1    sing N N 343 
THR CB    CG2    sing N N 344 
THR CB    HB     sing N N 345 
THR OG1   HG1    sing N N 346 
THR CG2   HG21   sing N N 347 
THR CG2   HG22   sing N N 348 
THR CG2   HG23   sing N N 349 
THR OXT   HXT    sing N N 350 
TRP N     CA     sing N N 351 
TRP N     H      sing N N 352 
TRP N     H2     sing N N 353 
TRP CA    C      sing N N 354 
TRP CA    CB     sing N N 355 
TRP CA    HA     sing N N 356 
TRP C     O      doub N N 357 
TRP C     OXT    sing N N 358 
TRP CB    CG     sing N N 359 
TRP CB    HB2    sing N N 360 
TRP CB    HB3    sing N N 361 
TRP CG    CD1    doub Y N 362 
TRP CG    CD2    sing Y N 363 
TRP CD1   NE1    sing Y N 364 
TRP CD1   HD1    sing N N 365 
TRP CD2   CE2    doub Y N 366 
TRP CD2   CE3    sing Y N 367 
TRP NE1   CE2    sing Y N 368 
TRP NE1   HE1    sing N N 369 
TRP CE2   CZ2    sing Y N 370 
TRP CE3   CZ3    doub Y N 371 
TRP CE3   HE3    sing N N 372 
TRP CZ2   CH2    doub Y N 373 
TRP CZ2   HZ2    sing N N 374 
TRP CZ3   CH2    sing Y N 375 
TRP CZ3   HZ3    sing N N 376 
TRP CH2   HH2    sing N N 377 
TRP OXT   HXT    sing N N 378 
TYR N     CA     sing N N 379 
TYR N     H      sing N N 380 
TYR N     H2     sing N N 381 
TYR CA    C      sing N N 382 
TYR CA    CB     sing N N 383 
TYR CA    HA     sing N N 384 
TYR C     O      doub N N 385 
TYR C     OXT    sing N N 386 
TYR CB    CG     sing N N 387 
TYR CB    HB2    sing N N 388 
TYR CB    HB3    sing N N 389 
TYR CG    CD1    doub Y N 390 
TYR CG    CD2    sing Y N 391 
TYR CD1   CE1    sing Y N 392 
TYR CD1   HD1    sing N N 393 
TYR CD2   CE2    doub Y N 394 
TYR CD2   HD2    sing N N 395 
TYR CE1   CZ     doub Y N 396 
TYR CE1   HE1    sing N N 397 
TYR CE2   CZ     sing Y N 398 
TYR CE2   HE2    sing N N 399 
TYR CZ    OH     sing N N 400 
TYR OH    HH     sing N N 401 
TYR OXT   HXT    sing N N 402 
VAL N     CA     sing N N 403 
VAL N     H      sing N N 404 
VAL N     H2     sing N N 405 
VAL CA    C      sing N N 406 
VAL CA    CB     sing N N 407 
VAL CA    HA     sing N N 408 
VAL C     O      doub N N 409 
VAL C     OXT    sing N N 410 
VAL CB    CG1    sing N N 411 
VAL CB    CG2    sing N N 412 
VAL CB    HB     sing N N 413 
VAL CG1   HG11   sing N N 414 
VAL CG1   HG12   sing N N 415 
VAL CG1   HG13   sing N N 416 
VAL CG2   HG21   sing N N 417 
VAL CG2   HG22   sing N N 418 
VAL CG2   HG23   sing N N 419 
VAL OXT   HXT    sing N N 420 
# 
_atom_sites.entry_id                    1RZY 
_atom_sites.fract_transf_matrix[1][1]   0.00503038 
_atom_sites.fract_transf_matrix[1][2]   0.00691235 
_atom_sites.fract_transf_matrix[1][3]   -0.02356734 
_atom_sites.fract_transf_matrix[2][1]   0.02439709 
_atom_sites.fract_transf_matrix[2][2]   0.00136093 
_atom_sites.fract_transf_matrix[2][3]   0.00560665 
_atom_sites.fract_transf_matrix[3][1]   0.00079201 
_atom_sites.fract_transf_matrix[3][2]   -0.00674480 
_atom_sites.fract_transf_matrix[3][3]   -0.00180921 
_atom_sites.fract_transf_vector[1]      0.297147 
_atom_sites.fract_transf_vector[2]      0.399031 
_atom_sites.fract_transf_vector[3]      0.438160 
# 
loop_
_atom_type.symbol 
C 
N 
O 
S 
# 
loop_
_atom_site.group_PDB 
_atom_site.id 
_atom_site.type_symbol 
_atom_site.label_atom_id 
_atom_site.label_alt_id 
_atom_site.label_comp_id 
_atom_site.label_asym_id 
_atom_site.label_entity_id 
_atom_site.label_seq_id 
_atom_site.pdbx_PDB_ins_code 
_atom_site.Cartn_x 
_atom_site.Cartn_y 
_atom_site.Cartn_z 
_atom_site.occupancy 
_atom_site.B_iso_or_equiv 
_atom_site.pdbx_formal_charge 
_atom_site.auth_seq_id 
_atom_site.auth_comp_id 
_atom_site.auth_asym_id 
_atom_site.auth_atom_id 
_atom_site.pdbx_PDB_model_num 
ATOM   1   N N     . PRO A 1 13  ? 3.935   16.832  -8.309  1.00 35.96 ? 13  PRO A N     1 
ATOM   2   C CA    . PRO A 1 13  ? 4.312   15.460  -7.920  1.00 35.58 ? 13  PRO A CA    1 
ATOM   3   C C     . PRO A 1 13  ? 3.298   14.885  -6.933  1.00 35.23 ? 13  PRO A C     1 
ATOM   4   O O     . PRO A 1 13  ? 2.590   15.634  -6.246  1.00 35.67 ? 13  PRO A O     1 
ATOM   5   C CB    . PRO A 1 13  ? 5.684   15.556  -7.274  1.00 36.19 ? 13  PRO A CB    1 
ATOM   6   C CG    . PRO A 1 13  ? 5.608   16.927  -6.643  1.00 36.47 ? 13  PRO A CG    1 
ATOM   7   C CD    . PRO A 1 13  ? 4.870   17.794  -7.696  1.00 36.19 ? 13  PRO A CD    1 
ATOM   8   N N     . GLY A 1 14  ? 3.220   13.559  -6.887  1.00 33.48 ? 14  GLY A N     1 
ATOM   9   C CA    . GLY A 1 14  ? 2.313   12.895  -5.969  1.00 32.53 ? 14  GLY A CA    1 
ATOM   10  C C     . GLY A 1 14  ? 0.865   12.772  -6.406  1.00 31.02 ? 14  GLY A C     1 
ATOM   11  O O     . GLY A 1 14  ? 0.148   11.922  -5.890  1.00 30.45 ? 14  GLY A O     1 
ATOM   12  N N     . GLY A 1 15  ? 0.426   13.615  -7.336  1.00 30.87 ? 15  GLY A N     1 
ATOM   13  C CA    . GLY A 1 15  ? -0.951  13.545  -7.796  1.00 30.32 ? 15  GLY A CA    1 
ATOM   14  C C     . GLY A 1 15  ? -1.910  14.387  -6.977  1.00 29.60 ? 15  GLY A C     1 
ATOM   15  O O     . GLY A 1 15  ? -1.476  15.189  -6.135  1.00 30.46 ? 15  GLY A O     1 
ATOM   16  N N     . ASP A 1 16  ? -3.212  14.216  -7.205  1.00 28.27 ? 16  ASP A N     1 
ATOM   17  C CA    . ASP A 1 16  ? -4.209  15.009  -6.484  1.00 26.67 ? 16  ASP A CA    1 
ATOM   18  C C     . ASP A 1 16  ? -5.281  14.161  -5.779  1.00 25.95 ? 16  ASP A C     1 
ATOM   19  O O     . ASP A 1 16  ? -6.491  14.378  -5.952  1.00 28.42 ? 16  ASP A O     1 
ATOM   20  C CB    . ASP A 1 16  ? -4.880  16.002  -7.437  1.00 28.33 ? 16  ASP A CB    1 
ATOM   21  N N     . THR A 1 17  ? -4.833  13.216  -4.957  1.00 22.28 ? 17  THR A N     1 
ATOM   22  C CA    . THR A 1 17  ? -5.738  12.353  -4.202  1.00 17.95 ? 17  THR A CA    1 
ATOM   23  C C     . THR A 1 17  ? -5.307  12.478  -2.746  1.00 16.96 ? 17  THR A C     1 
ATOM   24  O O     . THR A 1 17  ? -4.390  13.233  -2.437  1.00 15.29 ? 17  THR A O     1 
ATOM   25  C CB    . THR A 1 17  ? -5.589  10.880  -4.618  1.00 17.52 ? 17  THR A CB    1 
ATOM   26  O OG1   . THR A 1 17  ? -4.362  10.356  -4.098  1.00 13.88 ? 17  THR A OG1   1 
ATOM   27  C CG2   . THR A 1 17  ? -5.580  10.750  -6.144  1.00 19.06 ? 17  THR A CG2   1 
ATOM   28  N N     . ILE A 1 18  ? -5.970  11.746  -1.858  1.00 15.56 ? 18  ILE A N     1 
ATOM   29  C CA    . ILE A 1 18  ? -5.617  11.757  -0.441  1.00 17.34 ? 18  ILE A CA    1 
ATOM   30  C C     . ILE A 1 18  ? -4.136  11.401  -0.288  1.00 16.91 ? 18  ILE A C     1 
ATOM   31  O O     . ILE A 1 18  ? -3.415  12.010  0.494   1.00 15.83 ? 18  ILE A O     1 
ATOM   32  C CB    . ILE A 1 18  ? -6.430  10.703  0.363   1.00 17.47 ? 18  ILE A CB    1 
ATOM   33  C CG1   . ILE A 1 18  ? -7.884  11.151  0.503   1.00 18.15 ? 18  ILE A CG1   1 
ATOM   34  C CG2   . ILE A 1 18  ? -5.775  10.467  1.727   1.00 18.84 ? 18  ILE A CG2   1 
ATOM   35  C CD1   . ILE A 1 18  ? -8.792  10.086  1.110   1.00 19.37 ? 18  ILE A CD1   1 
ATOM   36  N N     . PHE A 1 19  ? -3.695  10.401  -1.043  1.00 16.42 ? 19  PHE A N     1 
ATOM   37  C CA    . PHE A 1 19  ? -2.313  9.947   -0.961  1.00 15.38 ? 19  PHE A CA    1 
ATOM   38  C C     . PHE A 1 19  ? -1.321  10.951  -1.517  1.00 14.75 ? 19  PHE A C     1 
ATOM   39  O O     . PHE A 1 19  ? -0.150  10.937  -1.153  1.00 14.26 ? 19  PHE A O     1 
ATOM   40  C CB    . PHE A 1 19  ? -2.165  8.597   -1.667  1.00 15.89 ? 19  PHE A CB    1 
ATOM   41  C CG    . PHE A 1 19  ? -2.969  7.490   -1.028  1.00 17.52 ? 19  PHE A CG    1 
ATOM   42  C CD1   . PHE A 1 19  ? -3.507  7.653   0.247   1.00 18.64 ? 19  PHE A CD1   1 
ATOM   43  C CD2   . PHE A 1 19  ? -3.178  6.289   -1.688  1.00 19.33 ? 19  PHE A CD2   1 
ATOM   44  C CE1   . PHE A 1 19  ? -4.234  6.638   0.857   1.00 18.17 ? 19  PHE A CE1   1 
ATOM   45  C CE2   . PHE A 1 19  ? -3.909  5.257   -1.087  1.00 20.27 ? 19  PHE A CE2   1 
ATOM   46  C CZ    . PHE A 1 19  ? -4.437  5.438   0.188   1.00 19.94 ? 19  PHE A CZ    1 
ATOM   47  N N     . GLY A 1 20  ? -1.798  11.830  -2.388  1.00 15.66 ? 20  GLY A N     1 
ATOM   48  C CA    . GLY A 1 20  ? -0.924  12.838  -2.955  1.00 15.87 ? 20  GLY A CA    1 
ATOM   49  C C     . GLY A 1 20  ? -0.503  13.804  -1.866  1.00 15.21 ? 20  GLY A C     1 
ATOM   50  O O     . GLY A 1 20  ? 0.654   14.227  -1.800  1.00 15.24 ? 20  GLY A O     1 
ATOM   51  N N     . LYS A 1 21  ? -1.451  14.145  -1.002  1.00 15.92 ? 21  LYS A N     1 
ATOM   52  C CA    . LYS A 1 21  ? -1.183  15.055  0.100   1.00 16.59 ? 21  LYS A CA    1 
ATOM   53  C C     . LYS A 1 21  ? -0.275  14.389  1.118   1.00 15.38 ? 21  LYS A C     1 
ATOM   54  O O     . LYS A 1 21  ? 0.578   15.035  1.711   1.00 15.26 ? 21  LYS A O     1 
ATOM   55  C CB    . LYS A 1 21  ? -2.488  15.473  0.774   1.00 18.36 ? 21  LYS A CB    1 
ATOM   56  C CG    . LYS A 1 21  ? -3.547  15.935  -0.200  1.00 21.94 ? 21  LYS A CG    1 
ATOM   57  C CD    . LYS A 1 21  ? -4.578  16.808  0.475   1.00 25.29 ? 21  LYS A CD    1 
ATOM   58  C CE    . LYS A 1 21  ? -5.792  16.979  -0.423  1.00 27.17 ? 21  LYS A CE    1 
ATOM   59  N NZ    . LYS A 1 21  ? -5.429  17.353  -1.823  1.00 30.06 ? 21  LYS A NZ    1 
ATOM   60  N N     . ILE A 1 22  ? -0.464  13.090  1.331   1.00 14.45 ? 22  ILE A N     1 
ATOM   61  C CA    . ILE A 1 22  ? 0.379   12.372  2.274   1.00 13.97 ? 22  ILE A CA    1 
ATOM   62  C C     . ILE A 1 22  ? 1.820   12.375  1.780   1.00 14.61 ? 22  ILE A C     1 
ATOM   63  O O     . ILE A 1 22  ? 2.749   12.584  2.560   1.00 14.05 ? 22  ILE A O     1 
ATOM   64  C CB    . ILE A 1 22  ? -0.109  10.917  2.481   1.00 14.38 ? 22  ILE A CB    1 
ATOM   65  C CG1   . ILE A 1 22  ? -1.449  10.939  3.221   1.00 14.67 ? 22  ILE A CG1   1 
ATOM   66  C CG2   . ILE A 1 22  ? 0.935   10.113  3.259   1.00 14.08 ? 22  ILE A CG2   1 
ATOM   67  C CD1   . ILE A 1 22  ? -2.022  9.569   3.568   1.00 15.45 ? 22  ILE A CD1   1 
ATOM   68  N N     . ILE A 1 23  ? 1.994   12.159  0.475   1.00 14.64 ? 23  ILE A N     1 
ATOM   69  C CA    . ILE A 1 23  ? 3.313   12.137  -0.147  1.00 14.37 ? 23  ILE A CA    1 
ATOM   70  C C     . ILE A 1 23  ? 4.012   13.488  -0.026  1.00 15.65 ? 23  ILE A C     1 
ATOM   71  O O     . ILE A 1 23  ? 5.204   13.555  0.296   1.00 16.57 ? 23  ILE A O     1 
ATOM   72  C CB    . ILE A 1 23  ? 3.209   11.754  -1.642  1.00 14.40 ? 23  ILE A CB    1 
ATOM   73  C CG1   . ILE A 1 23  ? 2.810   10.281  -1.769  1.00 14.30 ? 23  ILE A CG1   1 
ATOM   74  C CG2   . ILE A 1 23  ? 4.533   12.015  -2.354  1.00 14.63 ? 23  ILE A CG2   1 
ATOM   75  C CD1   . ILE A 1 23  ? 2.437   9.870   -3.183  1.00 13.34 ? 23  ILE A CD1   1 
ATOM   76  N N     . ARG A 1 24  ? 3.270   14.560  -0.279  1.00 16.32 ? 24  ARG A N     1 
ATOM   77  C CA    . ARG A 1 24  ? 3.826   15.907  -0.194  1.00 18.78 ? 24  ARG A CA    1 
ATOM   78  C C     . ARG A 1 24  ? 3.958   16.354  1.261   1.00 20.33 ? 24  ARG A C     1 
ATOM   79  O O     . ARG A 1 24  ? 4.433   17.464  1.554   1.00 20.64 ? 24  ARG A O     1 
ATOM   80  C CB    . ARG A 1 24  ? 2.947   16.883  -0.971  1.00 18.89 ? 24  ARG A CB    1 
ATOM   81  C CG    . ARG A 1 24  ? 2.902   16.615  -2.469  1.00 19.75 ? 24  ARG A CG    1 
ATOM   82  C CD    . ARG A 1 24  ? 2.189   17.750  -3.188  1.00 18.80 ? 24  ARG A CD    1 
ATOM   83  N NE    . ARG A 1 24  ? 0.825   17.918  -2.699  1.00 23.42 ? 24  ARG A NE    1 
ATOM   84  C CZ    . ARG A 1 24  ? -0.227  17.239  -3.143  1.00 24.35 ? 24  ARG A CZ    1 
ATOM   85  N NH1   . ARG A 1 24  ? -0.082  16.340  -4.106  1.00 25.10 ? 24  ARG A NH1   1 
ATOM   86  N NH2   . ARG A 1 24  ? -1.424  17.444  -2.606  1.00 26.82 ? 24  ARG A NH2   1 
ATOM   87  N N     . LYS A 1 25  ? 3.520   15.482  2.162   1.00 20.62 ? 25  LYS A N     1 
ATOM   88  C CA    . LYS A 1 25  ? 3.594   15.724  3.599   1.00 21.39 ? 25  LYS A CA    1 
ATOM   89  C C     . LYS A 1 25  ? 2.729   16.893  4.052   1.00 21.80 ? 25  LYS A C     1 
ATOM   90  O O     . LYS A 1 25  ? 2.972   17.492  5.101   1.00 22.10 ? 25  LYS A O     1 
ATOM   91  C CB    . LYS A 1 25  ? 5.056   15.944  4.008   1.00 21.40 ? 25  LYS A CB    1 
ATOM   92  C CG    . LYS A 1 25  ? 5.978   14.831  3.532   1.00 22.30 ? 25  LYS A CG    1 
ATOM   93  C CD    . LYS A 1 25  ? 7.437   15.137  3.796   1.00 22.75 ? 25  LYS A CD    1 
ATOM   94  C CE    . LYS A 1 25  ? 8.329   14.033  3.236   1.00 24.22 ? 25  LYS A CE    1 
ATOM   95  N NZ    . LYS A 1 25  ? 7.965   12.704  3.799   1.00 23.26 ? 25  LYS A NZ    1 
ATOM   96  N N     . GLU A 1 26  ? 1.712   17.207  3.258   1.00 21.74 ? 26  GLU A N     1 
ATOM   97  C CA    . GLU A 1 26  ? 0.795   18.282  3.582   1.00 22.33 ? 26  GLU A CA    1 
ATOM   98  C C     . GLU A 1 26  ? -0.055  17.828  4.761   1.00 22.76 ? 26  GLU A C     1 
ATOM   99  O O     . GLU A 1 26  ? -0.437  18.631  5.607   1.00 23.96 ? 26  GLU A O     1 
ATOM   100 C CB    . GLU A 1 26  ? -0.065  18.609  2.364   1.00 21.27 ? 26  GLU A CB    1 
ATOM   101 C CG    . GLU A 1 26  ? 0.781   19.080  1.201   1.00 22.24 ? 26  GLU A CG    1 
ATOM   102 C CD    . GLU A 1 26  ? -0.025  19.469  -0.010  1.00 23.70 ? 26  GLU A CD    1 
ATOM   103 O OE1   . GLU A 1 26  ? -1.274  19.511  0.087   1.00 25.90 ? 26  GLU A OE1   1 
ATOM   104 O OE2   . GLU A 1 26  ? 0.601   19.735  -1.063  1.00 22.27 ? 26  GLU A OE2   1 
ATOM   105 N N     . ILE A 1 27  ? -0.355  16.534  4.807   1.00 22.69 ? 27  ILE A N     1 
ATOM   106 C CA    . ILE A 1 27  ? -1.107  15.966  5.918   1.00 23.38 ? 27  ILE A CA    1 
ATOM   107 C C     . ILE A 1 27  ? -0.297  14.752  6.365   1.00 23.01 ? 27  ILE A C     1 
ATOM   108 O O     . ILE A 1 27  ? 0.058   13.898  5.549   1.00 24.69 ? 27  ILE A O     1 
ATOM   109 C CB    . ILE A 1 27  ? -2.541  15.550  5.510   1.00 23.71 ? 27  ILE A CB    1 
ATOM   110 C CG1   . ILE A 1 27  ? -2.513  14.384  4.525   1.00 24.82 ? 27  ILE A CG1   1 
ATOM   111 C CG2   . ILE A 1 27  ? -3.268  16.746  4.906   1.00 23.45 ? 27  ILE A CG2   1 
ATOM   112 C CD1   . ILE A 1 27  ? -3.871  13.752  4.310   1.00 26.17 ? 27  ILE A CD1   1 
ATOM   113 N N     . PRO A 1 28  ? 0.033   14.673  7.665   1.00 22.51 ? 28  PRO A N     1 
ATOM   114 C CA    . PRO A 1 28  ? 0.819   13.552  8.185   1.00 21.76 ? 28  PRO A CA    1 
ATOM   115 C C     . PRO A 1 28  ? 0.129   12.201  8.195   1.00 20.42 ? 28  PRO A C     1 
ATOM   116 O O     . PRO A 1 28  ? -1.094  12.107  8.139   1.00 19.14 ? 28  PRO A O     1 
ATOM   117 C CB    . PRO A 1 28  ? 1.186   14.012  9.595   1.00 22.48 ? 28  PRO A CB    1 
ATOM   118 C CG    . PRO A 1 28  ? -0.002  14.822  9.991   1.00 23.07 ? 28  PRO A CG    1 
ATOM   119 C CD    . PRO A 1 28  ? -0.274  15.633  8.742   1.00 22.90 ? 28  PRO A CD    1 
ATOM   120 N N     . ALA A 1 29  ? 0.947   11.160  8.268   1.00 20.18 ? 29  ALA A N     1 
ATOM   121 C CA    . ALA A 1 29  ? 0.485   9.784   8.330   1.00 19.95 ? 29  ALA A CA    1 
ATOM   122 C C     . ALA A 1 29  ? 1.481   9.072   9.220   1.00 19.38 ? 29  ALA A C     1 
ATOM   123 O O     . ALA A 1 29  ? 2.544   9.609   9.510   1.00 21.38 ? 29  ALA A O     1 
ATOM   124 C CB    . ALA A 1 29  ? 0.504   9.174   6.940   1.00 18.70 ? 29  ALA A CB    1 
ATOM   125 N N     . LYS A 1 30  ? 1.135   7.870   9.661   1.00 20.27 ? 30  LYS A N     1 
ATOM   126 C CA    . LYS A 1 30  ? 2.019   7.083   10.507  1.00 20.55 ? 30  LYS A CA    1 
ATOM   127 C C     . LYS A 1 30  ? 3.009   6.387   9.620   1.00 19.39 ? 30  LYS A C     1 
ATOM   128 O O     . LYS A 1 30  ? 2.891   5.188   9.377   1.00 19.42 ? 30  LYS A O     1 
ATOM   129 C CB    . LYS A 1 30  ? 1.194   6.083   11.315  1.00 23.34 ? 30  LYS A CB    1 
ATOM   130 C CG    . LYS A 1 30  ? 0.206   6.701   12.294  1.00 27.69 ? 30  LYS A CG    1 
ATOM   131 C CD    . LYS A 1 30  ? 0.939   7.408   13.432  1.00 32.15 ? 30  LYS A CD    1 
ATOM   132 C CE    . LYS A 1 30  ? -0.040  8.021   14.424  1.00 33.83 ? 30  LYS A CE    1 
ATOM   133 N NZ    . LYS A 1 30  ? 0.667   8.699   15.548  1.00 35.38 ? 30  LYS A NZ    1 
ATOM   134 N N     . ILE A 1 31  ? 3.947   7.157   9.075   1.00 18.06 ? 31  ILE A N     1 
ATOM   135 C CA    . ILE A 1 31  ? 4.953   6.640   8.163   1.00 17.59 ? 31  ILE A CA    1 
ATOM   136 C C     . ILE A 1 31  ? 5.891   5.642   8.835   1.00 18.04 ? 31  ILE A C     1 
ATOM   137 O O     . ILE A 1 31  ? 6.474   5.927   9.885   1.00 18.42 ? 31  ILE A O     1 
ATOM   138 C CB    . ILE A 1 31  ? 5.774   7.788   7.553   1.00 17.17 ? 31  ILE A CB    1 
ATOM   139 C CG1   . ILE A 1 31  ? 4.855   8.691   6.729   1.00 17.42 ? 31  ILE A CG1   1 
ATOM   140 C CG2   . ILE A 1 31  ? 6.899   7.240   6.691   1.00 17.28 ? 31  ILE A CG2   1 
ATOM   141 C CD1   . ILE A 1 31  ? 5.544   9.895   6.102   1.00 17.40 ? 31  ILE A CD1   1 
ATOM   142 N N     . ILE A 1 32  ? 6.047   4.469   8.224   1.00 17.24 ? 32  ILE A N     1 
ATOM   143 C CA    . ILE A 1 32  ? 6.913   3.435   8.779   1.00 17.64 ? 32  ILE A CA    1 
ATOM   144 C C     . ILE A 1 32  ? 8.081   3.089   7.871   1.00 17.55 ? 32  ILE A C     1 
ATOM   145 O O     . ILE A 1 32  ? 8.931   2.271   8.226   1.00 18.18 ? 32  ILE A O     1 
ATOM   146 C CB    . ILE A 1 32  ? 6.120   2.149   9.064   1.00 18.88 ? 32  ILE A CB    1 
ATOM   147 C CG1   . ILE A 1 32  ? 5.513   1.607   7.770   1.00 19.18 ? 32  ILE A CG1   1 
ATOM   148 C CG2   . ILE A 1 32  ? 5.033   2.437   10.072  1.00 17.62 ? 32  ILE A CG2   1 
ATOM   149 C CD1   . ILE A 1 32  ? 5.000   0.176   7.880   1.00 22.32 ? 32  ILE A CD1   1 
ATOM   150 N N     . PHE A 1 33  ? 8.127   3.707   6.697   1.00 17.34 ? 33  PHE A N     1 
ATOM   151 C CA    . PHE A 1 33  ? 9.199   3.454   5.744   1.00 17.67 ? 33  PHE A CA    1 
ATOM   152 C C     . PHE A 1 33  ? 9.095   4.449   4.600   1.00 16.50 ? 33  PHE A C     1 
ATOM   153 O O     . PHE A 1 33  ? 7.998   4.764   4.138   1.00 16.40 ? 33  PHE A O     1 
ATOM   154 C CB    . PHE A 1 33  ? 9.091   2.015   5.208   1.00 18.53 ? 33  PHE A CB    1 
ATOM   155 C CG    . PHE A 1 33  ? 10.164  1.638   4.219   1.00 21.20 ? 33  PHE A CG    1 
ATOM   156 C CD1   . PHE A 1 33  ? 10.141  2.129   2.918   1.00 21.30 ? 33  PHE A CD1   1 
ATOM   157 C CD2   . PHE A 1 33  ? 11.196  0.777   4.588   1.00 23.37 ? 33  PHE A CD2   1 
ATOM   158 C CE1   . PHE A 1 33  ? 11.126  1.771   1.999   1.00 22.12 ? 33  PHE A CE1   1 
ATOM   159 C CE2   . PHE A 1 33  ? 12.188  0.412   3.676   1.00 23.51 ? 33  PHE A CE2   1 
ATOM   160 C CZ    . PHE A 1 33  ? 12.154  0.909   2.382   1.00 23.00 ? 33  PHE A CZ    1 
ATOM   161 N N     . GLU A 1 34  ? 10.241  4.947   4.149   1.00 16.23 ? 34  GLU A N     1 
ATOM   162 C CA    . GLU A 1 34  ? 10.273  5.889   3.042   1.00 16.25 ? 34  GLU A CA    1 
ATOM   163 C C     . GLU A 1 34  ? 11.600  5.865   2.292   1.00 17.80 ? 34  GLU A C     1 
ATOM   164 O O     . GLU A 1 34  ? 12.663  5.932   2.901   1.00 18.39 ? 34  GLU A O     1 
ATOM   165 C CB    . GLU A 1 34  ? 9.993   7.326   3.526   1.00 17.63 ? 34  GLU A CB    1 
ATOM   166 C CG    . GLU A 1 34  ? 10.286  8.392   2.456   1.00 18.55 ? 34  GLU A CG    1 
ATOM   167 C CD    . GLU A 1 34  ? 9.747   9.783   2.779   1.00 19.10 ? 34  GLU A CD    1 
ATOM   168 O OE1   . GLU A 1 34  ? 9.457   10.081  3.951   1.00 21.84 ? 34  GLU A OE1   1 
ATOM   169 O OE2   . GLU A 1 34  ? 9.625   10.602  1.848   1.00 21.07 ? 34  GLU A OE2   1 
ATOM   170 N N     . ASP A 1 35  ? 11.530  5.725   0.972   1.00 17.59 ? 35  ASP A N     1 
ATOM   171 C CA    . ASP A 1 35  ? 12.723  5.777   0.135   1.00 18.41 ? 35  ASP A CA    1 
ATOM   172 C C     . ASP A 1 35  ? 12.358  6.649   -1.055  1.00 18.57 ? 35  ASP A C     1 
ATOM   173 O O     . ASP A 1 35  ? 11.267  7.209   -1.092  1.00 18.92 ? 35  ASP A O     1 
ATOM   174 C CB    . ASP A 1 35  ? 13.210  4.384   -0.312  1.00 17.96 ? 35  ASP A CB    1 
ATOM   175 C CG    . ASP A 1 35  ? 12.175  3.605   -1.093  1.00 17.67 ? 35  ASP A CG    1 
ATOM   176 O OD1   . ASP A 1 35  ? 11.349  4.230   -1.789  1.00 15.57 ? 35  ASP A OD1   1 
ATOM   177 O OD2   . ASP A 1 35  ? 12.214  2.353   -1.019  1.00 19.45 ? 35  ASP A OD2   1 
ATOM   178 N N     . ASP A 1 36  ? 13.256  6.782   -2.022  1.00 19.56 ? 36  ASP A N     1 
ATOM   179 C CA    . ASP A 1 36  ? 12.984  7.637   -3.171  1.00 21.13 ? 36  ASP A CA    1 
ATOM   180 C C     . ASP A 1 36  ? 11.859  7.143   -4.084  1.00 18.80 ? 36  ASP A C     1 
ATOM   181 O O     . ASP A 1 36  ? 11.374  7.885   -4.937  1.00 17.61 ? 36  ASP A O     1 
ATOM   182 C CB    . ASP A 1 36  ? 14.260  7.805   -3.995  1.00 25.02 ? 36  ASP A CB    1 
ATOM   183 C CG    . ASP A 1 36  ? 14.631  6.546   -4.735  1.00 28.27 ? 36  ASP A CG    1 
ATOM   184 O OD1   . ASP A 1 36  ? 14.617  5.468   -4.105  1.00 30.74 ? 36  ASP A OD1   1 
ATOM   185 O OD2   . ASP A 1 36  ? 14.934  6.629   -5.949  1.00 32.68 ? 36  ASP A OD2   1 
ATOM   186 N N     . GLN A 1 37  ? 11.438  5.899   -3.904  1.00 17.33 ? 37  GLN A N     1 
ATOM   187 C CA    . GLN A 1 37  ? 10.399  5.337   -4.755  1.00 16.57 ? 37  GLN A CA    1 
ATOM   188 C C     . GLN A 1 37  ? 9.024   5.206   -4.135  1.00 16.24 ? 37  GLN A C     1 
ATOM   189 O O     . GLN A 1 37  ? 8.008   5.358   -4.824  1.00 15.11 ? 37  GLN A O     1 
ATOM   190 C CB    . GLN A 1 37  ? 10.816  3.951   -5.231  1.00 18.75 ? 37  GLN A CB    1 
ATOM   191 C CG    . GLN A 1 37  ? 12.044  3.899   -6.108  1.00 19.63 ? 37  GLN A CG    1 
ATOM   192 C CD    . GLN A 1 37  ? 12.338  2.475   -6.521  1.00 20.95 ? 37  GLN A CD    1 
ATOM   193 O OE1   . GLN A 1 37  ? 13.085  1.765   -5.854  1.00 20.38 ? 37  GLN A OE1   1 
ATOM   194 N NE2   . GLN A 1 37  ? 11.719  2.040   -7.614  1.00 21.31 ? 37  GLN A NE2   1 
ATOM   195 N N     . CYS A 1 38  ? 8.981   4.914   -2.842  1.00 14.70 ? 38  CYS A N     1 
ATOM   196 C CA    . CYS A 1 38  ? 7.704   4.701   -2.186  1.00 14.48 ? 38  CYS A CA    1 
ATOM   197 C C     . CYS A 1 38  ? 7.674   5.131   -0.734  1.00 14.54 ? 38  CYS A C     1 
ATOM   198 O O     . CYS A 1 38  ? 8.676   5.569   -0.170  1.00 14.71 ? 38  CYS A O     1 
ATOM   199 C CB    . CYS A 1 38  ? 7.347   3.222   -2.254  1.00 14.24 ? 38  CYS A CB    1 
ATOM   200 S SG    . CYS A 1 38  ? 8.492   2.233   -1.270  1.00 15.26 ? 38  CYS A SG    1 
ATOM   201 N N     . LEU A 1 39  ? 6.499   4.960   -0.142  1.00 13.53 ? 39  LEU A N     1 
ATOM   202 C CA    . LEU A 1 39  ? 6.234   5.311   1.238   1.00 13.83 ? 39  LEU A CA    1 
ATOM   203 C C     . LEU A 1 39  ? 5.282   4.265   1.817   1.00 12.73 ? 39  LEU A C     1 
ATOM   204 O O     . LEU A 1 39  ? 4.432   3.736   1.106   1.00 12.77 ? 39  LEU A O     1 
ATOM   205 C CB    . LEU A 1 39  ? 5.585   6.694   1.280   1.00 17.39 ? 39  LEU A CB    1 
ATOM   206 C CG    . LEU A 1 39  ? 4.996   7.196   2.593   1.00 21.24 ? 39  LEU A CG    1 
ATOM   207 C CD1   . LEU A 1 39  ? 6.113   7.491   3.584   1.00 25.46 ? 39  LEU A CD1   1 
ATOM   208 C CD2   . LEU A 1 39  ? 4.183   8.455   2.323   1.00 24.39 ? 39  LEU A CD2   1 
ATOM   209 N N     . ALA A 1 40  ? 5.431   3.958   3.098   1.00 11.36 ? 40  ALA A N     1 
ATOM   210 C CA    . ALA A 1 40  ? 4.556   2.992   3.744   1.00 11.47 ? 40  ALA A CA    1 
ATOM   211 C C     . ALA A 1 40  ? 4.051   3.601   5.038   1.00 12.67 ? 40  ALA A C     1 
ATOM   212 O O     . ALA A 1 40  ? 4.818   4.202   5.791   1.00 12.16 ? 40  ALA A O     1 
ATOM   213 C CB    . ALA A 1 40  ? 5.304   1.696   4.027   1.00 11.98 ? 40  ALA A CB    1 
ATOM   214 N N     . PHE A 1 41  ? 2.756   3.455   5.292   1.00 12.93 ? 41  PHE A N     1 
ATOM   215 C CA    . PHE A 1 41  ? 2.160   3.998   6.507   1.00 12.51 ? 41  PHE A CA    1 
ATOM   216 C C     . PHE A 1 41  ? 0.972   3.161   6.951   1.00 12.58 ? 41  PHE A C     1 
ATOM   217 O O     . PHE A 1 41  ? 0.396   2.425   6.158   1.00 12.20 ? 41  PHE A O     1 
ATOM   218 C CB    . PHE A 1 41  ? 1.707   5.441   6.282   1.00 14.01 ? 41  PHE A CB    1 
ATOM   219 C CG    . PHE A 1 41  ? 0.889   5.633   5.040   1.00 12.04 ? 41  PHE A CG    1 
ATOM   220 C CD1   . PHE A 1 41  ? 1.508   5.840   3.811   1.00 12.81 ? 41  PHE A CD1   1 
ATOM   221 C CD2   . PHE A 1 41  ? -0.498  5.591   5.095   1.00 13.27 ? 41  PHE A CD2   1 
ATOM   222 C CE1   . PHE A 1 41  ? 0.758   6.003   2.654   1.00 12.04 ? 41  PHE A CE1   1 
ATOM   223 C CE2   . PHE A 1 41  ? -1.259  5.752   3.940   1.00 13.62 ? 41  PHE A CE2   1 
ATOM   224 C CZ    . PHE A 1 41  ? -0.629  5.959   2.719   1.00 13.05 ? 41  PHE A CZ    1 
ATOM   225 N N     . HIS A 1 42  ? 0.611   3.284   8.226   1.00 12.02 ? 42  HIS A N     1 
ATOM   226 C CA    . HIS A 1 42  ? -0.506  2.535   8.786   1.00 12.33 ? 42  HIS A CA    1 
ATOM   227 C C     . HIS A 1 42  ? -1.842  2.988   8.220   1.00 12.16 ? 42  HIS A C     1 
ATOM   228 O O     . HIS A 1 42  ? -2.067  4.177   8.009   1.00 12.73 ? 42  HIS A O     1 
ATOM   229 C CB    . HIS A 1 42  ? -0.516  2.683   10.307  1.00 14.01 ? 42  HIS A CB    1 
ATOM   230 C CG    . HIS A 1 42  ? 0.626   1.994   10.983  1.00 14.16 ? 42  HIS A CG    1 
ATOM   231 N ND1   . HIS A 1 42  ? 0.744   0.623   11.024  1.00 16.45 ? 42  HIS A ND1   1 
ATOM   232 C CD2   . HIS A 1 42  ? 1.703   2.484   11.642  1.00 16.29 ? 42  HIS A CD2   1 
ATOM   233 C CE1   . HIS A 1 42  ? 1.843   0.297   11.680  1.00 15.30 ? 42  HIS A CE1   1 
ATOM   234 N NE2   . HIS A 1 42  ? 2.442   1.408   12.066  1.00 14.96 ? 42  HIS A NE2   1 
ATOM   235 N N     . ASP A 1 43  ? -2.729  2.030   7.983   1.00 12.27 ? 43  ASP A N     1 
ATOM   236 C CA    . ASP A 1 43  ? -4.047  2.330   7.443   1.00 13.74 ? 43  ASP A CA    1 
ATOM   237 C C     . ASP A 1 43  ? -4.891  2.966   8.541   1.00 14.59 ? 43  ASP A C     1 
ATOM   238 O O     . ASP A 1 43  ? -4.887  2.501   9.679   1.00 14.96 ? 43  ASP A O     1 
ATOM   239 C CB    . ASP A 1 43  ? -4.713  1.049   6.943   1.00 13.44 ? 43  ASP A CB    1 
ATOM   240 C CG    . ASP A 1 43  ? -5.910  1.326   6.058   1.00 14.87 ? 43  ASP A CG    1 
ATOM   241 O OD1   . ASP A 1 43  ? -6.946  1.791   6.579   1.00 14.61 ? 43  ASP A OD1   1 
ATOM   242 O OD2   . ASP A 1 43  ? -5.812  1.086   4.836   1.00 15.00 ? 43  ASP A OD2   1 
ATOM   243 N N     . ILE A 1 44  ? -5.612  4.030   8.197   1.00 13.84 ? 44  ILE A N     1 
ATOM   244 C CA    . ILE A 1 44  ? -6.436  4.741   9.175   1.00 17.40 ? 44  ILE A CA    1 
ATOM   245 C C     . ILE A 1 44  ? -7.673  3.960   9.628   1.00 16.59 ? 44  ILE A C     1 
ATOM   246 O O     . ILE A 1 44  ? -8.285  4.296   10.645  1.00 16.49 ? 44  ILE A O     1 
ATOM   247 C CB    . ILE A 1 44  ? -6.895  6.115   8.621   1.00 18.20 ? 44  ILE A CB    1 
ATOM   248 C CG1   . ILE A 1 44  ? -7.537  6.933   9.734   1.00 21.28 ? 44  ILE A CG1   1 
ATOM   249 C CG2   . ILE A 1 44  ? -7.898  5.927   7.497   1.00 21.34 ? 44  ILE A CG2   1 
ATOM   250 C CD1   . ILE A 1 44  ? -6.587  7.300   10.844  1.00 23.79 ? 44  ILE A CD1   1 
ATOM   251 N N     . SER A 1 45  ? -8.036  2.932   8.868   1.00 15.50 ? 45  SER A N     1 
ATOM   252 C CA    . SER A 1 45  ? -9.192  2.087   9.182   1.00 14.90 ? 45  SER A CA    1 
ATOM   253 C C     . SER A 1 45  ? -8.738  0.630   9.099   1.00 14.62 ? 45  SER A C     1 
ATOM   254 O O     . SER A 1 45  ? -9.215  -0.137  8.259   1.00 13.85 ? 45  SER A O     1 
ATOM   255 C CB    . SER A 1 45  ? -10.317 2.329   8.172   1.00 16.28 ? 45  SER A CB    1 
ATOM   256 O OG    . SER A 1 45  ? -10.699 3.694   8.154   1.00 17.96 ? 45  SER A OG    1 
ATOM   257 N N     . PRO A 1 46  ? -7.822  0.227   9.994   1.00 14.02 ? 46  PRO A N     1 
ATOM   258 C CA    . PRO A 1 46  ? -7.273  -1.133  10.042  1.00 13.66 ? 46  PRO A CA    1 
ATOM   259 C C     . PRO A 1 46  ? -8.301  -2.255  10.083  1.00 14.27 ? 46  PRO A C     1 
ATOM   260 O O     . PRO A 1 46  ? -9.274  -2.193  10.835  1.00 13.42 ? 46  PRO A O     1 
ATOM   261 C CB    . PRO A 1 46  ? -6.387  -1.101  11.287  1.00 13.93 ? 46  PRO A CB    1 
ATOM   262 C CG    . PRO A 1 46  ? -7.103  -0.133  12.175  1.00 14.22 ? 46  PRO A CG    1 
ATOM   263 C CD    . PRO A 1 46  ? -7.460  0.973   11.213  1.00 12.64 ? 46  PRO A CD    1 
ATOM   264 N N     . GLN A 1 47  ? -8.076  -3.273  9.255   1.00 13.94 ? 47  GLN A N     1 
ATOM   265 C CA    . GLN A 1 47  ? -8.958  -4.442  9.183   1.00 14.37 ? 47  GLN A CA    1 
ATOM   266 C C     . GLN A 1 47  ? -8.289  -5.639  9.855   1.00 13.21 ? 47  GLN A C     1 
ATOM   267 O O     . GLN A 1 47  ? -8.782  -6.761  9.773   1.00 12.31 ? 47  GLN A O     1 
ATOM   268 C CB    . GLN A 1 47  ? -9.268  -4.789  7.723   1.00 14.58 ? 47  GLN A CB    1 
ATOM   269 C CG    . GLN A 1 47  ? -9.945  -3.672  6.948   1.00 14.92 ? 47  GLN A CG    1 
ATOM   270 C CD    . GLN A 1 47  ? -11.284 -3.300  7.547   1.00 16.42 ? 47  GLN A CD    1 
ATOM   271 O OE1   . GLN A 1 47  ? -12.196 -4.119  7.606   1.00 15.03 ? 47  GLN A OE1   1 
ATOM   272 N NE2   . GLN A 1 47  ? -11.407 -2.058  8.004   1.00 16.54 ? 47  GLN A NE2   1 
ATOM   273 N N     . ALA A 1 48  ? -7.161  -5.383  10.514  1.00 13.12 ? 48  ALA A N     1 
ATOM   274 C CA    . ALA A 1 48  ? -6.402  -6.420  11.212  1.00 12.99 ? 48  ALA A CA    1 
ATOM   275 C C     . ALA A 1 48  ? -5.451  -5.739  12.192  1.00 12.62 ? 48  ALA A C     1 
ATOM   276 O O     . ALA A 1 48  ? -5.202  -4.544  12.087  1.00 12.11 ? 48  ALA A O     1 
ATOM   277 C CB    . ALA A 1 48  ? -5.603  -7.256  10.201  1.00 13.58 ? 48  ALA A CB    1 
ATOM   278 N N     . PRO A 1 49  ? -4.912  -6.490  13.167  1.00 13.05 ? 49  PRO A N     1 
ATOM   279 C CA    . PRO A 1 49  ? -3.986  -5.910  14.147  1.00 13.15 ? 49  PRO A CA    1 
ATOM   280 C C     . PRO A 1 49  ? -2.908  -5.060  13.472  1.00 13.89 ? 49  PRO A C     1 
ATOM   281 O O     . PRO A 1 49  ? -2.557  -3.983  13.951  1.00 13.20 ? 49  PRO A O     1 
ATOM   282 C CB    . PRO A 1 49  ? -3.425  -7.142  14.844  1.00 12.19 ? 49  PRO A CB    1 
ATOM   283 C CG    . PRO A 1 49  ? -4.634  -8.043  14.887  1.00 13.66 ? 49  PRO A CG    1 
ATOM   284 C CD    . PRO A 1 49  ? -5.184  -7.907  13.475  1.00 12.19 ? 49  PRO A CD    1 
ATOM   285 N N     . THR A 1 50  ? -2.382  -5.564  12.359  1.00 12.82 ? 50  THR A N     1 
ATOM   286 C CA    . THR A 1 50  ? -1.386  -4.841  11.583  1.00 12.99 ? 50  THR A CA    1 
ATOM   287 C C     . THR A 1 50  ? -2.002  -4.675  10.205  1.00 11.36 ? 50  THR A C     1 
ATOM   288 O O     . THR A 1 50  ? -2.424  -5.644  9.580   1.00 11.53 ? 50  THR A O     1 
ATOM   289 C CB    . THR A 1 50  ? -0.049  -5.617  11.462  1.00 13.09 ? 50  THR A CB    1 
ATOM   290 O OG1   . THR A 1 50  ? 0.571   -5.699  12.747  1.00 12.90 ? 50  THR A OG1   1 
ATOM   291 C CG2   . THR A 1 50  ? 0.912   -4.894  10.500  1.00 13.59 ? 50  THR A CG2   1 
ATOM   292 N N     . HIS A 1 51  ? -2.078  -3.435  9.750   1.00 12.32 ? 51  HIS A N     1 
ATOM   293 C CA    . HIS A 1 51  ? -2.654  -3.135  8.453   1.00 10.67 ? 51  HIS A CA    1 
ATOM   294 C C     . HIS A 1 51  ? -2.065  -1.821  7.998   1.00 10.29 ? 51  HIS A C     1 
ATOM   295 O O     . HIS A 1 51  ? -2.409  -0.764  8.526   1.00 11.20 ? 51  HIS A O     1 
ATOM   296 C CB    . HIS A 1 51  ? -4.179  -3.014  8.562   1.00 9.05  ? 51  HIS A CB    1 
ATOM   297 C CG    . HIS A 1 51  ? -4.867  -2.747  7.257   1.00 10.34 ? 51  HIS A CG    1 
ATOM   298 N ND1   . HIS A 1 51  ? -6.235  -2.605  7.151   1.00 9.43  ? 51  HIS A ND1   1 
ATOM   299 C CD2   . HIS A 1 51  ? -4.377  -2.594  6.003   1.00 9.43  ? 51  HIS A CD2   1 
ATOM   300 C CE1   . HIS A 1 51  ? -6.556  -2.373  5.890   1.00 10.81 ? 51  HIS A CE1   1 
ATOM   301 N NE2   . HIS A 1 51  ? -5.447  -2.361  5.173   1.00 8.67  ? 51  HIS A NE2   1 
ATOM   302 N N     . PHE A 1 52  ? -1.155  -1.891  7.035   1.00 9.39  ? 52  PHE A N     1 
ATOM   303 C CA    . PHE A 1 52  ? -0.536  -0.688  6.514   1.00 9.60  ? 52  PHE A CA    1 
ATOM   304 C C     . PHE A 1 52  ? -0.593  -0.711  4.998   1.00 10.64 ? 52  PHE A C     1 
ATOM   305 O O     . PHE A 1 52  ? -0.972  -1.720  4.396   1.00 9.58  ? 52  PHE A O     1 
ATOM   306 C CB    . PHE A 1 52  ? 0.920   -0.551  6.991   1.00 9.06  ? 52  PHE A CB    1 
ATOM   307 C CG    . PHE A 1 52  ? 1.818   -1.690  6.581   1.00 10.53 ? 52  PHE A CG    1 
ATOM   308 C CD1   . PHE A 1 52  ? 1.981   -2.795  7.403   1.00 10.30 ? 52  PHE A CD1   1 
ATOM   309 C CD2   . PHE A 1 52  ? 2.506   -1.651  5.370   1.00 11.35 ? 52  PHE A CD2   1 
ATOM   310 C CE1   . PHE A 1 52  ? 2.819   -3.853  7.028   1.00 11.17 ? 52  PHE A CE1   1 
ATOM   311 C CE2   . PHE A 1 52  ? 3.348   -2.706  4.986   1.00 12.06 ? 52  PHE A CE2   1 
ATOM   312 C CZ    . PHE A 1 52  ? 3.500   -3.806  5.820   1.00 10.32 ? 52  PHE A CZ    1 
ATOM   313 N N     . LEU A 1 53  ? -0.232  0.415   4.393   1.00 9.26  ? 53  LEU A N     1 
ATOM   314 C CA    . LEU A 1 53  ? -0.233  0.537   2.946   1.00 10.27 ? 53  LEU A CA    1 
ATOM   315 C C     . LEU A 1 53  ? 1.162   0.880   2.453   1.00 11.28 ? 53  LEU A C     1 
ATOM   316 O O     . LEU A 1 53  ? 1.964   1.468   3.176   1.00 10.02 ? 53  LEU A O     1 
ATOM   317 C CB    . LEU A 1 53  ? -1.163  1.663   2.499   1.00 9.52  ? 53  LEU A CB    1 
ATOM   318 C CG    . LEU A 1 53  ? -2.584  1.708   3.050   1.00 11.57 ? 53  LEU A CG    1 
ATOM   319 C CD1   . LEU A 1 53  ? -3.312  2.907   2.463   1.00 11.26 ? 53  LEU A CD1   1 
ATOM   320 C CD2   . LEU A 1 53  ? -3.298  0.426   2.704   1.00 10.83 ? 53  LEU A CD2   1 
ATOM   321 N N     . VAL A 1 54  ? 1.440   0.504   1.212   1.00 10.61 ? 54  VAL A N     1 
ATOM   322 C CA    . VAL A 1 54  ? 2.715   0.833   0.602   1.00 10.33 ? 54  VAL A CA    1 
ATOM   323 C C     . VAL A 1 54  ? 2.302   1.479   -0.697  1.00 10.65 ? 54  VAL A C     1 
ATOM   324 O O     . VAL A 1 54  ? 1.572   0.884   -1.484  1.00 10.28 ? 54  VAL A O     1 
ATOM   325 C CB    . VAL A 1 54  ? 3.565   -0.410  0.298   1.00 9.22  ? 54  VAL A CB    1 
ATOM   326 C CG1   . VAL A 1 54  ? 4.907   0.020   -0.267  1.00 8.12  ? 54  VAL A CG1   1 
ATOM   327 C CG2   . VAL A 1 54  ? 3.755   -1.231  1.556   1.00 10.65 ? 54  VAL A CG2   1 
ATOM   328 N N     . ILE A 1 55  ? 2.740   2.710   -0.914  1.00 9.84  ? 55  ILE A N     1 
ATOM   329 C CA    . ILE A 1 55  ? 2.367   3.400   -2.131  1.00 11.18 ? 55  ILE A CA    1 
ATOM   330 C C     . ILE A 1 55  ? 3.567   3.993   -2.845  1.00 11.35 ? 55  ILE A C     1 
ATOM   331 O O     . ILE A 1 55  ? 4.558   4.363   -2.224  1.00 11.96 ? 55  ILE A O     1 
ATOM   332 C CB    . ILE A 1 55  ? 1.350   4.534   -1.837  1.00 11.46 ? 55  ILE A CB    1 
ATOM   333 C CG1   . ILE A 1 55  ? 2.040   5.685   -1.096  1.00 10.64 ? 55  ILE A CG1   1 
ATOM   334 C CG2   . ILE A 1 55  ? 0.215   3.989   -0.998  1.00 13.84 ? 55  ILE A CG2   1 
ATOM   335 C CD1   . ILE A 1 55  ? 1.135   6.897   -0.834  1.00 10.77 ? 55  ILE A CD1   1 
ATOM   336 N N     . PRO A 1 56  ? 3.501   4.063   -4.178  1.00 12.31 ? 56  PRO A N     1 
ATOM   337 C CA    . PRO A 1 56  ? 4.610   4.630   -4.942  1.00 12.11 ? 56  PRO A CA    1 
ATOM   338 C C     . PRO A 1 56  ? 4.476   6.146   -4.899  1.00 12.61 ? 56  PRO A C     1 
ATOM   339 O O     . PRO A 1 56  ? 3.362   6.669   -4.806  1.00 11.56 ? 56  PRO A O     1 
ATOM   340 C CB    . PRO A 1 56  ? 4.375   4.080   -6.341  1.00 12.25 ? 56  PRO A CB    1 
ATOM   341 C CG    . PRO A 1 56  ? 2.887   4.067   -6.428  1.00 13.20 ? 56  PRO A CG    1 
ATOM   342 C CD    . PRO A 1 56  ? 2.476   3.504   -5.077  1.00 12.60 ? 56  PRO A CD    1 
ATOM   343 N N     . LYS A 1 57  ? 5.601   6.846   -4.956  1.00 12.58 ? 57  LYS A N     1 
ATOM   344 C CA    . LYS A 1 57  ? 5.564   8.302   -4.954  1.00 13.00 ? 57  LYS A CA    1 
ATOM   345 C C     . LYS A 1 57  ? 5.089   8.767   -6.323  1.00 13.60 ? 57  LYS A C     1 
ATOM   346 O O     . LYS A 1 57  ? 4.507   9.843   -6.452  1.00 14.38 ? 57  LYS A O     1 
ATOM   347 C CB    . LYS A 1 57  ? 6.943   8.877   -4.622  1.00 13.54 ? 57  LYS A CB    1 
ATOM   348 C CG    . LYS A 1 57  ? 7.353   8.618   -3.174  1.00 14.56 ? 57  LYS A CG    1 
ATOM   349 C CD    . LYS A 1 57  ? 8.628   9.355   -2.775  1.00 16.72 ? 57  LYS A CD    1 
ATOM   350 C CE    . LYS A 1 57  ? 8.926   9.153   -1.286  1.00 16.63 ? 57  LYS A CE    1 
ATOM   351 N NZ    . LYS A 1 57  ? 10.093  9.944   -0.790  1.00 19.01 ? 57  LYS A NZ    1 
ATOM   352 N N     . LYS A 1 58  ? 5.337   7.944   -7.340  1.00 14.60 ? 58  LYS A N     1 
ATOM   353 C CA    . LYS A 1 58  ? 4.901   8.233   -8.701  1.00 15.63 ? 58  LYS A CA    1 
ATOM   354 C C     . LYS A 1 58  ? 3.395   8.045   -8.728  1.00 17.01 ? 58  LYS A C     1 
ATOM   355 O O     . LYS A 1 58  ? 2.877   7.064   -8.193  1.00 16.09 ? 58  LYS A O     1 
ATOM   356 C CB    . LYS A 1 58  ? 5.531   7.257   -9.703  1.00 17.45 ? 58  LYS A CB    1 
ATOM   357 C CG    . LYS A 1 58  ? 4.890   7.315   -11.093 1.00 18.52 ? 58  LYS A CG    1 
ATOM   358 C CD    . LYS A 1 58  ? 5.582   6.384   -12.079 1.00 20.48 ? 58  LYS A CD    1 
ATOM   359 C CE    . LYS A 1 58  ? 4.926   6.441   -13.457 1.00 21.64 ? 58  LYS A CE    1 
ATOM   360 N NZ    . LYS A 1 58  ? 5.679   5.625   -14.460 1.00 21.01 ? 58  LYS A NZ    1 
ATOM   361 N N     . HIS A 1 59  ? 2.679   8.974   -9.347  1.00 17.79 ? 59  HIS A N     1 
ATOM   362 C CA    . HIS A 1 59  ? 1.244   8.819   -9.394  1.00 18.63 ? 59  HIS A CA    1 
ATOM   363 C C     . HIS A 1 59  ? 0.747   7.899   -10.507 1.00 18.57 ? 59  HIS A C     1 
ATOM   364 O O     . HIS A 1 59  ? 0.823   8.232   -11.690 1.00 19.02 ? 59  HIS A O     1 
ATOM   365 C CB    . HIS A 1 59  ? 0.532   10.167  -9.522  1.00 21.04 ? 59  HIS A CB    1 
ATOM   366 C CG    . HIS A 1 59  ? -0.959  10.040  -9.514  1.00 24.07 ? 59  HIS A CG    1 
ATOM   367 N ND1   . HIS A 1 59  ? -1.764  10.602  -10.480 1.00 27.22 ? 59  HIS A ND1   1 
ATOM   368 C CD2   . HIS A 1 59  ? -1.786  9.362   -8.683  1.00 26.23 ? 59  HIS A CD2   1 
ATOM   369 C CE1   . HIS A 1 59  ? -3.023  10.273  -10.247 1.00 27.65 ? 59  HIS A CE1   1 
ATOM   370 N NE2   . HIS A 1 59  ? -3.063  9.522   -9.161  1.00 26.91 ? 59  HIS A NE2   1 
ATOM   371 N N     . ILE A 1 60  ? 0.274   6.724   -10.107 1.00 16.77 ? 60  ILE A N     1 
ATOM   372 C CA    . ILE A 1 60  ? -0.323  5.766   -11.026 1.00 15.48 ? 60  ILE A CA    1 
ATOM   373 C C     . ILE A 1 60  ? -1.728  5.670   -10.432 1.00 15.32 ? 60  ILE A C     1 
ATOM   374 O O     . ILE A 1 60  ? -1.898  5.347   -9.252  1.00 14.84 ? 60  ILE A O     1 
ATOM   375 C CB    . ILE A 1 60  ? 0.388   4.397   -11.001 1.00 16.15 ? 60  ILE A CB    1 
ATOM   376 C CG1   . ILE A 1 60  ? 1.844   4.564   -11.446 1.00 15.82 ? 60  ILE A CG1   1 
ATOM   377 C CG2   . ILE A 1 60  ? -0.323  3.430   -11.935 1.00 16.78 ? 60  ILE A CG2   1 
ATOM   378 C CD1   . ILE A 1 60  ? 2.624   3.271   -11.501 1.00 15.50 ? 60  ILE A CD1   1 
ATOM   379 N N     . SER A 1 61  ? -2.730  5.987   -11.237 1.00 14.96 ? 61  SER A N     1 
ATOM   380 C CA    . SER A 1 61  ? -4.111  6.000   -10.768 1.00 15.16 ? 61  SER A CA    1 
ATOM   381 C C     . SER A 1 61  ? -4.635  4.657   -10.284 1.00 15.53 ? 61  SER A C     1 
ATOM   382 O O     . SER A 1 61  ? -5.397  4.583   -9.315  1.00 14.34 ? 61  SER A O     1 
ATOM   383 C CB    . SER A 1 61  ? -5.023  6.530   -11.873 1.00 15.09 ? 61  SER A CB    1 
ATOM   384 O OG    . SER A 1 61  ? -5.000  5.665   -12.994 1.00 17.90 ? 61  SER A OG    1 
ATOM   385 N N     . GLN A 1 62  ? -4.221  3.595   -10.958 1.00 14.63 ? 62  GLN A N     1 
ATOM   386 C CA    . GLN A 1 62  ? -4.677  2.262   -10.609 1.00 15.29 ? 62  GLN A CA    1 
ATOM   387 C C     . GLN A 1 62  ? -3.852  1.232   -11.360 1.00 15.58 ? 62  GLN A C     1 
ATOM   388 O O     . GLN A 1 62  ? -3.250  1.535   -12.392 1.00 17.06 ? 62  GLN A O     1 
ATOM   389 C CB    . GLN A 1 62  ? -6.152  2.131   -10.976 1.00 16.28 ? 62  GLN A CB    1 
ATOM   390 C CG    . GLN A 1 62  ? -6.430  2.364   -12.450 1.00 18.67 ? 62  GLN A CG    1 
ATOM   391 C CD    . GLN A 1 62  ? -7.760  3.049   -12.699 1.00 20.51 ? 62  GLN A CD    1 
ATOM   392 O OE1   . GLN A 1 62  ? -7.847  4.278   -12.677 1.00 22.42 ? 62  GLN A OE1   1 
ATOM   393 N NE2   . GLN A 1 62  ? -8.801  2.260   -12.928 1.00 17.61 ? 62  GLN A NE2   1 
ATOM   394 N N     . ILE A 1 63  ? -3.846  0.009   -10.843 1.00 15.61 ? 63  ILE A N     1 
ATOM   395 C CA    . ILE A 1 63  ? -3.074  -1.073  -11.434 1.00 15.83 ? 63  ILE A CA    1 
ATOM   396 C C     . ILE A 1 63  ? -3.338  -1.230  -12.938 1.00 15.95 ? 63  ILE A C     1 
ATOM   397 O O     . ILE A 1 63  ? -2.415  -1.500  -13.711 1.00 15.31 ? 63  ILE A O     1 
ATOM   398 C CB    . ILE A 1 63  ? -3.359  -2.405  -10.675 1.00 17.10 ? 63  ILE A CB    1 
ATOM   399 C CG1   . ILE A 1 63  ? -2.189  -3.369  -10.845 1.00 19.98 ? 63  ILE A CG1   1 
ATOM   400 C CG2   . ILE A 1 63  ? -4.641  -3.037  -11.168 1.00 19.07 ? 63  ILE A CG2   1 
ATOM   401 C CD1   . ILE A 1 63  ? -0.921  -2.894  -10.159 1.00 22.62 ? 63  ILE A CD1   1 
ATOM   402 N N     . SER A 1 64  ? -4.584  -1.036  -13.361 1.00 14.49 ? 64  SER A N     1 
ATOM   403 C CA    . SER A 1 64  ? -4.917  -1.167  -14.778 1.00 15.84 ? 64  SER A CA    1 
ATOM   404 C C     . SER A 1 64  ? -4.237  -0.097  -15.634 1.00 15.99 ? 64  SER A C     1 
ATOM   405 O O     . SER A 1 64  ? -4.125  -0.251  -16.842 1.00 17.43 ? 64  SER A O     1 
ATOM   406 C CB    . SER A 1 64  ? -6.437  -1.092  -14.990 1.00 14.78 ? 64  SER A CB    1 
ATOM   407 O OG    . SER A 1 64  ? -6.933  0.197   -14.681 1.00 16.48 ? 64  SER A OG    1 
ATOM   408 N N     . ALA A 1 65  ? -3.773  0.980   -15.006 1.00 16.55 ? 65  ALA A N     1 
ATOM   409 C CA    . ALA A 1 65  ? -3.111  2.062   -15.736 1.00 15.28 ? 65  ALA A CA    1 
ATOM   410 C C     . ALA A 1 65  ? -1.592  1.968   -15.661 1.00 15.97 ? 65  ALA A C     1 
ATOM   411 O O     . ALA A 1 65  ? -0.881  2.779   -16.259 1.00 16.41 ? 65  ALA A O     1 
ATOM   412 C CB    . ALA A 1 65  ? -3.579  3.420   -15.207 1.00 16.49 ? 65  ALA A CB    1 
ATOM   413 N N     . ALA A 1 66  ? -1.088  0.991   -14.916 1.00 13.70 ? 66  ALA A N     1 
ATOM   414 C CA    . ALA A 1 66  ? 0.355   0.809   -14.805 1.00 14.94 ? 66  ALA A CA    1 
ATOM   415 C C     . ALA A 1 66  ? 0.882   0.354   -16.169 1.00 13.95 ? 66  ALA A C     1 
ATOM   416 O O     . ALA A 1 66  ? 0.176   -0.320  -16.911 1.00 14.61 ? 66  ALA A O     1 
ATOM   417 C CB    . ALA A 1 66  ? 0.671   -0.237  -13.746 1.00 14.60 ? 66  ALA A CB    1 
ATOM   418 N N     . GLU A 1 67  ? 2.117   0.717   -16.496 1.00 14.69 ? 67  GLU A N     1 
ATOM   419 C CA    . GLU A 1 67  ? 2.697   0.335   -17.784 1.00 15.17 ? 67  GLU A CA    1 
ATOM   420 C C     . GLU A 1 67  ? 3.789   -0.712  -17.596 1.00 14.28 ? 67  GLU A C     1 
ATOM   421 O O     . GLU A 1 67  ? 4.195   -0.993  -16.468 1.00 13.45 ? 67  GLU A O     1 
ATOM   422 C CB    . GLU A 1 67  ? 3.248   1.586   -18.478 1.00 17.83 ? 67  GLU A CB    1 
ATOM   423 C CG    . GLU A 1 67  ? 2.210   2.703   -18.552 1.00 22.64 ? 67  GLU A CG    1 
ATOM   424 C CD    . GLU A 1 67  ? 2.762   4.024   -19.065 1.00 26.22 ? 67  GLU A CD    1 
ATOM   425 O OE1   . GLU A 1 67  ? 3.809   4.486   -18.563 1.00 27.77 ? 67  GLU A OE1   1 
ATOM   426 O OE2   . GLU A 1 67  ? 2.131   4.618   -19.969 1.00 29.57 ? 67  GLU A OE2   1 
ATOM   427 N N     . ASP A 1 68  ? 4.257   -1.308  -18.690 1.00 11.44 ? 68  ASP A N     1 
ATOM   428 C CA    . ASP A 1 68  ? 5.306   -2.320  -18.583 1.00 12.53 ? 68  ASP A CA    1 
ATOM   429 C C     . ASP A 1 68  ? 6.543   -1.823  -17.834 1.00 13.02 ? 68  ASP A C     1 
ATOM   430 O O     . ASP A 1 68  ? 7.191   -2.584  -17.114 1.00 14.95 ? 68  ASP A O     1 
ATOM   431 C CB    . ASP A 1 68  ? 5.716   -2.828  -19.972 1.00 13.54 ? 68  ASP A CB    1 
ATOM   432 C CG    . ASP A 1 68  ? 4.587   -3.559  -20.684 1.00 15.70 ? 68  ASP A CG    1 
ATOM   433 O OD1   . ASP A 1 68  ? 3.812   -4.258  -20.000 1.00 14.61 ? 68  ASP A OD1   1 
ATOM   434 O OD2   . ASP A 1 68  ? 4.476   -3.448  -21.925 1.00 15.07 ? 68  ASP A OD2   1 
ATOM   435 N N     . ALA A 1 69  ? 6.870   -0.546  -17.997 1.00 13.08 ? 69  ALA A N     1 
ATOM   436 C CA    . ALA A 1 69  ? 8.041   0.026   -17.341 1.00 14.20 ? 69  ALA A CA    1 
ATOM   437 C C     . ALA A 1 69  ? 7.883   0.129   -15.830 1.00 14.02 ? 69  ALA A C     1 
ATOM   438 O O     . ALA A 1 69  ? 8.868   0.260   -15.103 1.00 15.12 ? 69  ALA A O     1 
ATOM   439 C CB    . ALA A 1 69  ? 8.348   1.401   -17.928 1.00 15.54 ? 69  ALA A CB    1 
ATOM   440 N N     . ASP A 1 70  ? 6.645   0.061   -15.352 1.00 11.72 ? 70  ASP A N     1 
ATOM   441 C CA    . ASP A 1 70  ? 6.395   0.159   -13.921 1.00 12.24 ? 70  ASP A CA    1 
ATOM   442 C C     . ASP A 1 70  ? 6.567   -1.158  -13.170 1.00 11.60 ? 70  ASP A C     1 
ATOM   443 O O     . ASP A 1 70  ? 6.283   -1.222  -11.975 1.00 11.74 ? 70  ASP A O     1 
ATOM   444 C CB    . ASP A 1 70  ? 4.979   0.686   -13.659 1.00 11.23 ? 70  ASP A CB    1 
ATOM   445 C CG    . ASP A 1 70  ? 4.757   2.075   -14.220 1.00 14.19 ? 70  ASP A CG    1 
ATOM   446 O OD1   . ASP A 1 70  ? 5.605   2.961   -14.005 1.00 15.94 ? 70  ASP A OD1   1 
ATOM   447 O OD2   . ASP A 1 70  ? 3.720   2.288   -14.870 1.00 15.46 ? 70  ASP A OD2   1 
ATOM   448 N N     . GLU A 1 71  ? 7.028   -2.206  -13.850 1.00 11.60 ? 71  GLU A N     1 
ATOM   449 C CA    . GLU A 1 71  ? 7.190   -3.502  -13.194 1.00 12.82 ? 71  GLU A CA    1 
ATOM   450 C C     . GLU A 1 71  ? 8.093   -3.485  -11.970 1.00 12.96 ? 71  GLU A C     1 
ATOM   451 O O     . GLU A 1 71  ? 7.691   -3.949  -10.909 1.00 10.73 ? 71  GLU A O     1 
ATOM   452 C CB    . GLU A 1 71  ? 7.702   -4.560  -14.176 1.00 12.82 ? 71  GLU A CB    1 
ATOM   453 C CG    . GLU A 1 71  ? 6.751   -4.821  -15.314 1.00 16.66 ? 71  GLU A CG    1 
ATOM   454 C CD    . GLU A 1 71  ? 7.120   -6.047  -16.114 1.00 17.74 ? 71  GLU A CD    1 
ATOM   455 O OE1   . GLU A 1 71  ? 8.322   -6.363  -16.195 1.00 20.34 ? 71  GLU A OE1   1 
ATOM   456 O OE2   . GLU A 1 71  ? 6.206   -6.686  -16.670 1.00 18.57 ? 71  GLU A OE2   1 
ATOM   457 N N     . SER A 1 72  ? 9.314   -2.972  -12.111 1.00 13.82 ? 72  SER A N     1 
ATOM   458 C CA    . SER A 1 72  ? 10.226  -2.926  -10.968 1.00 12.51 ? 72  SER A CA    1 
ATOM   459 C C     . SER A 1 72  ? 9.601   -2.155  -9.811  1.00 12.36 ? 72  SER A C     1 
ATOM   460 O O     . SER A 1 72  ? 9.679   -2.576  -8.653  1.00 12.93 ? 72  SER A O     1 
ATOM   461 C CB    . SER A 1 72  ? 11.557  -2.285  -11.363 1.00 14.63 ? 72  SER A CB    1 
ATOM   462 O OG    . SER A 1 72  ? 12.235  -3.119  -12.289 1.00 23.15 ? 72  SER A OG    1 
ATOM   463 N N     . LEU A 1 73  ? 8.978   -1.029  -10.131 1.00 10.33 ? 73  LEU A N     1 
ATOM   464 C CA    . LEU A 1 73  ? 8.332   -0.212  -9.113  1.00 11.40 ? 73  LEU A CA    1 
ATOM   465 C C     . LEU A 1 73  ? 7.269   -1.016  -8.371  1.00 11.31 ? 73  LEU A C     1 
ATOM   466 O O     . LEU A 1 73  ? 7.232   -1.011  -7.143  1.00 11.42 ? 73  LEU A O     1 
ATOM   467 C CB    . LEU A 1 73  ? 7.690   1.030   -9.750  1.00 11.37 ? 73  LEU A CB    1 
ATOM   468 C CG    . LEU A 1 73  ? 6.849   1.926   -8.830  1.00 13.94 ? 73  LEU A CG    1 
ATOM   469 C CD1   . LEU A 1 73  ? 7.695   2.420   -7.665  1.00 13.87 ? 73  LEU A CD1   1 
ATOM   470 C CD2   . LEU A 1 73  ? 6.302   3.104   -9.622  1.00 14.14 ? 73  LEU A CD2   1 
ATOM   471 N N     . LEU A 1 74  ? 6.408   -1.714  -9.110  1.00 10.98 ? 74  LEU A N     1 
ATOM   472 C CA    . LEU A 1 74  ? 5.350   -2.498  -8.472  1.00 11.03 ? 74  LEU A CA    1 
ATOM   473 C C     . LEU A 1 74  ? 5.935   -3.596  -7.592  1.00 11.75 ? 74  LEU A C     1 
ATOM   474 O O     . LEU A 1 74  ? 5.434   -3.855  -6.498  1.00 10.83 ? 74  LEU A O     1 
ATOM   475 C CB    . LEU A 1 74  ? 4.415   -3.102  -9.526  1.00 12.05 ? 74  LEU A CB    1 
ATOM   476 C CG    . LEU A 1 74  ? 3.644   -2.089  -10.381 1.00 13.18 ? 74  LEU A CG    1 
ATOM   477 C CD1   . LEU A 1 74  ? 2.843   -2.816  -11.449 1.00 12.63 ? 74  LEU A CD1   1 
ATOM   478 C CD2   . LEU A 1 74  ? 2.721   -1.253  -9.503  1.00 11.54 ? 74  LEU A CD2   1 
ATOM   479 N N     . GLY A 1 75  ? 6.985   -4.248  -8.078  1.00 9.61  ? 75  GLY A N     1 
ATOM   480 C CA    . GLY A 1 75  ? 7.616   -5.292  -7.296  1.00 11.93 ? 75  GLY A CA    1 
ATOM   481 C C     . GLY A 1 75  ? 8.268   -4.673  -6.074  1.00 12.96 ? 75  GLY A C     1 
ATOM   482 O O     . GLY A 1 75  ? 8.342   -5.292  -5.011  1.00 11.88 ? 75  GLY A O     1 
ATOM   483 N N     . HIS A 1 76  ? 8.754   -3.445  -6.225  1.00 11.51 ? 76  HIS A N     1 
ATOM   484 C CA    . HIS A 1 76  ? 9.388   -2.758  -5.103  1.00 13.03 ? 76  HIS A CA    1 
ATOM   485 C C     . HIS A 1 76  ? 8.376   -2.569  -3.976  1.00 12.59 ? 76  HIS A C     1 
ATOM   486 O O     . HIS A 1 76  ? 8.727   -2.616  -2.797  1.00 11.46 ? 76  HIS A O     1 
ATOM   487 C CB    . HIS A 1 76  ? 9.926   -1.394  -5.531  1.00 13.54 ? 76  HIS A CB    1 
ATOM   488 C CG    . HIS A 1 76  ? 10.783  -0.740  -4.492  1.00 14.88 ? 76  HIS A CG    1 
ATOM   489 N ND1   . HIS A 1 76  ? 12.040  -1.202  -4.167  1.00 16.23 ? 76  HIS A ND1   1 
ATOM   490 C CD2   . HIS A 1 76  ? 10.550  0.319   -3.681  1.00 16.27 ? 76  HIS A CD2   1 
ATOM   491 C CE1   . HIS A 1 76  ? 12.546  -0.454  -3.202  1.00 16.55 ? 76  HIS A CE1   1 
ATOM   492 N NE2   . HIS A 1 76  ? 11.663  0.476   -2.890  1.00 14.42 ? 76  HIS A NE2   1 
ATOM   493 N N     . LEU A 1 77  ? 7.112   -2.358  -4.345  1.00 11.51 ? 77  LEU A N     1 
ATOM   494 C CA    . LEU A 1 77  ? 6.074   -2.177  -3.344  1.00 10.97 ? 77  LEU A CA    1 
ATOM   495 C C     . LEU A 1 77  ? 5.944   -3.426  -2.473  1.00 10.30 ? 77  LEU A C     1 
ATOM   496 O O     . LEU A 1 77  ? 5.790   -3.317  -1.262  1.00 9.98  ? 77  LEU A O     1 
ATOM   497 C CB    . LEU A 1 77  ? 4.722   -1.860  -4.007  1.00 10.93 ? 77  LEU A CB    1 
ATOM   498 C CG    . LEU A 1 77  ? 4.646   -0.588  -4.861  1.00 13.11 ? 77  LEU A CG    1 
ATOM   499 C CD1   . LEU A 1 77  ? 3.202   -0.369  -5.294  1.00 11.21 ? 77  LEU A CD1   1 
ATOM   500 C CD2   . LEU A 1 77  ? 5.155   0.622   -4.079  1.00 12.07 ? 77  LEU A CD2   1 
ATOM   501 N N     . MET A 1 78  ? 6.019   -4.608  -3.088  1.00 10.61 ? 78  MET A N     1 
ATOM   502 C CA    . MET A 1 78  ? 5.906   -5.866  -2.346  1.00 11.72 ? 78  MET A CA    1 
ATOM   503 C C     . MET A 1 78  ? 7.151   -6.134  -1.510  1.00 11.47 ? 78  MET A C     1 
ATOM   504 O O     . MET A 1 78  ? 7.057   -6.627  -0.386  1.00 10.34 ? 78  MET A O     1 
ATOM   505 C CB    . MET A 1 78  ? 5.671   -7.035  -3.312  1.00 13.70 ? 78  MET A CB    1 
ATOM   506 C CG    . MET A 1 78  ? 4.389   -6.918  -4.133  1.00 18.46 ? 78  MET A CG    1 
ATOM   507 S SD    . MET A 1 78  ? 4.392   -7.923  -5.676  1.00 28.43 ? 78  MET A SD    1 
ATOM   508 C CE    . MET A 1 78  ? 3.486   -9.049  -5.419  1.00 22.53 ? 78  MET A CE    1 
ATOM   509 N N     . ILE A 1 79  ? 8.321   -5.815  -2.061  1.00 10.34 ? 79  ILE A N     1 
ATOM   510 C CA    . ILE A 1 79  ? 9.565   -6.031  -1.328  1.00 11.43 ? 79  ILE A CA    1 
ATOM   511 C C     . ILE A 1 79  ? 9.547   -5.173  -0.068  1.00 11.25 ? 79  ILE A C     1 
ATOM   512 O O     . ILE A 1 79  ? 9.913   -5.631  1.012   1.00 10.33 ? 79  ILE A O     1 
ATOM   513 C CB    . ILE A 1 79  ? 10.814  -5.666  -2.176  1.00 11.90 ? 79  ILE A CB    1 
ATOM   514 C CG1   . ILE A 1 79  ? 10.974  -6.661  -3.329  1.00 11.97 ? 79  ILE A CG1   1 
ATOM   515 C CG2   . ILE A 1 79  ? 12.068  -5.680  -1.299  1.00 12.26 ? 79  ILE A CG2   1 
ATOM   516 C CD1   . ILE A 1 79  ? 11.139  -8.110  -2.890  1.00 11.36 ? 79  ILE A CD1   1 
ATOM   517 N N     . VAL A 1 80  ? 9.099   -3.929  -0.210  1.00 10.78 ? 80  VAL A N     1 
ATOM   518 C CA    . VAL A 1 80  ? 9.032   -3.026  0.931   1.00 12.20 ? 80  VAL A CA    1 
ATOM   519 C C     . VAL A 1 80  ? 7.987   -3.552  1.910   1.00 12.58 ? 80  VAL A C     1 
ATOM   520 O O     . VAL A 1 80  ? 8.166   -3.484  3.125   1.00 13.18 ? 80  VAL A O     1 
ATOM   521 C CB    . VAL A 1 80  ? 8.670   -1.595  0.486   1.00 11.23 ? 80  VAL A CB    1 
ATOM   522 C CG1   . VAL A 1 80  ? 8.407   -0.714  1.697   1.00 12.76 ? 80  VAL A CG1   1 
ATOM   523 C CG2   . VAL A 1 80  ? 9.818   -1.012  -0.343  1.00 13.15 ? 80  VAL A CG2   1 
ATOM   524 N N     . GLY A 1 81  ? 6.904   -4.094  1.362   1.00 12.19 ? 81  GLY A N     1 
ATOM   525 C CA    . GLY A 1 81  ? 5.851   -4.645  2.189   1.00 13.37 ? 81  GLY A CA    1 
ATOM   526 C C     . GLY A 1 81  ? 6.349   -5.807  3.027   1.00 13.14 ? 81  GLY A C     1 
ATOM   527 O O     . GLY A 1 81  ? 6.007   -5.911  4.197   1.00 13.06 ? 81  GLY A O     1 
ATOM   528 N N     . LYS A 1 82  ? 7.159   -6.688  2.445   1.00 14.04 ? 82  LYS A N     1 
ATOM   529 C CA    . LYS A 1 82  ? 7.656   -7.821  3.216   1.00 15.02 ? 82  LYS A CA    1 
ATOM   530 C C     . LYS A 1 82  ? 8.640   -7.347  4.281   1.00 14.63 ? 82  LYS A C     1 
ATOM   531 O O     . LYS A 1 82  ? 8.706   -7.915  5.366   1.00 14.37 ? 82  LYS A O     1 
ATOM   532 C CB    . LYS A 1 82  ? 8.327   -8.869  2.320   1.00 17.68 ? 82  LYS A CB    1 
ATOM   533 C CG    . LYS A 1 82  ? 9.752   -8.558  1.945   1.00 22.23 ? 82  LYS A CG    1 
ATOM   534 C CD    . LYS A 1 82  ? 10.540  -9.828  1.672   1.00 22.81 ? 82  LYS A CD    1 
ATOM   535 C CE    . LYS A 1 82  ? 11.757  -9.510  0.820   1.00 24.96 ? 82  LYS A CE    1 
ATOM   536 N NZ    . LYS A 1 82  ? 13.037  -9.954  1.426   1.00 25.94 ? 82  LYS A NZ    1 
ATOM   537 N N     . LYS A 1 83  ? 9.403   -6.302  3.974   1.00 14.96 ? 83  LYS A N     1 
ATOM   538 C CA    . LYS A 1 83  ? 10.352  -5.773  4.943   1.00 14.81 ? 83  LYS A CA    1 
ATOM   539 C C     . LYS A 1 83  ? 9.635   -5.120  6.124   1.00 15.29 ? 83  LYS A C     1 
ATOM   540 O O     . LYS A 1 83  ? 9.970   -5.373  7.276   1.00 14.09 ? 83  LYS A O     1 
ATOM   541 C CB    . LYS A 1 83  ? 11.273  -4.754  4.283   1.00 15.41 ? 83  LYS A CB    1 
ATOM   542 C CG    . LYS A 1 83  ? 12.274  -5.373  3.341   1.00 19.22 ? 83  LYS A CG    1 
ATOM   543 C CD    . LYS A 1 83  ? 13.196  -4.319  2.778   1.00 19.33 ? 83  LYS A CD    1 
ATOM   544 C CE    . LYS A 1 83  ? 14.336  -4.958  2.023   1.00 22.43 ? 83  LYS A CE    1 
ATOM   545 N NZ    . LYS A 1 83  ? 15.342  -3.951  1.629   1.00 23.90 ? 83  LYS A NZ    1 
ATOM   546 N N     . CYS A 1 84  ? 8.646   -4.284  5.835   1.00 15.86 ? 84  CYS A N     1 
ATOM   547 C CA    . CYS A 1 84  ? 7.898   -3.612  6.889   1.00 15.47 ? 84  CYS A CA    1 
ATOM   548 C C     . CYS A 1 84  ? 7.175   -4.644  7.754   1.00 16.34 ? 84  CYS A C     1 
ATOM   549 O O     . CYS A 1 84  ? 7.132   -4.519  8.978   1.00 15.93 ? 84  CYS A O     1 
ATOM   550 C CB    . CYS A 1 84  ? 6.903   -2.621  6.277   1.00 15.47 ? 84  CYS A CB    1 
ATOM   551 S SG    . CYS A 1 84  ? 7.684   -1.179  5.508   1.00 15.28 ? 84  CYS A SG    1 
ATOM   552 N N     . ALA A 1 85  ? 6.611   -5.665  7.112   1.00 15.72 ? 85  ALA A N     1 
ATOM   553 C CA    . ALA A 1 85  ? 5.920   -6.726  7.838   1.00 15.87 ? 85  ALA A CA    1 
ATOM   554 C C     . ALA A 1 85  ? 6.915   -7.349  8.808   1.00 16.39 ? 85  ALA A C     1 
ATOM   555 O O     . ALA A 1 85  ? 6.585   -7.655  9.955   1.00 16.39 ? 85  ALA A O     1 
ATOM   556 C CB    . ALA A 1 85  ? 5.420   -7.778  6.874   1.00 14.88 ? 85  ALA A CB    1 
ATOM   557 N N     . ALA A 1 86  ? 8.139   -7.534  8.330   1.00 17.16 ? 86  ALA A N     1 
ATOM   558 C CA    . ALA A 1 86  ? 9.191   -8.115  9.139   1.00 18.90 ? 86  ALA A CA    1 
ATOM   559 C C     . ALA A 1 86  ? 9.522   -7.196  10.308  1.00 19.92 ? 86  ALA A C     1 
ATOM   560 O O     . ALA A 1 86  ? 9.677   -7.663  11.432  1.00 20.87 ? 86  ALA A O     1 
ATOM   561 C CB    . ALA A 1 86  ? 10.430  -8.363  8.290   1.00 19.28 ? 86  ALA A CB    1 
ATOM   562 N N     . ASP A 1 87  ? 9.622   -5.892  10.051  1.00 20.25 ? 87  ASP A N     1 
ATOM   563 C CA    . ASP A 1 87  ? 9.934   -4.946  11.126  1.00 21.70 ? 87  ASP A CA    1 
ATOM   564 C C     . ASP A 1 87  ? 8.835   -4.952  12.176  1.00 21.01 ? 87  ASP A C     1 
ATOM   565 O O     . ASP A 1 87  ? 9.104   -4.834  13.369  1.00 20.54 ? 87  ASP A O     1 
ATOM   566 C CB    . ASP A 1 87  ? 10.058  -3.501  10.619  1.00 23.90 ? 87  ASP A CB    1 
ATOM   567 C CG    . ASP A 1 87  ? 11.110  -3.325  9.556   1.00 28.06 ? 87  ASP A CG    1 
ATOM   568 O OD1   . ASP A 1 87  ? 12.176  -3.973  9.644   1.00 30.29 ? 87  ASP A OD1   1 
ATOM   569 O OD2   . ASP A 1 87  ? 10.874  -2.508  8.632   1.00 30.96 ? 87  ASP A OD2   1 
ATOM   570 N N     . LEU A 1 88  ? 7.595   -5.078  11.717  1.00 19.93 ? 88  LEU A N     1 
ATOM   571 C CA    . LEU A 1 88  ? 6.436   -5.069  12.601  1.00 20.45 ? 88  LEU A CA    1 
ATOM   572 C C     . LEU A 1 88  ? 6.206   -6.409  13.293  1.00 20.54 ? 88  LEU A C     1 
ATOM   573 O O     . LEU A 1 88  ? 5.210   -6.597  13.984  1.00 21.98 ? 88  LEU A O     1 
ATOM   574 C CB    . LEU A 1 88  ? 5.188   -4.640  11.809  1.00 19.68 ? 88  LEU A CB    1 
ATOM   575 C CG    . LEU A 1 88  ? 5.210   -3.205  11.261  1.00 19.61 ? 88  LEU A CG    1 
ATOM   576 C CD1   . LEU A 1 88  ? 4.057   -2.991  10.292  1.00 20.33 ? 88  LEU A CD1   1 
ATOM   577 C CD2   . LEU A 1 88  ? 5.125   -2.215  12.418  1.00 19.95 ? 88  LEU A CD2   1 
ATOM   578 N N     . GLY A 1 89  ? 7.137   -7.337  13.094  1.00 21.78 ? 89  GLY A N     1 
ATOM   579 C CA    . GLY A 1 89  ? 7.056   -8.646  13.726  1.00 22.32 ? 89  GLY A CA    1 
ATOM   580 C C     . GLY A 1 89  ? 5.980   -9.617  13.271  1.00 21.44 ? 89  GLY A C     1 
ATOM   581 O O     . GLY A 1 89  ? 5.462   -10.366 14.092  1.00 23.18 ? 89  GLY A O     1 
ATOM   582 N N     . LEU A 1 90  ? 5.654   -9.632  11.983  1.00 21.65 ? 90  LEU A N     1 
ATOM   583 C CA    . LEU A 1 90  ? 4.627   -10.532 11.448  1.00 20.49 ? 90  LEU A CA    1 
ATOM   584 C C     . LEU A 1 90  ? 5.185   -11.895 11.033  1.00 21.53 ? 90  LEU A C     1 
ATOM   585 O O     . LEU A 1 90  ? 5.166   -12.272 9.851   1.00 22.77 ? 90  LEU A O     1 
ATOM   586 C CB    . LEU A 1 90  ? 3.927   -9.873  10.259  1.00 18.95 ? 90  LEU A CB    1 
ATOM   587 C CG    . LEU A 1 90  ? 3.084   -8.638  10.594  1.00 18.53 ? 90  LEU A CG    1 
ATOM   588 C CD1   . LEU A 1 90  ? 2.317   -8.173  9.358   1.00 16.34 ? 90  LEU A CD1   1 
ATOM   589 C CD2   . LEU A 1 90  ? 2.119   -8.983  11.716  1.00 17.68 ? 90  LEU A CD2   1 
ATOM   590 N N     . LYS A 1 91  ? 5.644   -12.646 12.026  1.00 20.90 ? 91  LYS A N     1 
ATOM   591 C CA    . LYS A 1 91  ? 6.243   -13.961 11.824  1.00 19.88 ? 91  LYS A CA    1 
ATOM   592 C C     . LYS A 1 91  ? 5.330   -15.065 11.302  1.00 19.10 ? 91  LYS A C     1 
ATOM   593 O O     . LYS A 1 91  ? 5.804   -16.001 10.654  1.00 19.08 ? 91  LYS A O     1 
ATOM   594 C CB    . LYS A 1 91  ? 6.899   -14.413 13.115  1.00 21.94 ? 91  LYS A CB    1 
ATOM   595 N N     . LYS A 1 92  ? 4.036   -14.976 11.586  1.00 17.42 ? 92  LYS A N     1 
ATOM   596 C CA    . LYS A 1 92  ? 3.099   -16.001 11.137  1.00 17.92 ? 92  LYS A CA    1 
ATOM   597 C C     . LYS A 1 92  ? 2.561   -15.726 9.739   1.00 15.91 ? 92  LYS A C     1 
ATOM   598 O O     . LYS A 1 92  ? 1.762   -16.495 9.223   1.00 16.97 ? 92  LYS A O     1 
ATOM   599 C CB    . LYS A 1 92  ? 1.937   -16.135 12.125  1.00 19.74 ? 92  LYS A CB    1 
ATOM   600 C CG    . LYS A 1 92  ? 2.334   -16.760 13.463  1.00 22.43 ? 92  LYS A CG    1 
ATOM   601 C CD    . LYS A 1 92  ? 1.191   -16.758 14.470  1.00 24.64 ? 92  LYS A CD    1 
ATOM   602 C CE    . LYS A 1 92  ? 0.073   -17.717 14.098  1.00 27.28 ? 92  LYS A CE    1 
ATOM   603 N NZ    . LYS A 1 92  ? -1.012  -17.690 15.134  1.00 29.20 ? 92  LYS A NZ    1 
ATOM   604 N N     . GLY A 1 93  ? 2.993   -14.629 9.130   1.00 15.12 ? 93  GLY A N     1 
ATOM   605 C CA    . GLY A 1 93  ? 2.535   -14.326 7.786   1.00 14.27 ? 93  GLY A CA    1 
ATOM   606 C C     . GLY A 1 93  ? 1.624   -13.124 7.647   1.00 13.52 ? 93  GLY A C     1 
ATOM   607 O O     . GLY A 1 93  ? 1.378   -12.384 8.601   1.00 12.82 ? 93  GLY A O     1 
ATOM   608 N N     . TYR A 1 94  ? 1.110   -12.939 6.440   1.00 12.86 ? 94  TYR A N     1 
ATOM   609 C CA    . TYR A 1 94  ? 0.246   -11.811 6.146   1.00 12.53 ? 94  TYR A CA    1 
ATOM   610 C C     . TYR A 1 94  ? -0.355  -11.951 4.759   1.00 12.23 ? 94  TYR A C     1 
ATOM   611 O O     . TYR A 1 94  ? -0.083  -12.917 4.041   1.00 12.77 ? 94  TYR A O     1 
ATOM   612 C CB    . TYR A 1 94  ? 1.044   -10.508 6.216   1.00 12.05 ? 94  TYR A CB    1 
ATOM   613 C CG    . TYR A 1 94  ? 2.414   -10.593 5.574   1.00 13.52 ? 94  TYR A CG    1 
ATOM   614 C CD1   . TYR A 1 94  ? 3.523   -11.016 6.308   1.00 14.07 ? 94  TYR A CD1   1 
ATOM   615 C CD2   . TYR A 1 94  ? 2.599   -10.282 4.229   1.00 14.58 ? 94  TYR A CD2   1 
ATOM   616 C CE1   . TYR A 1 94  ? 4.781   -11.128 5.719   1.00 16.94 ? 94  TYR A CE1   1 
ATOM   617 C CE2   . TYR A 1 94  ? 3.861   -10.393 3.628   1.00 16.57 ? 94  TYR A CE2   1 
ATOM   618 C CZ    . TYR A 1 94  ? 4.943   -10.817 4.379   1.00 16.21 ? 94  TYR A CZ    1 
ATOM   619 O OH    . TYR A 1 94  ? 6.182   -10.951 3.786   1.00 18.82 ? 94  TYR A OH    1 
ATOM   620 N N     . ARG A 1 95  ? -1.176  -10.976 4.394   1.00 10.68 ? 95  ARG A N     1 
ATOM   621 C CA    . ARG A 1 95  ? -1.814  -10.965 3.091   1.00 10.01 ? 95  ARG A CA    1 
ATOM   622 C C     . ARG A 1 95  ? -1.626  -9.602  2.447   1.00 9.68  ? 95  ARG A C     1 
ATOM   623 O O     . ARG A 1 95  ? -1.795  -8.573  3.097   1.00 8.47  ? 95  ARG A O     1 
ATOM   624 C CB    . ARG A 1 95  ? -3.312  -11.276 3.225   1.00 10.52 ? 95  ARG A CB    1 
ATOM   625 C CG    . ARG A 1 95  ? -4.087  -11.180 1.914   1.00 9.64  ? 95  ARG A CG    1 
ATOM   626 C CD    . ARG A 1 95  ? -5.499  -11.740 2.064   1.00 8.95  ? 95  ARG A CD    1 
ATOM   627 N NE    . ARG A 1 95  ? -5.471  -13.176 2.316   1.00 8.07  ? 95  ARG A NE    1 
ATOM   628 C CZ    . ARG A 1 95  ? -6.498  -13.879 2.782   1.00 10.34 ? 95  ARG A CZ    1 
ATOM   629 N NH1   . ARG A 1 95  ? -7.650  -13.275 3.052   1.00 9.67  ? 95  ARG A NH1   1 
ATOM   630 N NH2   . ARG A 1 95  ? -6.374  -15.187 2.981   1.00 8.54  ? 95  ARG A NH2   1 
ATOM   631 N N     . MET A 1 96  ? -1.254  -9.601  1.170   1.00 10.13 ? 96  MET A N     1 
ATOM   632 C CA    . MET A 1 96  ? -1.072  -8.363  0.427   1.00 9.70  ? 96  MET A CA    1 
ATOM   633 C C     . MET A 1 96  ? -2.258  -8.254  -0.517  1.00 9.77  ? 96  MET A C     1 
ATOM   634 O O     . MET A 1 96  ? -2.660  -9.243  -1.132  1.00 8.92  ? 96  MET A O     1 
ATOM   635 C CB    . MET A 1 96  ? 0.228   -8.397  -0.374  1.00 9.21  ? 96  MET A CB    1 
ATOM   636 C CG    . MET A 1 96  ? 1.471   -8.551  0.486   1.00 11.90 ? 96  MET A CG    1 
ATOM   637 S SD    . MET A 1 96  ? 2.961   -8.562  -0.522  1.00 12.03 ? 96  MET A SD    1 
ATOM   638 C CE    . MET A 1 96  ? 4.142   -7.718  0.564   1.00 13.60 ? 96  MET A CE    1 
ATOM   639 N N     . VAL A 1 97  ? -2.808  -7.053  -0.642  1.00 7.90  ? 97  VAL A N     1 
ATOM   640 C CA    . VAL A 1 97  ? -3.967  -6.845  -1.493  1.00 9.04  ? 97  VAL A CA    1 
ATOM   641 C C     . VAL A 1 97  ? -3.876  -5.563  -2.304  1.00 9.04  ? 97  VAL A C     1 
ATOM   642 O O     . VAL A 1 97  ? -3.445  -4.529  -1.804  1.00 9.30  ? 97  VAL A O     1 
ATOM   643 C CB    . VAL A 1 97  ? -5.255  -6.769  -0.642  1.00 9.07  ? 97  VAL A CB    1 
ATOM   644 C CG1   . VAL A 1 97  ? -6.471  -6.574  -1.545  1.00 9.54  ? 97  VAL A CG1   1 
ATOM   645 C CG2   . VAL A 1 97  ? -5.382  -8.027  0.209   1.00 6.76  ? 97  VAL A CG2   1 
ATOM   646 N N     . VAL A 1 98  ? -4.272  -5.651  -3.565  1.00 9.58  ? 98  VAL A N     1 
ATOM   647 C CA    . VAL A 1 98  ? -4.298  -4.489  -4.437  1.00 10.76 ? 98  VAL A CA    1 
ATOM   648 C C     . VAL A 1 98  ? -5.691  -4.467  -5.043  1.00 11.27 ? 98  VAL A C     1 
ATOM   649 O O     . VAL A 1 98  ? -6.106  -5.436  -5.684  1.00 11.73 ? 98  VAL A O     1 
ATOM   650 C CB    . VAL A 1 98  ? -3.250  -4.580  -5.566  1.00 12.23 ? 98  VAL A CB    1 
ATOM   651 C CG1   . VAL A 1 98  ? -3.453  -3.419  -6.557  1.00 14.53 ? 98  VAL A CG1   1 
ATOM   652 C CG2   . VAL A 1 98  ? -1.844  -4.515  -4.974  1.00 11.12 ? 98  VAL A CG2   1 
ATOM   653 N N     . ASN A 1 99  ? -6.423  -3.379  -4.820  1.00 9.00  ? 99  ASN A N     1 
ATOM   654 C CA    . ASN A 1 99  ? -7.772  -3.266  -5.360  1.00 10.75 ? 99  ASN A CA    1 
ATOM   655 C C     . ASN A 1 99  ? -7.798  -2.430  -6.623  1.00 10.94 ? 99  ASN A C     1 
ATOM   656 O O     . ASN A 1 99  ? -7.128  -1.398  -6.710  1.00 12.01 ? 99  ASN A O     1 
ATOM   657 C CB    . ASN A 1 99  ? -8.725  -2.641  -4.337  1.00 9.51  ? 99  ASN A CB    1 
ATOM   658 C CG    . ASN A 1 99  ? -8.880  -3.485  -3.096  1.00 11.96 ? 99  ASN A CG    1 
ATOM   659 O OD1   . ASN A 1 99  ? -8.834  -4.713  -3.156  1.00 11.36 ? 99  ASN A OD1   1 
ATOM   660 N ND2   . ASN A 1 99  ? -9.088  -2.827  -1.955  1.00 12.68 ? 99  ASN A ND2   1 
ATOM   661 N N     . GLU A 1 100 ? -8.590  -2.879  -7.591  1.00 11.24 ? 100 GLU A N     1 
ATOM   662 C CA    . GLU A 1 100 ? -8.736  -2.193  -8.868  1.00 12.07 ? 100 GLU A CA    1 
ATOM   663 C C     . GLU A 1 100 ? -10.199 -1.877  -9.167  1.00 11.66 ? 100 GLU A C     1 
ATOM   664 O O     . GLU A 1 100 ? -11.046 -2.772  -9.185  1.00 10.49 ? 100 GLU A O     1 
ATOM   665 C CB    . GLU A 1 100 ? -8.170  -3.066  -9.988  1.00 12.63 ? 100 GLU A CB    1 
ATOM   666 C CG    . GLU A 1 100 ? -8.533  -2.629  -11.405 1.00 15.99 ? 100 GLU A CG    1 
ATOM   667 C CD    . GLU A 1 100 ? -7.906  -1.314  -11.800 1.00 19.14 ? 100 GLU A CD    1 
ATOM   668 O OE1   . GLU A 1 100 ? -6.790  -1.020  -11.314 1.00 18.04 ? 100 GLU A OE1   1 
ATOM   669 O OE2   . GLU A 1 100 ? -8.522  -0.585  -12.610 1.00 19.93 ? 100 GLU A OE2   1 
ATOM   670 N N     . GLY A 1 101 ? -10.492 -0.599  -9.384  1.00 11.43 ? 101 GLY A N     1 
ATOM   671 C CA    . GLY A 1 101 ? -11.843 -0.182  -9.725  1.00 12.15 ? 101 GLY A CA    1 
ATOM   672 C C     . GLY A 1 101 ? -12.971 -0.486  -8.759  1.00 12.76 ? 101 GLY A C     1 
ATOM   673 O O     . GLY A 1 101 ? -12.744 -0.823  -7.597  1.00 14.40 ? 101 GLY A O     1 
ATOM   674 N N     . SER A 1 102 ? -14.199 -0.361  -9.261  1.00 13.28 ? 102 SER A N     1 
ATOM   675 C CA    . SER A 1 102 ? -15.412 -0.583  -8.482  1.00 13.93 ? 102 SER A CA    1 
ATOM   676 C C     . SER A 1 102 ? -15.506 -1.968  -7.824  1.00 12.60 ? 102 SER A C     1 
ATOM   677 O O     . SER A 1 102 ? -15.639 -2.067  -6.605  1.00 10.30 ? 102 SER A O     1 
ATOM   678 C CB    . SER A 1 102 ? -16.640 -0.341  -9.369  1.00 17.30 ? 102 SER A CB    1 
ATOM   679 O OG    . SER A 1 102 ? -17.833 -0.271  -8.601  1.00 21.89 ? 102 SER A OG    1 
ATOM   680 N N     . ASP A 1 103 ? -15.443 -3.030  -8.620  1.00 11.72 ? 103 ASP A N     1 
ATOM   681 C CA    . ASP A 1 103 ? -15.525 -4.379  -8.059  1.00 11.38 ? 103 ASP A CA    1 
ATOM   682 C C     . ASP A 1 103 ? -14.381 -4.697  -7.101  1.00 10.87 ? 103 ASP A C     1 
ATOM   683 O O     . ASP A 1 103 ? -14.536 -5.506  -6.188  1.00 11.87 ? 103 ASP A O     1 
ATOM   684 C CB    . ASP A 1 103 ? -15.573 -5.441  -9.171  1.00 10.69 ? 103 ASP A CB    1 
ATOM   685 C CG    . ASP A 1 103 ? -16.955 -5.557  -9.816  1.00 11.93 ? 103 ASP A CG    1 
ATOM   686 O OD1   . ASP A 1 103 ? -17.933 -5.052  -9.222  1.00 12.29 ? 103 ASP A OD1   1 
ATOM   687 O OD2   . ASP A 1 103 ? -17.063 -6.164  -10.905 1.00 12.73 ? 103 ASP A OD2   1 
ATOM   688 N N     . GLY A 1 104 ? -13.232 -4.061  -7.302  1.00 12.79 ? 104 GLY A N     1 
ATOM   689 C CA    . GLY A 1 104 ? -12.092 -4.315  -6.429  1.00 12.76 ? 104 GLY A CA    1 
ATOM   690 C C     . GLY A 1 104 ? -12.195 -3.616  -5.086  1.00 14.49 ? 104 GLY A C     1 
ATOM   691 O O     . GLY A 1 104 ? -11.518 -3.989  -4.121  1.00 14.20 ? 104 GLY A O     1 
ATOM   692 N N     . GLY A 1 105 ? -13.042 -2.593  -5.030  1.00 12.23 ? 105 GLY A N     1 
ATOM   693 C CA    . GLY A 1 105 ? -13.230 -1.844  -3.803  1.00 13.77 ? 105 GLY A CA    1 
ATOM   694 C C     . GLY A 1 105 ? -12.321 -0.632  -3.702  1.00 13.78 ? 105 GLY A C     1 
ATOM   695 O O     . GLY A 1 105 ? -12.171 -0.061  -2.627  1.00 13.91 ? 105 GLY A O     1 
ATOM   696 N N     . GLN A 1 106 ? -11.708 -0.243  -4.816  1.00 12.81 ? 106 GLN A N     1 
ATOM   697 C CA    . GLN A 1 106 ? -10.815 0.908   -4.830  1.00 13.55 ? 106 GLN A CA    1 
ATOM   698 C C     . GLN A 1 106 ? -11.614 2.199   -4.690  1.00 15.02 ? 106 GLN A C     1 
ATOM   699 O O     . GLN A 1 106 ? -12.565 2.429   -5.436  1.00 16.69 ? 106 GLN A O     1 
ATOM   700 C CB    . GLN A 1 106 ? -10.003 0.937   -6.129  1.00 12.48 ? 106 GLN A CB    1 
ATOM   701 C CG    . GLN A 1 106 ? -9.067  2.136   -6.250  1.00 13.38 ? 106 GLN A CG    1 
ATOM   702 C CD    . GLN A 1 106 ? -8.096  2.020   -7.414  1.00 12.64 ? 106 GLN A CD    1 
ATOM   703 O OE1   . GLN A 1 106 ? -8.347  1.292   -8.376  1.00 11.53 ? 106 GLN A OE1   1 
ATOM   704 N NE2   . GLN A 1 106 ? -6.985  2.751   -7.336  1.00 14.03 ? 106 GLN A NE2   1 
ATOM   705 N N     . SER A 1 107 ? -11.231 3.037   -3.731  1.00 14.97 ? 107 SER A N     1 
ATOM   706 C CA    . SER A 1 107 ? -11.917 4.302   -3.512  1.00 17.10 ? 107 SER A CA    1 
ATOM   707 C C     . SER A 1 107 ? -10.962 5.486   -3.653  1.00 18.21 ? 107 SER A C     1 
ATOM   708 O O     . SER A 1 107 ? -11.390 6.614   -3.936  1.00 20.11 ? 107 SER A O     1 
ATOM   709 C CB    . SER A 1 107 ? -12.609 4.303   -2.140  1.00 18.59 ? 107 SER A CB    1 
ATOM   710 O OG    . SER A 1 107 ? -11.759 3.806   -1.122  1.00 20.98 ? 107 SER A OG    1 
ATOM   711 N N     . VAL A 1 108 ? -9.670  5.224   -3.463  1.00 16.24 ? 108 VAL A N     1 
ATOM   712 C CA    . VAL A 1 108 ? -8.630  6.242   -3.620  1.00 15.17 ? 108 VAL A CA    1 
ATOM   713 C C     . VAL A 1 108 ? -7.892  5.862   -4.904  1.00 14.66 ? 108 VAL A C     1 
ATOM   714 O O     . VAL A 1 108 ? -7.348  4.758   -5.016  1.00 11.83 ? 108 VAL A O     1 
ATOM   715 C CB    . VAL A 1 108 ? -7.639  6.232   -2.443  1.00 15.95 ? 108 VAL A CB    1 
ATOM   716 C CG1   . VAL A 1 108 ? -6.507  7.220   -2.702  1.00 18.04 ? 108 VAL A CG1   1 
ATOM   717 C CG2   . VAL A 1 108 ? -8.364  6.594   -1.162  1.00 17.12 ? 108 VAL A CG2   1 
ATOM   718 N N     . TYR A 1 109 ? -7.874  6.765   -5.875  1.00 13.72 ? 109 TYR A N     1 
ATOM   719 C CA    . TYR A 1 109 ? -7.238  6.445   -7.136  1.00 13.72 ? 109 TYR A CA    1 
ATOM   720 C C     . TYR A 1 109 ? -5.776  6.792   -7.297  1.00 13.57 ? 109 TYR A C     1 
ATOM   721 O O     . TYR A 1 109 ? -5.383  7.666   -8.073  1.00 12.68 ? 109 TYR A O     1 
ATOM   722 C CB    . TYR A 1 109 ? -8.069  6.993   -8.290  1.00 17.59 ? 109 TYR A CB    1 
ATOM   723 C CG    . TYR A 1 109 ? -9.249  6.087   -8.566  1.00 20.06 ? 109 TYR A CG    1 
ATOM   724 C CD1   . TYR A 1 109 ? -10.382 6.122   -7.758  1.00 21.28 ? 109 TYR A CD1   1 
ATOM   725 C CD2   . TYR A 1 109 ? -9.187  5.126   -9.573  1.00 22.17 ? 109 TYR A CD2   1 
ATOM   726 C CE1   . TYR A 1 109 ? -11.426 5.218   -7.939  1.00 22.57 ? 109 TYR A CE1   1 
ATOM   727 C CE2   . TYR A 1 109 ? -10.224 4.213   -9.764  1.00 22.93 ? 109 TYR A CE2   1 
ATOM   728 C CZ    . TYR A 1 109 ? -11.339 4.268   -8.939  1.00 24.10 ? 109 TYR A CZ    1 
ATOM   729 O OH    . TYR A 1 109 ? -12.353 3.356   -9.100  1.00 24.43 ? 109 TYR A OH    1 
ATOM   730 N N     . HIS A 1 110 ? -4.983  6.053   -6.538  1.00 11.99 ? 110 HIS A N     1 
ATOM   731 C CA    . HIS A 1 110 ? -3.535  6.139   -6.522  1.00 12.29 ? 110 HIS A CA    1 
ATOM   732 C C     . HIS A 1 110 ? -3.203  4.723   -6.075  1.00 12.16 ? 110 HIS A C     1 
ATOM   733 O O     . HIS A 1 110 ? -3.650  4.291   -5.012  1.00 12.31 ? 110 HIS A O     1 
ATOM   734 C CB    . HIS A 1 110 ? -3.061  7.159   -5.484  1.00 12.39 ? 110 HIS A CB    1 
ATOM   735 C CG    . HIS A 1 110 ? -1.573  7.305   -5.419  1.00 12.91 ? 110 HIS A CG    1 
ATOM   736 N ND1   . HIS A 1 110 ? -0.921  8.465   -5.777  1.00 13.98 ? 110 HIS A ND1   1 
ATOM   737 C CD2   . HIS A 1 110 ? -0.607  6.430   -5.050  1.00 11.82 ? 110 HIS A CD2   1 
ATOM   738 C CE1   . HIS A 1 110 ? 0.382   8.299   -5.632  1.00 13.45 ? 110 HIS A CE1   1 
ATOM   739 N NE2   . HIS A 1 110 ? 0.598   7.073   -5.191  1.00 13.61 ? 110 HIS A NE2   1 
ATOM   740 N N     . VAL A 1 111 ? -2.460  3.990   -6.896  1.00 12.50 ? 111 VAL A N     1 
ATOM   741 C CA    . VAL A 1 111 ? -2.119  2.607   -6.566  1.00 12.24 ? 111 VAL A CA    1 
ATOM   742 C C     . VAL A 1 111 ? -1.546  2.448   -5.172  1.00 12.45 ? 111 VAL A C     1 
ATOM   743 O O     . VAL A 1 111 ? -0.633  3.169   -4.777  1.00 12.14 ? 111 VAL A O     1 
ATOM   744 C CB    . VAL A 1 111 ? -1.089  2.021   -7.537  1.00 13.97 ? 111 VAL A CB    1 
ATOM   745 C CG1   . VAL A 1 111 ? -1.057  0.504   -7.385  1.00 16.80 ? 111 VAL A CG1   1 
ATOM   746 C CG2   . VAL A 1 111 ? -1.438  2.393   -8.952  1.00 15.90 ? 111 VAL A CG2   1 
ATOM   747 N N     . HIS A 1 112 ? -2.092  1.496   -4.423  1.00 11.00 ? 112 HIS A N     1 
ATOM   748 C CA    . HIS A 1 112 ? -1.601  1.228   -3.080  1.00 10.94 ? 112 HIS A CA    1 
ATOM   749 C C     . HIS A 1 112 ? -1.680  -0.257  -2.776  1.00 10.45 ? 112 HIS A C     1 
ATOM   750 O O     . HIS A 1 112 ? -2.586  -0.948  -3.238  1.00 12.98 ? 112 HIS A O     1 
ATOM   751 C CB    . HIS A 1 112 ? -2.376  2.038   -2.028  1.00 12.67 ? 112 HIS A CB    1 
ATOM   752 C CG    . HIS A 1 112 ? -3.862  1.919   -2.131  1.00 14.23 ? 112 HIS A CG    1 
ATOM   753 N ND1   . HIS A 1 112 ? -4.585  2.490   -3.156  1.00 14.43 ? 112 HIS A ND1   1 
ATOM   754 C CD2   . HIS A 1 112 ? -4.763  1.298   -1.334  1.00 16.04 ? 112 HIS A CD2   1 
ATOM   755 C CE1   . HIS A 1 112 ? -5.868  2.224   -2.987  1.00 16.20 ? 112 HIS A CE1   1 
ATOM   756 N NE2   . HIS A 1 112 ? -6.002  1.502   -1.890  1.00 15.84 ? 112 HIS A NE2   1 
ATOM   757 N N     . LEU A 1 113 ? -0.714  -0.735  -2.003  1.00 9.73  ? 113 LEU A N     1 
ATOM   758 C CA    . LEU A 1 113 ? -0.636  -2.138  -1.628  1.00 8.73  ? 113 LEU A CA    1 
ATOM   759 C C     . LEU A 1 113 ? -1.002  -2.300  -0.159  1.00 9.36  ? 113 LEU A C     1 
ATOM   760 O O     . LEU A 1 113 ? -0.345  -1.730  0.704   1.00 9.30  ? 113 LEU A O     1 
ATOM   761 C CB    . LEU A 1 113 ? 0.790   -2.650  -1.843  1.00 9.86  ? 113 LEU A CB    1 
ATOM   762 C CG    . LEU A 1 113 ? 1.103   -4.086  -1.426  1.00 11.04 ? 113 LEU A CG    1 
ATOM   763 C CD1   . LEU A 1 113 ? 0.374   -5.039  -2.355  1.00 10.59 ? 113 LEU A CD1   1 
ATOM   764 C CD2   . LEU A 1 113 ? 2.609   -4.326  -1.479  1.00 11.28 ? 113 LEU A CD2   1 
ATOM   765 N N     . HIS A 1 114 ? -2.056  -3.063  0.118   1.00 9.77  ? 114 HIS A N     1 
ATOM   766 C CA    . HIS A 1 114 ? -2.470  -3.318  1.498   1.00 9.13  ? 114 HIS A CA    1 
ATOM   767 C C     . HIS A 1 114 ? -1.652  -4.489  2.028   1.00 9.41  ? 114 HIS A C     1 
ATOM   768 O O     . HIS A 1 114 ? -1.391  -5.445  1.305   1.00 7.47  ? 114 HIS A O     1 
ATOM   769 C CB    . HIS A 1 114 ? -3.942  -3.735  1.571   1.00 8.48  ? 114 HIS A CB    1 
ATOM   770 C CG    . HIS A 1 114 ? -4.917  -2.648  1.246   1.00 9.78  ? 114 HIS A CG    1 
ATOM   771 N ND1   . HIS A 1 114 ? -5.547  -1.900  2.216   1.00 8.66  ? 114 HIS A ND1   1 
ATOM   772 C CD2   . HIS A 1 114 ? -5.408  -2.217  0.060   1.00 10.73 ? 114 HIS A CD2   1 
ATOM   773 C CE1   . HIS A 1 114 ? -6.388  -1.059  1.643   1.00 8.94  ? 114 HIS A CE1   1 
ATOM   774 N NE2   . HIS A 1 114 ? -6.324  -1.231  0.334   1.00 10.57 ? 114 HIS A NE2   1 
ATOM   775 N N     . VAL A 1 115 ? -1.250  -4.417  3.294   1.00 9.02  ? 115 VAL A N     1 
ATOM   776 C CA    . VAL A 1 115 ? -0.536  -5.522  3.912   1.00 7.50  ? 115 VAL A CA    1 
ATOM   777 C C     . VAL A 1 115 ? -1.223  -5.726  5.257   1.00 8.70  ? 115 VAL A C     1 
ATOM   778 O O     . VAL A 1 115 ? -1.173  -4.845  6.119   1.00 8.87  ? 115 VAL A O     1 
ATOM   779 C CB    . VAL A 1 115 ? 0.956   -5.213  4.139   1.00 8.82  ? 115 VAL A CB    1 
ATOM   780 C CG1   . VAL A 1 115 ? 1.617   -6.399  4.802   1.00 8.80  ? 115 VAL A CG1   1 
ATOM   781 C CG2   . VAL A 1 115 ? 1.643   -4.917  2.809   1.00 9.91  ? 115 VAL A CG2   1 
ATOM   782 N N     . LEU A 1 116 ? -1.879  -6.875  5.415   1.00 8.95  ? 116 LEU A N     1 
ATOM   783 C CA    . LEU A 1 116 ? -2.601  -7.191  6.644   1.00 10.82 ? 116 LEU A CA    1 
ATOM   784 C C     . LEU A 1 116 ? -2.071  -8.419  7.364   1.00 11.00 ? 116 LEU A C     1 
ATOM   785 O O     . LEU A 1 116 ? -1.734  -9.431  6.737   1.00 12.48 ? 116 LEU A O     1 
ATOM   786 C CB    . LEU A 1 116 ? -4.089  -7.405  6.349   1.00 11.09 ? 116 LEU A CB    1 
ATOM   787 C CG    . LEU A 1 116 ? -4.810  -6.276  5.616   1.00 10.80 ? 116 LEU A CG    1 
ATOM   788 C CD1   . LEU A 1 116 ? -4.687  -6.461  4.111   1.00 10.27 ? 116 LEU A CD1   1 
ATOM   789 C CD2   . LEU A 1 116 ? -6.271  -6.287  6.007   1.00 11.60 ? 116 LEU A CD2   1 
ATOM   790 N N     . GLY A 1 117 ? -2.014  -8.329  8.689   1.00 10.67 ? 117 GLY A N     1 
ATOM   791 C CA    . GLY A 1 117 ? -1.536  -9.448  9.480   1.00 10.86 ? 117 GLY A CA    1 
ATOM   792 C C     . GLY A 1 117 ? -1.888  -9.306  10.947  1.00 10.61 ? 117 GLY A C     1 
ATOM   793 O O     . GLY A 1 117 ? -2.635  -8.408  11.330  1.00 11.24 ? 117 GLY A O     1 
ATOM   794 N N     . GLY A 1 118 ? -1.349  -10.194 11.773  1.00 11.85 ? 118 GLY A N     1 
ATOM   795 C CA    . GLY A 1 118 ? -1.638  -10.120 13.193  1.00 12.06 ? 118 GLY A CA    1 
ATOM   796 C C     . GLY A 1 118 ? -2.805  -11.005 13.573  1.00 12.17 ? 118 GLY A C     1 
ATOM   797 O O     . GLY A 1 118 ? -3.153  -11.114 14.746  1.00 11.62 ? 118 GLY A O     1 
ATOM   798 N N     . ARG A 1 119 ? -3.423  -11.623 12.575  1.00 10.27 ? 119 ARG A N     1 
ATOM   799 C CA    . ARG A 1 119 ? -4.544  -12.528 12.805  1.00 11.59 ? 119 ARG A CA    1 
ATOM   800 C C     . ARG A 1 119 ? -4.677  -13.453 11.605  1.00 12.78 ? 119 ARG A C     1 
ATOM   801 O O     . ARG A 1 119 ? -4.091  -13.204 10.553  1.00 11.81 ? 119 ARG A O     1 
ATOM   802 C CB    . ARG A 1 119 ? -5.857  -11.758 12.989  1.00 12.30 ? 119 ARG A CB    1 
ATOM   803 C CG    . ARG A 1 119 ? -6.390  -11.082 11.725  1.00 11.20 ? 119 ARG A CG    1 
ATOM   804 C CD    . ARG A 1 119 ? -7.790  -10.521 11.967  1.00 13.40 ? 119 ARG A CD    1 
ATOM   805 N NE    . ARG A 1 119 ? -8.283  -9.723  10.845  1.00 12.80 ? 119 ARG A NE    1 
ATOM   806 C CZ    . ARG A 1 119 ? -8.823  -10.225 9.741   1.00 11.66 ? 119 ARG A CZ    1 
ATOM   807 N NH1   . ARG A 1 119 ? -8.948  -11.539 9.595   1.00 11.94 ? 119 ARG A NH1   1 
ATOM   808 N NH2   . ARG A 1 119 ? -9.239  -9.409  8.780   1.00 11.65 ? 119 ARG A NH2   1 
ATOM   809 N N     . GLN A 1 120 ? -5.446  -14.521 11.772  1.00 12.22 ? 120 GLN A N     1 
ATOM   810 C CA    . GLN A 1 120 ? -5.665  -15.456 10.687  1.00 13.29 ? 120 GLN A CA    1 
ATOM   811 C C     . GLN A 1 120 ? -6.515  -14.741 9.648   1.00 12.67 ? 120 GLN A C     1 
ATOM   812 O O     . GLN A 1 120 ? -7.561  -14.181 9.977   1.00 12.62 ? 120 GLN A O     1 
ATOM   813 C CB    . GLN A 1 120 ? -6.420  -16.688 11.184  1.00 13.59 ? 120 GLN A CB    1 
ATOM   814 C CG    . GLN A 1 120 ? -6.795  -17.651 10.071  1.00 13.04 ? 120 GLN A CG    1 
ATOM   815 C CD    . GLN A 1 120 ? -5.579  -18.262 9.423   1.00 14.07 ? 120 GLN A CD    1 
ATOM   816 O OE1   . GLN A 1 120 ? -4.875  -19.055 10.041  1.00 16.85 ? 120 GLN A OE1   1 
ATOM   817 N NE2   . GLN A 1 120 ? -5.316  -17.889 8.177   1.00 12.49 ? 120 GLN A NE2   1 
ATOM   818 N N     . MET A 1 121 ? -6.062  -14.741 8.402   1.00 12.05 ? 121 MET A N     1 
ATOM   819 C CA    . MET A 1 121 ? -6.837  -14.106 7.347   1.00 13.04 ? 121 MET A CA    1 
ATOM   820 C C     . MET A 1 121 ? -7.731  -15.205 6.788   1.00 13.17 ? 121 MET A C     1 
ATOM   821 O O     . MET A 1 121 ? -7.301  -16.349 6.647   1.00 12.95 ? 121 MET A O     1 
ATOM   822 C CB    . MET A 1 121 ? -5.921  -13.528 6.267   1.00 11.56 ? 121 MET A CB    1 
ATOM   823 C CG    . MET A 1 121 ? -4.987  -12.429 6.779   1.00 12.72 ? 121 MET A CG    1 
ATOM   824 S SD    . MET A 1 121 ? -5.833  -11.044 7.608   1.00 13.30 ? 121 MET A SD    1 
ATOM   825 C CE    . MET A 1 121 ? -6.674  -10.262 6.204   1.00 13.46 ? 121 MET A CE    1 
ATOM   826 N N     . ASN A 1 122 ? -8.975  -14.848 6.490   1.00 12.40 ? 122 ASN A N     1 
ATOM   827 C CA    . ASN A 1 122 ? -9.984  -15.786 6.005   1.00 12.96 ? 122 ASN A CA    1 
ATOM   828 C C     . ASN A 1 122 ? -10.023 -15.957 4.487   1.00 12.23 ? 122 ASN A C     1 
ATOM   829 O O     . ASN A 1 122 ? -9.288  -15.305 3.753   1.00 10.41 ? 122 ASN A O     1 
ATOM   830 C CB    . ASN A 1 122 ? -11.356 -15.316 6.493   1.00 15.60 ? 122 ASN A CB    1 
ATOM   831 C CG    . ASN A 1 122 ? -12.328 -16.459 6.738   1.00 19.68 ? 122 ASN A CG    1 
ATOM   832 O OD1   . ASN A 1 122 ? -13.462 -16.237 7.185   1.00 24.52 ? 122 ASN A OD1   1 
ATOM   833 N ND2   . ASN A 1 122 ? -11.899 -17.676 6.463   1.00 18.07 ? 122 ASN A ND2   1 
ATOM   834 N N     . TRP A 1 123 ? -10.909 -16.835 4.032   1.00 11.01 ? 123 TRP A N     1 
ATOM   835 C CA    . TRP A 1 123 ? -11.091 -17.098 2.605   1.00 11.32 ? 123 TRP A CA    1 
ATOM   836 C C     . TRP A 1 123 ? -12.593 -17.306 2.399   1.00 12.28 ? 123 TRP A C     1 
ATOM   837 O O     . TRP A 1 123 ? -13.245 -17.987 3.193   1.00 12.94 ? 123 TRP A O     1 
ATOM   838 C CB    . TRP A 1 123 ? -10.315 -18.357 2.196   1.00 11.18 ? 123 TRP A CB    1 
ATOM   839 C CG    . TRP A 1 123 ? -9.973  -18.413 0.729   1.00 12.42 ? 123 TRP A CG    1 
ATOM   840 C CD1   . TRP A 1 123 ? -10.436 -19.307 -0.196  1.00 13.48 ? 123 TRP A CD1   1 
ATOM   841 C CD2   . TRP A 1 123 ? -9.085  -17.534 0.027   1.00 12.17 ? 123 TRP A CD2   1 
ATOM   842 N NE1   . TRP A 1 123 ? -9.888  -19.037 -1.432  1.00 13.54 ? 123 TRP A NE1   1 
ATOM   843 C CE2   . TRP A 1 123 ? -9.057  -17.954 -1.323  1.00 12.78 ? 123 TRP A CE2   1 
ATOM   844 C CE3   . TRP A 1 123 ? -8.308  -16.430 0.407   1.00 11.99 ? 123 TRP A CE3   1 
ATOM   845 C CZ2   . TRP A 1 123 ? -8.280  -17.308 -2.294  1.00 12.42 ? 123 TRP A CZ2   1 
ATOM   846 C CZ3   . TRP A 1 123 ? -7.534  -15.790 -0.560  1.00 12.55 ? 123 TRP A CZ3   1 
ATOM   847 C CH2   . TRP A 1 123 ? -7.527  -16.231 -1.892  1.00 9.82  ? 123 TRP A CH2   1 
ATOM   848 N N     . PRO A 1 124 ? -13.167 -16.717 1.341   1.00 10.80 ? 124 PRO A N     1 
ATOM   849 C CA    . PRO A 1 124 ? -12.531 -15.873 0.324   1.00 10.90 ? 124 PRO A CA    1 
ATOM   850 C C     . PRO A 1 124 ? -12.015 -14.538 0.860   1.00 9.97  ? 124 PRO A C     1 
ATOM   851 O O     . PRO A 1 124 ? -12.391 -14.096 1.945   1.00 9.15  ? 124 PRO A O     1 
ATOM   852 C CB    . PRO A 1 124 ? -13.647 -15.681 -0.697  1.00 12.03 ? 124 PRO A CB    1 
ATOM   853 C CG    . PRO A 1 124 ? -14.845 -15.573 0.180   1.00 11.55 ? 124 PRO A CG    1 
ATOM   854 C CD    . PRO A 1 124 ? -14.629 -16.728 1.153   1.00 12.83 ? 124 PRO A CD    1 
ATOM   855 N N     . PRO A 1 125 ? -11.146 -13.876 0.084   1.00 10.92 ? 125 PRO A N     1 
ATOM   856 C CA    . PRO A 1 125 ? -10.561 -12.585 0.451   1.00 9.70  ? 125 PRO A CA    1 
ATOM   857 C C     . PRO A 1 125 ? -11.534 -11.479 0.072   1.00 11.15 ? 125 PRO A C     1 
ATOM   858 O O     . PRO A 1 125 ? -11.197 -10.578 -0.688  1.00 11.07 ? 125 PRO A O     1 
ATOM   859 C CB    . PRO A 1 125 ? -9.296  -12.546 -0.388  1.00 8.47  ? 125 PRO A CB    1 
ATOM   860 C CG    . PRO A 1 125 ? -9.762  -13.173 -1.672  1.00 9.77  ? 125 PRO A CG    1 
ATOM   861 C CD    . PRO A 1 125 ? -10.589 -14.364 -1.193  1.00 8.86  ? 125 PRO A CD    1 
ATOM   862 N N     . GLY A 1 126 ? -12.743 -11.553 0.619   1.00 12.79 ? 126 GLY A N     1 
ATOM   863 C CA    . GLY A 1 126 ? -13.765 -10.579 0.277   1.00 12.50 ? 126 GLY A CA    1 
ATOM   864 C C     . GLY A 1 126 ? -14.616 -11.188 -0.827  1.00 13.38 ? 126 GLY A C     1 
ATOM   865 O O     . GLY A 1 126 ? -14.432 -12.393 -1.113  1.00 13.73 ? 126 GLY A O     1 
ATOM   866 O OXT   . GLY A 1 126 ? -15.464 -10.481 -1.414  1.00 13.97 ? 126 GLY A OXT   1 
HETATM 867 S S     . 5AS B 2 .   ? -8.969  1.135   -1.239  1.00 30.44 ? 301 5AS A S     1 
HETATM 868 N N1S   . 5AS B 2 .   ? -10.500 0.885   -0.666  1.00 29.85 ? 301 5AS A N1S   1 
HETATM 869 O O2S   . 5AS B 2 .   ? -9.013  2.280   -2.169  1.00 27.66 ? 301 5AS A O2S   1 
HETATM 870 O O3S   . 5AS B 2 .   ? -8.505  -0.103  -1.864  1.00 26.69 ? 301 5AS A O3S   1 
HETATM 871 O "O5'" . 5AS B 2 .   ? -7.911  1.422   -0.080  1.00 28.21 ? 301 5AS A "O5'" 1 
HETATM 872 C "C5'" . 5AS B 2 .   ? -7.747  2.815   0.487   1.00 24.93 ? 301 5AS A "C5'" 1 
HETATM 873 C "C4'" . 5AS B 2 .   ? -7.247  2.757   1.909   1.00 23.39 ? 301 5AS A "C4'" 1 
HETATM 874 O "O4'" . 5AS B 2 .   ? -6.672  4.027   2.198   1.00 22.55 ? 301 5AS A "O4'" 1 
HETATM 875 C "C3'" . 5AS B 2 .   ? -8.377  2.468   2.932   1.00 20.28 ? 301 5AS A "C3'" 1 
HETATM 876 O "O3'" . 5AS B 2 .   ? -8.141  1.308   3.721   1.00 20.54 ? 301 5AS A "O3'" 1 
HETATM 877 C "C2'" . 5AS B 2 .   ? -8.512  3.677   3.825   1.00 22.18 ? 301 5AS A "C2'" 1 
HETATM 878 O "O2'" . 5AS B 2 .   ? -8.406  3.297   5.194   1.00 21.53 ? 301 5AS A "O2'" 1 
HETATM 879 C "C1'" . 5AS B 2 .   ? -7.366  4.543   3.299   1.00 24.55 ? 301 5AS A "C1'" 1 
HETATM 880 N N9    . 5AS B 2 .   ? -7.031  5.853   3.809   1.00 24.58 ? 301 5AS A N9    1 
HETATM 881 C C8    . 5AS B 2 .   ? -7.656  7.035   3.509   1.00 24.30 ? 301 5AS A C8    1 
HETATM 882 N N7    . 5AS B 2 .   ? -7.086  8.055   4.069   1.00 24.78 ? 301 5AS A N7    1 
HETATM 883 C C5    . 5AS B 2 .   ? -6.009  7.557   4.798   1.00 23.42 ? 301 5AS A C5    1 
HETATM 884 C C6    . 5AS B 2 .   ? -5.008  8.139   5.621   1.00 24.14 ? 301 5AS A C6    1 
HETATM 885 N N6    . 5AS B 2 .   ? -4.937  9.473   5.844   1.00 23.78 ? 301 5AS A N6    1 
HETATM 886 N N1    . 5AS B 2 .   ? -4.099  7.284   6.182   1.00 23.85 ? 301 5AS A N1    1 
HETATM 887 C C2    . 5AS B 2 .   ? -4.164  5.967   5.963   1.00 23.17 ? 301 5AS A C2    1 
HETATM 888 N N3    . 5AS B 2 .   ? -5.054  5.286   5.209   1.00 21.53 ? 301 5AS A N3    1 
HETATM 889 C C4    . 5AS B 2 .   ? -5.983  6.136   4.633   1.00 23.80 ? 301 5AS A C4    1 
HETATM 890 C C10   . 5AS B 2 .   ? -10.826 0.333   0.647   1.00 30.00 ? 301 5AS A C10   1 
HETATM 891 C C11   . 5AS B 2 .   ? -9.966  -0.879  0.852   1.00 29.40 ? 301 5AS A C11   1 
HETATM 892 O O     . HOH C 3 .   ? -1.763  -10.153 17.049  1.00 13.82 ? 211 HOH A O     1 
HETATM 893 O O     . HOH C 3 .   ? 0.519   -12.414 11.142  1.00 10.37 ? 212 HOH A O     1 
HETATM 894 O O     . HOH C 3 .   ? -18.881 -7.751  -12.130 1.00 12.55 ? 213 HOH A O     1 
HETATM 895 O O     . HOH C 3 .   ? -5.434  -1.088  -3.445  1.00 15.86 ? 214 HOH A O     1 
HETATM 896 O O     . HOH C 3 .   ? 7.446   5.878   -7.487  1.00 17.28 ? 215 HOH A O     1 
HETATM 897 O O     . HOH C 3 .   ? 2.886   19.556  7.376   1.00 13.38 ? 216 HOH A O     1 
HETATM 898 O O     . HOH C 3 .   ? -5.316  -11.983 16.312  1.00 12.79 ? 217 HOH A O     1 
HETATM 899 O O     . HOH C 3 .   ? 2.526   -12.767 12.808  1.00 14.04 ? 218 HOH A O     1 
HETATM 900 O O     . HOH C 3 .   ? -4.572  0.368   -5.743  1.00 12.44 ? 219 HOH A O     1 
HETATM 901 O O     . HOH C 3 .   ? -1.285  -1.250  11.651  1.00 20.77 ? 220 HOH A O     1 
HETATM 902 O O     . HOH C 3 .   ? -2.368  -19.004 11.116  1.00 17.37 ? 221 HOH A O     1 
HETATM 903 O O     . HOH C 3 .   ? -9.272  9.303   -5.615  1.00 26.86 ? 222 HOH A O     1 
HETATM 904 O O     . HOH C 3 .   ? 8.263   -10.462 5.764   1.00 18.90 ? 223 HOH A O     1 
HETATM 905 O O     . HOH C 3 .   ? 12.462  -0.103  -8.974  1.00 20.79 ? 224 HOH A O     1 
HETATM 906 O O     . HOH C 3 .   ? 10.576  -2.134  -14.588 1.00 17.48 ? 225 HOH A O     1 
HETATM 907 O O     . HOH C 3 .   ? -8.360  -13.740 15.112  1.00 25.86 ? 226 HOH A O     1 
HETATM 908 O O     . HOH C 3 .   ? -3.328  0.588   11.206  1.00 22.76 ? 227 HOH A O     1 
HETATM 909 O O     . HOH C 3 .   ? -5.670  -0.093  -8.488  1.00 14.17 ? 229 HOH A O     1 
HETATM 910 O O     . HOH C 3 .   ? -8.580  10.706  -3.042  1.00 22.09 ? 230 HOH A O     1 
HETATM 911 O O     . HOH C 3 .   ? 9.298   0.594   -12.512 1.00 16.58 ? 231 HOH A O     1 
HETATM 912 O O     . HOH C 3 .   ? 2.381   4.573   -15.138 1.00 23.53 ? 233 HOH A O     1 
HETATM 913 O O     . HOH C 3 .   ? -14.316 0.673   -11.897 1.00 18.36 ? 234 HOH A O     1 
HETATM 914 O O     . HOH C 3 .   ? 0.246   -7.474  14.479  1.00 18.40 ? 235 HOH A O     1 
HETATM 915 O O     . HOH C 3 .   ? -11.363 -7.581  11.140  1.00 26.36 ? 236 HOH A O     1 
HETATM 916 O O     . HOH C 3 .   ? 11.125  3.593   -9.635  1.00 27.71 ? 237 HOH A O     1 
HETATM 917 O O     . HOH C 3 .   ? 14.475  -3.610  -2.479  1.00 17.35 ? 238 HOH A O     1 
HETATM 918 O O     . HOH C 3 .   ? -2.429  10.994  -5.996  1.00 19.64 ? 240 HOH A O     1 
HETATM 919 O O     . HOH C 3 .   ? -1.957  21.121  4.793   1.00 26.73 ? 241 HOH A O     1 
HETATM 920 O O     . HOH C 3 .   ? -0.255  5.324   -15.678 1.00 33.87 ? 242 HOH A O     1 
HETATM 921 O O     . HOH C 3 .   ? -14.110 -14.405 4.023   1.00 18.84 ? 244 HOH A O     1 
HETATM 922 O O     . HOH C 3 .   ? -10.820 -1.637  -14.193 1.00 29.84 ? 245 HOH A O     1 
HETATM 923 O O     . HOH C 3 .   ? -9.535  -20.671 -3.750  1.00 14.81 ? 251 HOH A O     1 
HETATM 924 O O     . HOH C 3 .   ? 14.645  0.911   -0.182  1.00 24.34 ? 253 HOH A O     1 
HETATM 925 O O     . HOH C 3 .   ? 12.612  3.963   5.786   1.00 23.42 ? 255 HOH A O     1 
HETATM 926 O O     . HOH C 3 .   ? -15.154 -19.641 3.431   1.00 25.93 ? 256 HOH A O     1 
HETATM 927 O O     . HOH C 3 .   ? 11.198  7.604   -8.121  1.00 31.34 ? 257 HOH A O     1 
HETATM 928 O O     . HOH C 3 .   ? 1.056   -10.261 15.865  1.00 34.75 ? 258 HOH A O     1 
HETATM 929 O O     . HOH C 3 .   ? -3.586  16.290  -3.789  1.00 24.45 ? 260 HOH A O     1 
HETATM 930 O O     . HOH C 3 .   ? -2.039  6.869   -13.855 1.00 22.04 ? 262 HOH A O     1 
HETATM 931 O O     . HOH C 3 .   ? 4.664   1.156   13.670  1.00 27.39 ? 264 HOH A O     1 
HETATM 932 O O     . HOH C 3 .   ? -5.644  -20.190 12.215  1.00 20.27 ? 265 HOH A O     1 
HETATM 933 O O     . HOH C 3 .   ? -13.748 2.162   0.004   1.00 26.03 ? 266 HOH A O     1 
HETATM 934 O O     . HOH C 3 .   ? 2.537   12.676  5.226   1.00 31.04 ? 267 HOH A O     1 
HETATM 935 O O     . HOH C 3 .   ? 6.142   18.960  -0.164  1.00 27.16 ? 268 HOH A O     1 
HETATM 936 O O     . HOH C 3 .   ? -2.536  10.540  7.404   1.00 35.91 ? 269 HOH A O     1 
HETATM 937 O O     . HOH C 3 .   ? 16.247  5.367   -1.692  1.00 30.91 ? 270 HOH A O     1 
HETATM 938 O O     . HOH C 3 .   ? 13.825  -2.200  -0.392  1.00 27.67 ? 271 HOH A O     1 
HETATM 939 O O     . HOH C 3 .   ? -13.085 -5.619  9.641   1.00 30.49 ? 272 HOH A O     1 
HETATM 940 O O     . HOH C 3 .   ? -9.001  -7.687  13.061  1.00 25.23 ? 273 HOH A O     1 
HETATM 941 O O     . HOH C 3 .   ? -6.159  9.719   -9.838  1.00 29.18 ? 274 HOH A O     1 
HETATM 942 O O     . HOH C 3 .   ? -5.149  6.929   -15.834 1.00 34.58 ? 275 HOH A O     1 
HETATM 943 O O     . HOH C 3 .   ? 10.980  -11.093 5.875   1.00 25.92 ? 276 HOH A O     1 
HETATM 944 O O     . HOH C 3 .   ? 1.977   -4.119  -23.059 1.00 19.12 ? 277 HOH A O     1 
HETATM 945 O O     . HOH C 3 .   ? 10.571  -5.119  -16.191 1.00 33.72 ? 278 HOH A O     1 
HETATM 946 O O     . HOH C 3 .   ? 16.894  -2.353  0.954   1.00 27.89 ? 280 HOH A O     1 
HETATM 947 O O     . HOH C 3 .   ? 12.648  -5.759  7.877   1.00 28.10 ? 281 HOH A O     1 
HETATM 948 O O     . HOH C 3 .   ? -2.909  -16.563 13.946  1.00 18.91 ? 282 HOH A O     1 
HETATM 949 O O     . HOH C 3 .   ? -10.259 -15.748 9.401   1.00 30.64 ? 283 HOH A O     1 
HETATM 950 O O     . HOH C 3 .   ? -17.219 -12.293 -0.277  1.00 30.38 ? 284 HOH A O     1 
HETATM 951 O O     . HOH C 3 .   ? 9.434   -10.359 12.418  1.00 35.53 ? 285 HOH A O     1 
HETATM 952 O O     . HOH C 3 .   ? -9.352  -14.067 12.151  1.00 27.77 ? 286 HOH A O     1 
HETATM 953 O O     . HOH C 3 .   ? 5.865   3.477   -19.202 1.00 24.25 ? 287 HOH A O     1 
HETATM 954 O O     . HOH C 3 .   ? -14.201 2.716   -7.553  1.00 33.17 ? 288 HOH A O     1 
HETATM 955 O O     . HOH C 3 .   ? -0.658  -6.482  16.850  1.00 28.87 ? 289 HOH A O     1 
HETATM 956 O O     . HOH C 3 .   ? 14.736  -7.913  0.116   1.00 29.22 ? 290 HOH A O     1 
HETATM 957 O O     . HOH C 3 .   ? -13.086 -0.257  -13.753 1.00 34.46 ? 291 HOH A O     1 
HETATM 958 O O     . HOH C 3 .   ? 3.922   11.585  -10.440 1.00 29.50 ? 292 HOH A O     1 
HETATM 959 O O     . HOH C 3 .   ? -1.429  6.719   8.931   1.00 17.80 ? 293 HOH A O     1 
HETATM 960 O O     . HOH C 3 .   ? 14.296  -0.822  -6.474  1.00 28.84 ? 294 HOH A O     1 
HETATM 961 O O     . HOH C 3 .   ? 12.505  -8.588  4.950   1.00 30.47 ? 295 HOH A O     1 
# 
